data_5DJ3
#
_entry.id   5DJ3
#
_cell.length_a   85.718
_cell.length_b   108.277
_cell.length_c   195.412
_cell.angle_alpha   90.00
_cell.angle_beta   90.00
_cell.angle_gamma   90.00
#
_symmetry.space_group_name_H-M   'P 21 21 21'
#
loop_
_entity.id
_entity.type
_entity.pdbx_description
1 polymer 'PLP-Dependent L-Arginine Hydroxylase MppP'
2 non-polymer (E)-N~2~-({3-hydroxy-2-methyl-5-[(phosphonooxy)methyl]pyridin-4-yl}methylidene)-D-arginine
3 non-polymer 'MAGNESIUM ION'
4 water water
#
_entity_poly.entity_id   1
_entity_poly.type   'polypeptide(L)'
_entity_poly.pdbx_seq_one_letter_code
;MTTQPQLKENLTQWEYLALNSELNIADGHARQALSPGQQKIVNELPVLWAESEQRPVQQIESEAHQAYFTLLGQHGYPAE
PGRVLSCYSSSVSMEILARSLSASVDRVALVHPTFDNIADLLRGNGLDLVPVEEDALHGADLSAELLSSVGCVFVTTPNN
PTGRVLAEERLRRLAEQCAEHGTVLALDTSFRGFDAAAHYDHYAVLQEAGCRWVVIEDTGKLWPTLDLKAGLLVFSEDIG
LPVEKIYSDILLGVSPLILALIREFSRDAADGGLADLHAFILHNRSVVRRALAGVEGVSFPDPESRSSVERVAFAGRTGT
EVWEELQRHHVFALPCRQFHWAEPSDGDHMVRIALSRSTEPLEKSVQVLRTVLETR
;
_entity_poly.pdbx_strand_id   A,B,C,D
#
loop_
_chem_comp.id
_chem_comp.type
_chem_comp.name
_chem_comp.formula
5DK non-polymer (E)-N~2~-({3-hydroxy-2-methyl-5-[(phosphonooxy)methyl]pyridin-4-yl}methylidene)-D-arginine 'C14 H22 N5 O7 P'
MG non-polymer 'MAGNESIUM ION' 'Mg 2'
#
# COMPACT_ATOMS: atom_id res chain seq x y z
N LEU A 23 -20.23 -3.36 26.51
CA LEU A 23 -21.51 -3.90 26.04
C LEU A 23 -21.48 -4.21 24.53
N ASN A 24 -20.88 -5.34 24.20
CA ASN A 24 -20.71 -5.77 22.83
C ASN A 24 -21.89 -6.68 22.48
N ILE A 25 -22.71 -6.22 21.54
CA ILE A 25 -23.78 -7.03 20.96
C ILE A 25 -23.60 -7.06 19.44
N ALA A 26 -22.36 -7.16 18.98
CA ALA A 26 -22.06 -7.07 17.56
C ALA A 26 -21.67 -8.43 17.01
N ASP A 27 -20.45 -8.87 17.32
CA ASP A 27 -19.92 -10.14 16.88
C ASP A 27 -20.89 -11.30 17.13
N GLY A 28 -21.08 -12.16 16.13
CA GLY A 28 -21.99 -13.29 16.26
C GLY A 28 -21.54 -14.38 17.22
N HIS A 29 -20.24 -14.45 17.52
CA HIS A 29 -19.74 -15.56 18.32
C HIS A 29 -20.27 -15.47 19.74
N ALA A 30 -20.16 -16.59 20.44
CA ALA A 30 -20.84 -16.75 21.73
C ALA A 30 -19.95 -16.30 22.88
N ARG A 31 -20.52 -15.41 23.70
CA ARG A 31 -19.85 -14.88 24.88
C ARG A 31 -20.69 -15.01 26.15
N GLN A 32 -21.75 -15.82 26.15
CA GLN A 32 -22.45 -16.08 27.40
C GLN A 32 -21.60 -16.99 28.28
N ALA A 33 -22.01 -17.09 29.55
CA ALA A 33 -21.26 -17.93 30.49
C ALA A 33 -21.31 -19.39 30.06
N LEU A 34 -20.27 -20.14 30.44
CA LEU A 34 -20.31 -21.58 30.31
C LEU A 34 -21.39 -22.18 31.20
N SER A 35 -22.06 -23.21 30.71
CA SER A 35 -22.88 -24.03 31.57
C SER A 35 -22.01 -24.83 32.53
N PRO A 36 -22.59 -25.39 33.60
CA PRO A 36 -21.82 -26.30 34.46
C PRO A 36 -21.12 -27.43 33.70
N GLY A 37 -21.80 -28.05 32.74
CA GLY A 37 -21.19 -29.17 32.02
C GLY A 37 -20.07 -28.72 31.09
N GLN A 38 -20.21 -27.55 30.48
CA GLN A 38 -19.11 -27.03 29.68
C GLN A 38 -17.96 -26.57 30.57
N GLN A 39 -18.26 -25.97 31.72
CA GLN A 39 -17.19 -25.62 32.65
C GLN A 39 -16.38 -26.86 33.03
N LYS A 40 -17.06 -27.98 33.21
CA LYS A 40 -16.37 -29.23 33.54
C LYS A 40 -15.46 -29.69 32.41
N ILE A 41 -15.85 -29.47 31.15
CA ILE A 41 -14.96 -29.80 30.04
C ILE A 41 -13.73 -28.91 30.08
N VAL A 42 -13.92 -27.62 30.35
CA VAL A 42 -12.77 -26.73 30.47
C VAL A 42 -11.86 -27.19 31.61
N ASN A 43 -12.44 -27.72 32.68
CA ASN A 43 -11.56 -28.14 33.77
C ASN A 43 -10.72 -29.32 33.39
N GLU A 44 -11.09 -30.07 32.36
CA GLU A 44 -10.34 -31.24 31.95
C GLU A 44 -9.44 -30.94 30.76
N LEU A 45 -9.24 -29.67 30.42
CA LEU A 45 -8.36 -29.37 29.30
C LEU A 45 -6.99 -30.02 29.43
N PRO A 46 -6.37 -30.12 30.60
CA PRO A 46 -5.10 -30.86 30.70
C PRO A 46 -5.22 -32.33 30.36
N VAL A 47 -6.36 -32.97 30.66
CA VAL A 47 -6.55 -34.38 30.32
C VAL A 47 -6.73 -34.55 28.81
N LEU A 48 -7.43 -33.60 28.18
CA LEU A 48 -7.64 -33.66 26.75
C LEU A 48 -6.36 -33.39 26.00
N TRP A 49 -5.51 -32.52 26.56
CA TRP A 49 -4.16 -32.32 26.03
C TRP A 49 -3.37 -33.62 26.02
N ALA A 50 -3.31 -34.29 27.17
CA ALA A 50 -2.55 -35.54 27.22
C ALA A 50 -3.11 -36.53 26.23
N GLU A 51 -4.44 -36.60 26.12
CA GLU A 51 -5.06 -37.46 25.12
C GLU A 51 -4.58 -37.09 23.71
N SER A 52 -4.63 -35.80 23.37
CA SER A 52 -4.20 -35.34 22.06
C SER A 52 -2.76 -35.71 21.76
N GLU A 53 -1.91 -35.69 22.79
CA GLU A 53 -0.52 -36.11 22.63
C GLU A 53 -0.39 -37.59 22.31
N GLN A 54 -1.35 -38.41 22.74
CA GLN A 54 -1.18 -39.85 22.81
C GLN A 54 -1.97 -40.63 21.75
N ARG A 55 -2.96 -40.06 21.16
CA ARG A 55 -3.73 -40.79 20.18
C ARG A 55 -3.56 -40.17 18.80
N PRO A 56 -3.70 -40.95 17.74
CA PRO A 56 -3.58 -40.36 16.39
C PRO A 56 -4.64 -39.30 16.19
N VAL A 57 -4.22 -38.18 15.59
CA VAL A 57 -5.16 -37.09 15.36
C VAL A 57 -6.36 -37.57 14.52
N GLN A 58 -6.13 -38.44 13.54
CA GLN A 58 -7.23 -38.92 12.73
C GLN A 58 -8.31 -39.58 13.60
N GLN A 59 -7.92 -40.38 14.59
CA GLN A 59 -8.93 -40.98 15.45
C GLN A 59 -9.75 -39.92 16.17
N ILE A 60 -9.07 -38.90 16.74
CA ILE A 60 -9.81 -37.88 17.46
C ILE A 60 -10.67 -37.11 16.49
N GLU A 61 -10.14 -36.83 15.31
CA GLU A 61 -10.90 -36.10 14.31
C GLU A 61 -12.17 -36.84 13.94
N SER A 62 -12.08 -38.16 13.75
CA SER A 62 -13.25 -38.93 13.33
C SER A 62 -14.29 -38.90 14.41
N GLU A 63 -13.85 -38.95 15.68
CA GLU A 63 -14.74 -38.84 16.82
C GLU A 63 -15.37 -37.47 16.92
N ALA A 64 -14.59 -36.43 16.67
CA ALA A 64 -15.13 -35.07 16.68
C ALA A 64 -16.19 -34.91 15.60
N HIS A 65 -15.87 -35.39 14.39
CA HIS A 65 -16.82 -35.30 13.29
C HIS A 65 -18.08 -36.08 13.62
N GLN A 66 -17.92 -37.31 14.11
CA GLN A 66 -19.09 -38.14 14.33
C GLN A 66 -20.02 -37.49 15.36
N ALA A 67 -19.45 -36.94 16.43
CA ALA A 67 -20.28 -36.34 17.48
C ALA A 67 -20.96 -35.07 17.00
N TYR A 68 -20.25 -34.22 16.23
CA TYR A 68 -20.86 -32.96 15.78
C TYR A 68 -21.95 -33.21 14.73
N PHE A 69 -21.65 -34.00 13.70
CA PHE A 69 -22.65 -34.30 12.67
C PHE A 69 -23.84 -35.03 13.23
N THR A 70 -23.61 -36.01 14.12
CA THR A 70 -24.73 -36.76 14.66
C THR A 70 -25.52 -35.88 15.60
N LEU A 71 -24.84 -34.99 16.33
CA LEU A 71 -25.56 -34.08 17.21
C LEU A 71 -26.65 -33.34 16.44
N LEU A 72 -26.35 -32.95 15.20
CA LEU A 72 -27.22 -32.08 14.45
C LEU A 72 -27.92 -32.80 13.31
N GLY A 73 -28.04 -34.13 13.42
CA GLY A 73 -28.87 -34.91 12.53
C GLY A 73 -28.28 -35.24 11.18
N GLN A 74 -27.00 -34.97 10.96
CA GLN A 74 -26.38 -35.11 9.65
C GLN A 74 -25.76 -36.50 9.48
N HIS A 75 -26.63 -37.52 9.61
CA HIS A 75 -26.18 -38.89 9.75
C HIS A 75 -25.53 -39.45 8.49
N GLY A 76 -25.95 -39.00 7.32
CA GLY A 76 -25.37 -39.49 6.10
C GLY A 76 -24.12 -38.73 5.67
N TYR A 77 -23.51 -37.99 6.58
CA TYR A 77 -22.24 -37.37 6.25
C TYR A 77 -21.25 -38.45 5.82
N PRO A 78 -20.41 -38.18 4.80
CA PRO A 78 -19.43 -39.20 4.39
C PRO A 78 -18.32 -39.34 5.41
N ALA A 79 -18.30 -40.49 6.07
CA ALA A 79 -17.44 -40.73 7.21
C ALA A 79 -16.11 -41.35 6.82
N GLU A 80 -15.89 -41.65 5.55
CA GLU A 80 -14.56 -42.09 5.13
C GLU A 80 -13.56 -40.98 5.40
N PRO A 81 -12.41 -41.28 5.99
CA PRO A 81 -11.38 -40.25 6.20
C PRO A 81 -11.06 -39.50 4.92
N GLY A 82 -10.88 -38.18 5.04
CA GLY A 82 -10.46 -37.35 3.93
C GLY A 82 -11.59 -36.77 3.13
N ARG A 83 -12.82 -37.22 3.39
CA ARG A 83 -14.00 -36.61 2.80
C ARG A 83 -14.41 -35.35 3.57
N VAL A 84 -14.08 -35.29 4.86
CA VAL A 84 -14.34 -34.10 5.66
C VAL A 84 -13.01 -33.46 5.96
N LEU A 85 -12.80 -32.27 5.46
CA LEU A 85 -11.55 -31.56 5.65
C LEU A 85 -11.72 -30.56 6.79
N SER A 86 -10.98 -30.78 7.87
CA SER A 86 -11.05 -29.93 9.05
C SER A 86 -10.16 -28.71 8.85
N CYS A 87 -10.73 -27.52 8.95
CA CYS A 87 -10.03 -26.28 8.71
C CYS A 87 -10.11 -25.39 9.96
N TYR A 88 -9.20 -24.41 10.05
CA TYR A 88 -9.18 -23.54 11.23
C TYR A 88 -10.49 -22.81 11.43
N SER A 89 -11.27 -22.62 10.38
CA SER A 89 -12.51 -21.88 10.50
C SER A 89 -13.32 -22.08 9.24
N SER A 90 -14.57 -21.66 9.33
CA SER A 90 -15.44 -21.70 8.18
C SER A 90 -14.91 -20.79 7.07
N SER A 91 -14.32 -19.65 7.44
CA SER A 91 -13.82 -18.74 6.41
C SER A 91 -12.60 -19.29 5.70
N VAL A 92 -11.76 -20.04 6.41
CA VAL A 92 -10.68 -20.75 5.74
C VAL A 92 -11.25 -21.78 4.77
N SER A 93 -12.24 -22.55 5.22
CA SER A 93 -12.91 -23.46 4.29
C SER A 93 -13.42 -22.70 3.08
N MET A 94 -13.90 -21.49 3.33
CA MET A 94 -14.56 -20.71 2.29
C MET A 94 -13.54 -20.22 1.28
N GLU A 95 -12.39 -19.80 1.78
CA GLU A 95 -11.27 -19.41 0.94
C GLU A 95 -10.83 -20.56 0.04
N ILE A 96 -10.70 -21.76 0.63
CA ILE A 96 -10.35 -22.95 -0.13
C ILE A 96 -11.38 -23.20 -1.23
N LEU A 97 -12.66 -23.19 -0.88
CA LEU A 97 -13.71 -23.39 -1.88
C LEU A 97 -13.66 -22.32 -2.97
N ALA A 98 -13.59 -21.04 -2.57
CA ALA A 98 -13.57 -19.96 -3.55
C ALA A 98 -12.45 -20.18 -4.55
N ARG A 99 -11.22 -20.32 -4.04
CA ARG A 99 -10.09 -20.50 -4.95
C ARG A 99 -10.24 -21.78 -5.79
N SER A 100 -10.87 -22.83 -5.24
CA SER A 100 -11.10 -24.04 -6.02
C SER A 100 -12.11 -23.81 -7.14
N LEU A 101 -13.20 -23.09 -6.85
CA LEU A 101 -14.21 -22.79 -7.85
C LEU A 101 -13.62 -22.05 -9.02
N SER A 102 -12.72 -21.10 -8.75
CA SER A 102 -12.21 -20.25 -9.81
C SER A 102 -11.42 -21.02 -10.85
N ALA A 103 -11.01 -22.25 -10.54
CA ALA A 103 -10.31 -23.08 -11.52
C ALA A 103 -11.19 -23.43 -12.72
N SER A 104 -12.50 -23.58 -12.53
CA SER A 104 -13.39 -24.02 -13.58
C SER A 104 -14.76 -23.32 -13.58
N VAL A 105 -14.99 -22.34 -12.71
CA VAL A 105 -16.27 -21.63 -12.65
C VAL A 105 -16.01 -20.13 -12.82
N ASP A 106 -16.90 -19.48 -13.58
CA ASP A 106 -16.85 -18.04 -13.76
C ASP A 106 -17.80 -17.28 -12.86
N ARG A 107 -18.99 -17.81 -12.64
CA ARG A 107 -20.07 -17.04 -12.04
C ARG A 107 -20.70 -17.92 -10.97
N VAL A 108 -21.02 -17.31 -9.84
CA VAL A 108 -21.68 -17.98 -8.73
C VAL A 108 -22.97 -17.24 -8.39
N ALA A 109 -24.03 -17.99 -8.24
CA ALA A 109 -25.26 -17.47 -7.68
C ALA A 109 -25.21 -17.60 -6.17
N LEU A 110 -25.42 -16.50 -5.48
CA LEU A 110 -25.22 -16.40 -4.04
C LEU A 110 -26.45 -15.82 -3.39
N VAL A 111 -26.93 -16.45 -2.32
CA VAL A 111 -28.05 -15.88 -1.57
C VAL A 111 -27.70 -14.46 -1.08
N HIS A 112 -28.70 -13.61 -1.11
CA HIS A 112 -28.57 -12.20 -0.78
C HIS A 112 -29.81 -11.82 0.06
N PRO A 113 -29.62 -11.24 1.26
CA PRO A 113 -28.34 -10.92 1.90
C PRO A 113 -27.68 -12.18 2.45
N THR A 114 -26.42 -12.09 2.85
CA THR A 114 -25.76 -13.14 3.61
C THR A 114 -24.55 -12.48 4.26
N PHE A 115 -23.82 -13.27 5.07
CA PHE A 115 -22.55 -12.82 5.64
C PHE A 115 -21.59 -12.43 4.53
N ASP A 116 -21.04 -11.21 4.64
CA ASP A 116 -20.43 -10.55 3.49
C ASP A 116 -19.06 -11.09 3.15
N ASN A 117 -18.39 -11.76 4.11
CA ASN A 117 -17.15 -12.47 3.83
C ASN A 117 -17.34 -13.52 2.72
N ILE A 118 -18.52 -14.15 2.67
CA ILE A 118 -18.71 -15.18 1.65
C ILE A 118 -18.58 -14.53 0.28
N ALA A 119 -19.25 -13.38 0.10
CA ALA A 119 -19.12 -12.61 -1.12
C ALA A 119 -17.71 -12.06 -1.30
N ASP A 120 -17.11 -11.50 -0.23
CA ASP A 120 -15.79 -10.93 -0.44
C ASP A 120 -14.75 -12.01 -0.78
N LEU A 121 -14.87 -13.22 -0.23
CA LEU A 121 -13.94 -14.28 -0.59
C LEU A 121 -14.14 -14.74 -2.03
N LEU A 122 -15.39 -14.89 -2.47
CA LEU A 122 -15.64 -15.33 -3.83
C LEU A 122 -15.21 -14.29 -4.82
N ARG A 123 -15.60 -13.05 -4.56
CA ARG A 123 -15.27 -11.97 -5.48
C ARG A 123 -13.75 -11.81 -5.52
N GLY A 124 -13.11 -11.91 -4.36
CA GLY A 124 -11.66 -11.75 -4.25
C GLY A 124 -10.86 -12.87 -4.89
N ASN A 125 -11.46 -14.05 -5.06
CA ASN A 125 -10.86 -15.11 -5.85
C ASN A 125 -11.32 -15.11 -7.30
N GLY A 126 -12.01 -14.07 -7.75
CA GLY A 126 -12.23 -13.87 -9.16
C GLY A 126 -13.55 -14.38 -9.71
N LEU A 127 -14.49 -14.79 -8.85
CA LEU A 127 -15.81 -15.21 -9.25
C LEU A 127 -16.75 -14.02 -9.39
N ASP A 128 -17.55 -14.03 -10.43
CA ASP A 128 -18.61 -13.03 -10.57
C ASP A 128 -19.84 -13.53 -9.81
N LEU A 129 -20.48 -12.64 -9.06
CA LEU A 129 -21.59 -13.03 -8.19
C LEU A 129 -22.91 -12.56 -8.80
N VAL A 130 -23.88 -13.46 -8.83
CA VAL A 130 -25.25 -13.15 -9.21
C VAL A 130 -26.10 -13.24 -7.95
N PRO A 131 -26.64 -12.13 -7.45
CA PRO A 131 -27.46 -12.21 -6.22
C PRO A 131 -28.79 -12.91 -6.48
N VAL A 132 -29.18 -13.75 -5.53
CA VAL A 132 -30.49 -14.41 -5.53
C VAL A 132 -31.15 -13.99 -4.23
N GLU A 133 -32.21 -13.19 -4.32
CA GLU A 133 -32.93 -12.82 -3.12
C GLU A 133 -33.58 -14.05 -2.48
N GLU A 134 -33.81 -13.96 -1.17
CA GLU A 134 -34.25 -15.14 -0.41
C GLU A 134 -35.59 -15.65 -0.93
N ASP A 135 -36.52 -14.75 -1.22
CA ASP A 135 -37.80 -15.20 -1.73
C ASP A 135 -37.66 -16.00 -3.04
N ALA A 136 -36.84 -15.52 -3.98
CA ALA A 136 -36.56 -16.33 -5.16
C ALA A 136 -36.01 -17.70 -4.76
N LEU A 137 -35.01 -17.71 -3.89
CA LEU A 137 -34.31 -18.95 -3.56
C LEU A 137 -35.23 -19.97 -2.92
N HIS A 138 -36.02 -19.54 -1.94
CA HIS A 138 -36.87 -20.47 -1.20
C HIS A 138 -38.18 -20.78 -1.92
N GLY A 139 -38.71 -19.82 -2.68
CA GLY A 139 -40.09 -19.89 -3.14
C GLY A 139 -40.28 -20.48 -4.54
N ALA A 140 -39.22 -20.53 -5.33
CA ALA A 140 -39.34 -21.00 -6.69
C ALA A 140 -38.06 -21.66 -7.17
N ASP A 141 -38.20 -22.57 -8.15
CA ASP A 141 -37.06 -23.10 -8.88
C ASP A 141 -36.22 -21.98 -9.45
N LEU A 142 -34.92 -22.21 -9.47
CA LEU A 142 -34.03 -21.32 -10.20
C LEU A 142 -34.32 -21.39 -11.69
N SER A 143 -34.25 -20.24 -12.33
CA SER A 143 -34.62 -20.15 -13.73
C SER A 143 -33.60 -20.88 -14.58
N ALA A 144 -34.02 -21.27 -15.79
CA ALA A 144 -33.08 -21.88 -16.72
C ALA A 144 -32.04 -20.87 -17.16
N GLU A 145 -32.45 -19.62 -17.38
CA GLU A 145 -31.50 -18.57 -17.69
C GLU A 145 -30.39 -18.49 -16.64
N LEU A 146 -30.76 -18.51 -15.34
CA LEU A 146 -29.75 -18.44 -14.30
C LEU A 146 -28.84 -19.68 -14.31
N LEU A 147 -29.44 -20.87 -14.34
CA LEU A 147 -28.62 -22.07 -14.33
C LEU A 147 -27.80 -22.23 -15.62
N SER A 148 -28.16 -21.57 -16.71
CA SER A 148 -27.26 -21.63 -17.86
C SER A 148 -26.05 -20.72 -17.68
N SER A 149 -26.08 -19.81 -16.71
CA SER A 149 -25.05 -18.79 -16.61
C SER A 149 -24.12 -18.94 -15.39
N VAL A 150 -24.39 -19.85 -14.47
CA VAL A 150 -23.53 -19.99 -13.30
C VAL A 150 -23.06 -21.44 -13.20
N GLY A 151 -21.84 -21.60 -12.72
CA GLY A 151 -21.31 -22.91 -12.40
C GLY A 151 -21.51 -23.37 -10.96
N CYS A 152 -22.04 -22.49 -10.11
CA CYS A 152 -22.25 -22.83 -8.69
C CYS A 152 -23.40 -22.01 -8.11
N VAL A 153 -24.23 -22.66 -7.30
CA VAL A 153 -25.23 -21.99 -6.47
C VAL A 153 -24.79 -22.14 -5.01
N PHE A 154 -24.73 -21.02 -4.27
CA PHE A 154 -24.24 -20.98 -2.89
C PHE A 154 -25.33 -20.48 -1.95
N VAL A 155 -25.73 -21.32 -1.00
CA VAL A 155 -26.80 -20.97 -0.07
C VAL A 155 -26.24 -21.02 1.35
N THR A 156 -26.49 -19.98 2.13
CA THR A 156 -26.17 -19.97 3.58
C THR A 156 -27.45 -20.35 4.33
N THR A 157 -27.42 -21.46 5.06
CA THR A 157 -28.64 -21.94 5.72
C THR A 157 -28.30 -22.67 7.03
N PRO A 158 -28.90 -22.25 8.17
CA PRO A 158 -29.74 -21.03 8.34
C PRO A 158 -28.96 -19.81 7.94
N ASN A 159 -29.59 -18.88 7.23
CA ASN A 159 -28.90 -17.70 6.75
C ASN A 159 -28.59 -16.76 7.91
N ASN A 160 -27.52 -16.03 7.74
CA ASN A 160 -27.09 -14.96 8.60
C ASN A 160 -27.15 -13.76 7.70
N PRO A 161 -27.94 -12.74 8.05
CA PRO A 161 -28.49 -12.43 9.36
C PRO A 161 -29.96 -12.76 9.59
N THR A 162 -30.62 -13.38 8.61
CA THR A 162 -32.08 -13.49 8.64
C THR A 162 -32.58 -14.68 9.46
N GLY A 163 -31.74 -15.70 9.65
CA GLY A 163 -32.14 -16.94 10.28
C GLY A 163 -32.86 -17.91 9.39
N ARG A 164 -33.11 -17.52 8.15
CA ARG A 164 -33.96 -18.28 7.23
C ARG A 164 -33.34 -19.64 6.89
N VAL A 165 -34.13 -20.72 7.05
CA VAL A 165 -33.69 -22.09 6.85
C VAL A 165 -34.20 -22.63 5.51
N LEU A 166 -33.27 -23.13 4.70
CA LEU A 166 -33.61 -23.80 3.46
C LEU A 166 -34.32 -25.11 3.79
N ALA A 167 -35.62 -25.20 3.50
CA ALA A 167 -36.37 -26.39 3.84
C ALA A 167 -35.96 -27.58 2.97
N GLU A 168 -36.25 -28.78 3.47
CA GLU A 168 -35.77 -29.99 2.79
C GLU A 168 -36.31 -30.10 1.37
N GLU A 169 -37.59 -29.75 1.17
CA GLU A 169 -38.18 -29.80 -0.17
C GLU A 169 -37.43 -28.88 -1.13
N ARG A 170 -37.00 -27.69 -0.68
CA ARG A 170 -36.32 -26.78 -1.58
C ARG A 170 -34.88 -27.20 -1.79
N LEU A 171 -34.20 -27.66 -0.72
CA LEU A 171 -32.86 -28.21 -0.91
C LEU A 171 -32.86 -29.36 -1.92
N ARG A 172 -33.83 -30.25 -1.83
CA ARG A 172 -33.90 -31.34 -2.80
C ARG A 172 -34.10 -30.82 -4.20
N ARG A 173 -35.02 -29.88 -4.37
CA ARG A 173 -35.32 -29.42 -5.71
C ARG A 173 -34.12 -28.70 -6.30
N LEU A 174 -33.44 -27.92 -5.45
CA LEU A 174 -32.22 -27.21 -5.84
C LEU A 174 -31.12 -28.18 -6.25
N ALA A 175 -30.92 -29.22 -5.44
CA ALA A 175 -29.97 -30.27 -5.76
C ALA A 175 -30.35 -30.96 -7.07
N GLU A 176 -31.64 -31.21 -7.31
CA GLU A 176 -32.03 -31.87 -8.57
C GLU A 176 -31.70 -30.99 -9.78
N GLN A 177 -31.96 -29.68 -9.69
CA GLN A 177 -31.64 -28.74 -10.77
C GLN A 177 -30.13 -28.62 -10.99
N CYS A 178 -29.36 -28.57 -9.91
CA CYS A 178 -27.92 -28.51 -10.08
C CYS A 178 -27.41 -29.76 -10.79
N ALA A 179 -27.90 -30.93 -10.38
CA ALA A 179 -27.48 -32.15 -11.05
C ALA A 179 -27.87 -32.13 -12.52
N GLU A 180 -29.08 -31.64 -12.83
CA GLU A 180 -29.53 -31.62 -14.21
C GLU A 180 -28.64 -30.72 -15.07
N HIS A 181 -28.11 -29.63 -14.50
CA HIS A 181 -27.33 -28.68 -15.27
C HIS A 181 -25.83 -28.87 -15.10
N GLY A 182 -25.40 -29.73 -14.18
CA GLY A 182 -23.98 -29.92 -13.90
C GLY A 182 -23.39 -28.88 -12.97
N THR A 183 -24.24 -28.13 -12.28
CA THR A 183 -23.85 -27.08 -11.37
C THR A 183 -23.43 -27.64 -10.02
N VAL A 184 -22.43 -27.00 -9.41
CA VAL A 184 -22.06 -27.28 -8.03
C VAL A 184 -23.06 -26.63 -7.09
N LEU A 185 -23.62 -27.42 -6.16
CA LEU A 185 -24.42 -26.87 -5.08
C LEU A 185 -23.58 -26.75 -3.81
N ALA A 186 -23.45 -25.52 -3.30
CA ALA A 186 -22.61 -25.21 -2.16
C ALA A 186 -23.46 -24.67 -1.01
N LEU A 187 -23.30 -25.22 0.19
CA LEU A 187 -24.03 -24.76 1.36
C LEU A 187 -23.09 -24.32 2.47
N ASP A 188 -23.44 -23.23 3.15
CA ASP A 188 -22.77 -22.82 4.37
C ASP A 188 -23.74 -22.99 5.53
N THR A 189 -23.39 -23.86 6.46
CA THR A 189 -24.33 -24.31 7.50
C THR A 189 -23.82 -23.98 8.90
N SER A 190 -23.05 -22.89 9.03
CA SER A 190 -22.46 -22.51 10.30
C SER A 190 -23.52 -22.32 11.39
N PHE A 191 -24.74 -21.93 11.05
CA PHE A 191 -25.73 -21.65 12.09
C PHE A 191 -26.65 -22.84 12.33
N ARG A 192 -26.30 -23.99 11.76
CA ARG A 192 -27.16 -25.15 11.78
C ARG A 192 -27.67 -25.44 13.18
N GLY A 193 -26.76 -25.41 14.15
CA GLY A 193 -27.10 -25.97 15.44
C GLY A 193 -28.16 -25.19 16.17
N PHE A 194 -28.37 -23.91 15.79
CA PHE A 194 -29.32 -23.08 16.51
C PHE A 194 -30.78 -23.42 16.21
N ASP A 195 -31.08 -24.05 15.07
CA ASP A 195 -32.45 -24.22 14.59
C ASP A 195 -32.72 -25.69 14.20
N ALA A 196 -33.60 -26.31 14.96
CA ALA A 196 -33.92 -27.70 14.70
C ALA A 196 -34.53 -27.92 13.31
N ALA A 197 -35.02 -26.86 12.63
CA ALA A 197 -35.50 -26.98 11.26
C ALA A 197 -34.38 -27.30 10.29
N ALA A 198 -33.13 -27.05 10.67
CA ALA A 198 -31.98 -27.36 9.84
C ALA A 198 -31.37 -28.70 10.17
N HIS A 199 -32.03 -29.50 11.02
CA HIS A 199 -31.44 -30.73 11.51
C HIS A 199 -31.90 -31.96 10.78
N TYR A 200 -32.63 -31.80 9.67
CA TYR A 200 -32.83 -32.91 8.76
C TYR A 200 -31.54 -33.16 8.01
N ASP A 201 -31.37 -34.39 7.51
CA ASP A 201 -30.09 -34.87 6.97
C ASP A 201 -29.86 -34.27 5.59
N HIS A 202 -28.98 -33.28 5.51
CA HIS A 202 -28.73 -32.61 4.24
C HIS A 202 -27.97 -33.51 3.29
N TYR A 203 -27.14 -34.40 3.85
CA TYR A 203 -26.24 -35.21 3.04
C TYR A 203 -27.02 -36.28 2.30
N ALA A 204 -28.02 -36.86 2.97
CA ALA A 204 -28.91 -37.80 2.30
C ALA A 204 -29.58 -37.13 1.11
N VAL A 205 -30.05 -35.88 1.27
CA VAL A 205 -30.70 -35.17 0.16
C VAL A 205 -29.71 -34.99 -0.98
N LEU A 206 -28.51 -34.54 -0.65
CA LEU A 206 -27.51 -34.23 -1.68
C LEU A 206 -27.07 -35.51 -2.39
N GLN A 207 -26.89 -36.60 -1.65
CA GLN A 207 -26.48 -37.82 -2.31
C GLN A 207 -27.61 -38.36 -3.19
N GLU A 208 -28.86 -38.19 -2.75
CA GLU A 208 -29.98 -38.74 -3.49
C GLU A 208 -30.08 -38.06 -4.86
N ALA A 209 -29.78 -36.77 -4.90
CA ALA A 209 -29.92 -36.02 -6.14
C ALA A 209 -28.74 -36.28 -7.06
N GLY A 210 -27.58 -36.60 -6.50
CA GLY A 210 -26.40 -36.86 -7.31
C GLY A 210 -25.76 -35.62 -7.93
N CYS A 211 -26.10 -34.43 -7.48
CA CYS A 211 -25.39 -33.24 -7.94
C CYS A 211 -23.98 -33.24 -7.37
N ARG A 212 -23.12 -32.42 -8.00
CA ARG A 212 -21.88 -32.04 -7.37
C ARG A 212 -22.23 -31.11 -6.23
N TRP A 213 -21.67 -31.34 -5.04
CA TRP A 213 -22.02 -30.53 -3.88
C TRP A 213 -20.82 -30.32 -2.96
N VAL A 214 -20.90 -29.24 -2.20
CA VAL A 214 -19.97 -28.95 -1.11
C VAL A 214 -20.73 -28.29 0.05
N VAL A 215 -20.38 -28.67 1.26
CA VAL A 215 -20.97 -28.10 2.46
C VAL A 215 -19.83 -27.65 3.35
N ILE A 216 -19.97 -26.45 3.92
CA ILE A 216 -19.07 -25.96 4.95
C ILE A 216 -19.87 -25.92 6.26
N GLU A 217 -19.61 -26.88 7.13
CA GLU A 217 -20.11 -26.84 8.49
C GLU A 217 -19.15 -26.01 9.35
N ASP A 218 -19.64 -25.56 10.50
CA ASP A 218 -18.80 -24.73 11.37
C ASP A 218 -19.19 -24.97 12.82
N THR A 219 -18.21 -25.19 13.69
CA THR A 219 -18.48 -25.35 15.11
C THR A 219 -18.38 -24.03 15.88
N GLY A 220 -17.91 -22.96 15.27
CA GLY A 220 -17.54 -21.80 16.07
C GLY A 220 -18.65 -20.85 16.50
N LYS A 221 -19.90 -20.99 16.04
CA LYS A 221 -20.95 -20.07 16.48
C LYS A 221 -21.78 -20.60 17.64
N LEU A 222 -21.72 -21.91 17.91
CA LEU A 222 -22.67 -22.52 18.84
C LEU A 222 -22.36 -22.18 20.29
N TRP A 223 -21.13 -22.44 20.72
CA TRP A 223 -20.77 -22.53 22.12
C TRP A 223 -19.72 -21.47 22.45
N PRO A 224 -19.63 -21.00 23.76
CA PRO A 224 -18.58 -19.99 24.06
C PRO A 224 -17.22 -20.62 24.30
N THR A 225 -16.56 -20.96 23.19
CA THR A 225 -15.28 -21.66 23.18
C THR A 225 -14.13 -20.75 22.79
N LEU A 226 -14.28 -19.43 22.93
CA LEU A 226 -13.17 -18.51 22.74
C LEU A 226 -12.53 -18.71 21.36
N ASP A 227 -13.37 -18.94 20.35
CA ASP A 227 -12.94 -19.11 18.97
C ASP A 227 -12.07 -20.33 18.75
N LEU A 228 -12.10 -21.27 19.67
CA LEU A 228 -11.58 -22.61 19.39
C LEU A 228 -12.67 -23.36 18.65
N LYS A 229 -12.40 -23.69 17.39
CA LYS A 229 -13.45 -24.10 16.47
C LYS A 229 -12.80 -24.77 15.26
N ALA A 230 -13.63 -25.38 14.43
CA ALA A 230 -13.20 -25.89 13.13
C ALA A 230 -14.25 -25.57 12.09
N GLY A 231 -13.80 -25.16 10.91
CA GLY A 231 -14.62 -25.28 9.72
C GLY A 231 -14.50 -26.71 9.20
N LEU A 232 -15.61 -27.24 8.72
CA LEU A 232 -15.61 -28.59 8.15
C LEU A 232 -16.04 -28.52 6.70
N LEU A 233 -15.10 -28.79 5.82
CA LEU A 233 -15.31 -28.71 4.38
C LEU A 233 -15.61 -30.10 3.87
N VAL A 234 -16.86 -30.32 3.44
CA VAL A 234 -17.36 -31.62 3.01
C VAL A 234 -17.77 -31.54 1.55
N PHE A 235 -17.50 -32.59 0.77
CA PHE A 235 -17.70 -32.49 -0.67
C PHE A 235 -17.98 -33.86 -1.29
N SER A 236 -18.74 -33.85 -2.38
CA SER A 236 -19.03 -35.04 -3.16
C SER A 236 -17.77 -35.59 -3.86
N GLU A 237 -17.73 -36.89 -4.05
CA GLU A 237 -16.61 -37.51 -4.76
C GLU A 237 -16.43 -36.95 -6.17
N ASP A 238 -17.51 -36.63 -6.85
CA ASP A 238 -17.38 -36.04 -8.18
C ASP A 238 -17.31 -34.49 -8.12
N ILE A 239 -16.86 -33.90 -7.02
CA ILE A 239 -16.96 -32.44 -6.92
C ILE A 239 -16.29 -31.81 -8.12
N GLY A 240 -15.26 -32.46 -8.65
CA GLY A 240 -14.58 -31.95 -9.83
C GLY A 240 -13.92 -30.59 -9.65
N LEU A 241 -13.62 -30.20 -8.42
CA LEU A 241 -12.89 -28.99 -8.10
C LEU A 241 -11.66 -29.38 -7.32
N PRO A 242 -10.60 -28.66 -7.40
CA PRO A 242 -9.38 -29.04 -6.69
C PRO A 242 -9.34 -28.66 -5.20
N VAL A 243 -10.37 -29.05 -4.45
CA VAL A 243 -10.46 -28.68 -3.04
C VAL A 243 -9.39 -29.38 -2.22
N GLU A 244 -9.12 -30.67 -2.49
CA GLU A 244 -8.12 -31.37 -1.71
C GLU A 244 -6.73 -30.78 -1.92
N LYS A 245 -6.38 -30.43 -3.18
CA LYS A 245 -5.07 -29.85 -3.43
C LYS A 245 -4.93 -28.49 -2.74
N ILE A 246 -5.93 -27.63 -2.86
CA ILE A 246 -5.80 -26.30 -2.29
C ILE A 246 -5.82 -26.37 -0.76
N TYR A 247 -6.65 -27.24 -0.20
CA TYR A 247 -6.62 -27.46 1.25
C TYR A 247 -5.23 -27.82 1.72
N SER A 248 -4.60 -28.78 1.03
CA SER A 248 -3.25 -29.22 1.39
C SER A 248 -2.24 -28.11 1.28
N ASP A 249 -2.47 -27.16 0.39
CA ASP A 249 -1.52 -26.06 0.29
C ASP A 249 -1.66 -25.11 1.46
N ILE A 250 -2.80 -25.07 2.14
CA ILE A 250 -3.02 -24.11 3.21
C ILE A 250 -2.77 -24.72 4.60
N LEU A 251 -3.11 -25.99 4.82
CA LEU A 251 -2.92 -26.62 6.12
C LEU A 251 -2.95 -28.13 6.00
N LEU A 252 -2.39 -28.79 7.04
CA LEU A 252 -2.42 -30.24 7.19
C LEU A 252 -3.59 -30.74 8.02
N GLY A 253 -4.13 -29.89 8.88
CA GLY A 253 -5.13 -30.30 9.84
C GLY A 253 -5.27 -29.25 10.92
N VAL A 254 -6.20 -29.51 11.83
CA VAL A 254 -6.42 -28.62 12.96
C VAL A 254 -5.95 -29.32 14.24
N SER A 255 -5.76 -28.53 15.28
CA SER A 255 -5.21 -29.03 16.53
C SER A 255 -6.04 -30.19 17.03
N PRO A 256 -5.42 -31.29 17.48
CA PRO A 256 -6.21 -32.34 18.13
C PRO A 256 -6.92 -31.86 19.40
N LEU A 257 -6.33 -30.88 20.12
CA LEU A 257 -7.01 -30.36 21.30
C LEU A 257 -8.34 -29.71 20.92
N ILE A 258 -8.38 -28.98 19.79
CA ILE A 258 -9.63 -28.35 19.38
C ILE A 258 -10.67 -29.40 18.94
N LEU A 259 -10.24 -30.39 18.15
CA LEU A 259 -11.12 -31.50 17.78
C LEU A 259 -11.64 -32.22 19.04
N ALA A 260 -10.77 -32.43 20.05
CA ALA A 260 -11.22 -33.08 21.27
C ALA A 260 -12.27 -32.23 21.96
N LEU A 261 -12.05 -30.91 22.00
CA LEU A 261 -13.01 -29.99 22.60
C LEU A 261 -14.33 -30.02 21.84
N ILE A 262 -14.28 -29.98 20.51
CA ILE A 262 -15.51 -30.10 19.74
C ILE A 262 -16.25 -31.37 20.11
N ARG A 263 -15.51 -32.47 20.17
CA ARG A 263 -16.09 -33.77 20.51
C ARG A 263 -16.82 -33.71 21.85
N GLU A 264 -16.17 -33.11 22.86
CA GLU A 264 -16.72 -33.06 24.22
C GLU A 264 -17.87 -32.07 24.31
N PHE A 265 -17.75 -30.92 23.63
CA PHE A 265 -18.86 -29.97 23.64
C PHE A 265 -20.08 -30.53 22.88
N SER A 266 -19.85 -31.30 21.80
CA SER A 266 -20.96 -31.94 21.09
C SER A 266 -21.62 -33.01 21.96
N ARG A 267 -20.84 -33.75 22.74
CA ARG A 267 -21.44 -34.76 23.59
C ARG A 267 -22.25 -34.12 24.72
N ASP A 268 -21.72 -33.03 25.33
CA ASP A 268 -22.48 -32.33 26.37
C ASP A 268 -23.76 -31.75 25.78
N ALA A 269 -23.67 -31.27 24.53
CA ALA A 269 -24.85 -30.73 23.85
C ALA A 269 -25.88 -31.84 23.57
N ALA A 270 -25.43 -33.00 23.10
CA ALA A 270 -26.35 -34.12 22.91
C ALA A 270 -27.00 -34.51 24.22
N ASP A 271 -26.32 -34.26 25.34
CA ASP A 271 -26.82 -34.63 26.65
C ASP A 271 -27.58 -33.50 27.32
N GLY A 272 -28.33 -32.71 26.55
CA GLY A 272 -29.15 -31.63 27.07
C GLY A 272 -28.60 -30.23 26.87
N GLY A 273 -27.30 -30.06 26.63
CA GLY A 273 -26.77 -28.73 26.33
C GLY A 273 -27.53 -28.04 25.20
N LEU A 274 -27.85 -28.79 24.15
CA LEU A 274 -28.38 -28.14 22.95
C LEU A 274 -29.80 -27.63 23.18
N ALA A 275 -30.63 -28.44 23.83
CA ALA A 275 -31.93 -27.96 24.27
C ALA A 275 -31.81 -26.72 25.17
N ASP A 276 -30.84 -26.70 26.10
CA ASP A 276 -30.71 -25.53 26.97
C ASP A 276 -30.26 -24.33 26.17
N LEU A 277 -29.46 -24.55 25.15
CA LEU A 277 -28.98 -23.41 24.37
C LEU A 277 -30.12 -22.81 23.57
N HIS A 278 -30.95 -23.66 22.98
CA HIS A 278 -32.15 -23.19 22.29
C HIS A 278 -33.03 -22.39 23.24
N ALA A 279 -33.22 -22.89 24.47
CA ALA A 279 -34.01 -22.15 25.46
C ALA A 279 -33.34 -20.81 25.81
N PHE A 280 -32.03 -20.82 26.03
CA PHE A 280 -31.32 -19.58 26.32
C PHE A 280 -31.49 -18.55 25.20
N ILE A 281 -31.23 -18.94 23.94
CA ILE A 281 -31.35 -18.02 22.82
C ILE A 281 -32.76 -17.46 22.72
N LEU A 282 -33.76 -18.33 22.90
CA LEU A 282 -35.15 -17.87 22.87
C LEU A 282 -35.40 -16.83 23.98
N HIS A 283 -34.89 -17.10 25.18
CA HIS A 283 -35.01 -16.12 26.26
C HIS A 283 -34.44 -14.77 25.86
N ASN A 284 -33.24 -14.77 25.28
CA ASN A 284 -32.58 -13.50 24.96
C ASN A 284 -33.29 -12.80 23.82
N ARG A 285 -33.71 -13.54 22.80
CA ARG A 285 -34.54 -12.93 21.76
C ARG A 285 -35.78 -12.28 22.37
N SER A 286 -36.40 -12.93 23.36
CA SER A 286 -37.58 -12.35 24.00
C SER A 286 -37.21 -11.08 24.75
N VAL A 287 -36.05 -11.06 25.41
CA VAL A 287 -35.63 -9.85 26.12
C VAL A 287 -35.52 -8.68 25.15
N VAL A 288 -34.90 -8.92 24.00
CA VAL A 288 -34.76 -7.87 23.00
C VAL A 288 -36.12 -7.41 22.51
N ARG A 289 -36.98 -8.35 22.12
CA ARG A 289 -38.26 -7.95 21.56
C ARG A 289 -39.16 -7.32 22.61
N ARG A 290 -39.06 -7.80 23.85
CA ARG A 290 -39.79 -7.18 24.96
C ARG A 290 -39.43 -5.70 25.09
N ALA A 291 -38.15 -5.37 24.99
CA ALA A 291 -37.73 -3.99 25.21
C ALA A 291 -38.12 -3.05 24.06
N LEU A 292 -38.34 -3.58 22.86
CA LEU A 292 -38.33 -2.76 21.65
C LEU A 292 -39.60 -2.78 20.80
N ALA A 293 -40.44 -3.81 20.88
CA ALA A 293 -41.49 -3.95 19.87
C ALA A 293 -42.56 -2.89 19.98
N GLY A 294 -42.65 -2.19 21.12
CA GLY A 294 -43.56 -1.07 21.26
C GLY A 294 -42.97 0.26 20.93
N VAL A 295 -41.67 0.30 20.66
CA VAL A 295 -41.00 1.55 20.33
C VAL A 295 -41.36 1.96 18.90
N GLU A 296 -41.63 3.25 18.70
CA GLU A 296 -41.69 3.84 17.35
C GLU A 296 -42.69 3.00 16.51
N GLY A 297 -42.49 2.54 15.26
CA GLY A 297 -41.37 2.70 14.36
C GLY A 297 -40.33 1.59 14.38
N VAL A 298 -40.41 0.69 15.35
CA VAL A 298 -39.50 -0.44 15.43
C VAL A 298 -40.26 -1.69 14.97
N SER A 299 -39.52 -2.60 14.35
CA SER A 299 -40.08 -3.86 13.88
C SER A 299 -38.96 -4.88 13.83
N PHE A 300 -39.36 -6.13 13.72
CA PHE A 300 -38.43 -7.25 13.70
C PHE A 300 -38.56 -8.00 12.37
N PRO A 301 -37.60 -7.87 11.46
CA PRO A 301 -37.78 -8.43 10.10
C PRO A 301 -37.97 -9.95 10.08
N ASP A 302 -37.39 -10.69 11.02
CA ASP A 302 -37.35 -12.15 10.93
C ASP A 302 -38.06 -12.75 12.12
N PRO A 303 -39.38 -12.64 12.14
CA PRO A 303 -40.15 -13.05 13.33
C PRO A 303 -39.96 -14.51 13.70
N GLU A 304 -39.64 -15.37 12.75
CA GLU A 304 -39.53 -16.80 12.98
C GLU A 304 -38.10 -17.26 13.16
N SER A 305 -37.13 -16.35 13.14
CA SER A 305 -35.74 -16.74 13.27
C SER A 305 -35.47 -17.37 14.62
N ARG A 306 -34.64 -18.41 14.62
CA ARG A 306 -34.07 -18.95 15.85
C ARG A 306 -32.55 -18.82 15.89
N SER A 307 -31.96 -17.98 15.04
CA SER A 307 -30.51 -17.78 15.10
C SER A 307 -30.11 -16.99 16.33
N SER A 308 -28.83 -17.09 16.63
CA SER A 308 -28.16 -16.37 17.70
C SER A 308 -27.96 -14.89 17.40
N VAL A 309 -28.42 -14.41 16.24
CA VAL A 309 -28.33 -13.00 15.90
C VAL A 309 -29.72 -12.59 15.48
N GLU A 310 -29.99 -11.30 15.61
CA GLU A 310 -31.34 -10.77 15.50
C GLU A 310 -31.30 -9.43 14.83
N ARG A 311 -32.09 -9.26 13.78
CA ARG A 311 -32.22 -7.97 13.09
C ARG A 311 -33.33 -7.14 13.73
N VAL A 312 -33.09 -5.84 13.82
CA VAL A 312 -34.06 -4.87 14.25
C VAL A 312 -34.16 -3.80 13.17
N ALA A 313 -35.38 -3.47 12.76
CA ALA A 313 -35.64 -2.43 11.78
C ALA A 313 -36.19 -1.17 12.45
N PHE A 314 -35.96 -0.05 11.81
CA PHE A 314 -36.53 1.18 12.32
C PHE A 314 -36.84 2.11 11.16
N ALA A 315 -37.80 2.98 11.39
CA ALA A 315 -38.17 3.98 10.40
C ALA A 315 -37.53 5.31 10.80
N GLY A 316 -37.42 6.19 9.81
CA GLY A 316 -36.83 7.48 10.05
C GLY A 316 -35.33 7.45 9.92
N ARG A 317 -34.65 6.77 10.83
CA ARG A 317 -33.21 6.87 10.92
C ARG A 317 -32.50 5.67 10.27
N THR A 318 -31.19 5.79 10.18
CA THR A 318 -30.27 4.88 9.50
C THR A 318 -29.67 3.91 10.51
N GLY A 319 -29.31 2.72 10.05
CA GLY A 319 -28.64 1.77 10.92
C GLY A 319 -27.28 2.29 11.37
N THR A 320 -26.55 2.92 10.45
CA THR A 320 -25.31 3.58 10.79
C THR A 320 -25.51 4.64 11.87
N GLU A 321 -26.64 5.36 11.84
CA GLU A 321 -26.84 6.43 12.80
C GLU A 321 -27.23 5.85 14.16
N VAL A 322 -28.04 4.79 14.18
CA VAL A 322 -28.30 4.12 15.44
C VAL A 322 -27.00 3.64 16.06
N TRP A 323 -26.16 2.98 15.26
CA TRP A 323 -24.87 2.51 15.76
C TRP A 323 -24.06 3.66 16.37
N GLU A 324 -23.98 4.82 15.69
CA GLU A 324 -23.16 5.91 16.23
C GLU A 324 -23.68 6.36 17.59
N GLU A 325 -25.00 6.43 17.73
CA GLU A 325 -25.58 6.89 18.97
C GLU A 325 -25.36 5.86 20.07
N LEU A 326 -25.52 4.57 19.74
CA LEU A 326 -25.23 3.50 20.69
C LEU A 326 -23.79 3.58 21.18
N GLN A 327 -22.84 3.74 20.25
CA GLN A 327 -21.43 3.83 20.66
C GLN A 327 -21.23 4.88 21.73
N ARG A 328 -21.83 6.07 21.57
CA ARG A 328 -21.65 7.12 22.55
C ARG A 328 -21.92 6.61 23.97
N HIS A 329 -22.82 5.63 24.10
CA HIS A 329 -23.08 5.03 25.40
C HIS A 329 -22.30 3.73 25.60
N HIS A 330 -21.33 3.44 24.73
CA HIS A 330 -20.44 2.27 24.83
C HIS A 330 -21.16 0.96 24.50
N VAL A 331 -22.21 1.03 23.67
CA VAL A 331 -22.91 -0.16 23.16
C VAL A 331 -22.56 -0.31 21.68
N PHE A 332 -22.11 -1.51 21.31
CA PHE A 332 -21.60 -1.80 19.96
C PHE A 332 -22.48 -2.86 19.34
N ALA A 333 -23.36 -2.44 18.43
CA ALA A 333 -24.13 -3.32 17.58
C ALA A 333 -23.51 -3.30 16.17
N LEU A 334 -24.22 -3.83 15.17
CA LEU A 334 -23.77 -3.92 13.80
C LEU A 334 -24.81 -3.32 12.87
N PRO A 335 -24.44 -2.37 12.02
CA PRO A 335 -25.37 -1.96 10.96
C PRO A 335 -25.48 -3.04 9.90
N CYS A 336 -26.62 -3.08 9.24
CA CYS A 336 -26.94 -4.20 8.38
C CYS A 336 -26.51 -4.00 6.91
N ARG A 337 -26.07 -2.81 6.51
CA ARG A 337 -25.71 -2.56 5.12
C ARG A 337 -24.83 -3.68 4.55
N GLN A 338 -23.89 -4.18 5.34
CA GLN A 338 -22.81 -5.01 4.78
C GLN A 338 -23.31 -6.38 4.34
N PHE A 339 -24.46 -6.85 4.88
CA PHE A 339 -25.00 -8.15 4.53
C PHE A 339 -25.66 -8.14 3.16
N HIS A 340 -26.16 -6.99 2.75
CA HIS A 340 -26.76 -6.83 1.43
C HIS A 340 -25.63 -6.49 0.44
N TRP A 341 -24.84 -7.54 0.15
CA TRP A 341 -23.57 -7.39 -0.54
C TRP A 341 -23.71 -6.99 -2.01
N ALA A 342 -24.90 -7.07 -2.58
CA ALA A 342 -25.13 -6.57 -3.94
C ALA A 342 -25.88 -5.25 -3.96
N GLU A 343 -26.54 -4.87 -2.86
CA GLU A 343 -27.27 -3.61 -2.78
C GLU A 343 -27.35 -3.16 -1.32
N PRO A 344 -26.29 -2.54 -0.81
CA PRO A 344 -26.23 -2.29 0.64
C PRO A 344 -27.36 -1.42 1.16
N SER A 345 -27.88 -0.53 0.33
CA SER A 345 -28.93 0.35 0.80
C SER A 345 -30.18 -0.44 1.23
N ASP A 346 -30.31 -1.70 0.79
CA ASP A 346 -31.38 -2.55 1.29
C ASP A 346 -31.34 -2.70 2.82
N GLY A 347 -30.15 -2.68 3.41
CA GLY A 347 -30.00 -2.81 4.85
C GLY A 347 -29.87 -1.50 5.60
N ASP A 348 -30.13 -0.36 4.96
CA ASP A 348 -29.85 0.95 5.55
C ASP A 348 -30.64 1.21 6.82
N HIS A 349 -31.76 0.51 7.02
CA HIS A 349 -32.68 0.82 8.10
C HIS A 349 -32.73 -0.25 9.19
N MET A 350 -31.65 -1.04 9.33
CA MET A 350 -31.61 -2.15 10.27
C MET A 350 -30.26 -2.24 10.97
N VAL A 351 -30.29 -2.70 12.22
CA VAL A 351 -29.08 -3.18 12.88
C VAL A 351 -29.27 -4.65 13.25
N ARG A 352 -28.15 -5.31 13.51
CA ARG A 352 -28.09 -6.68 14.02
C ARG A 352 -27.60 -6.69 15.47
N ILE A 353 -28.22 -7.53 16.28
CA ILE A 353 -27.90 -7.69 17.69
C ILE A 353 -27.47 -9.13 17.91
N ALA A 354 -26.33 -9.31 18.59
CA ALA A 354 -25.89 -10.65 19.01
C ALA A 354 -26.63 -11.10 20.27
N LEU A 355 -27.25 -12.27 20.20
CA LEU A 355 -27.97 -12.86 21.32
C LEU A 355 -27.13 -13.84 22.14
N SER A 356 -26.04 -14.35 21.60
CA SER A 356 -25.13 -15.18 22.36
C SER A 356 -24.33 -14.33 23.34
N ARG A 357 -25.03 -13.91 24.41
CA ARG A 357 -24.53 -12.95 25.39
C ARG A 357 -25.20 -13.25 26.71
N SER A 358 -24.50 -12.95 27.80
CA SER A 358 -25.17 -12.99 29.08
C SER A 358 -26.34 -12.03 29.06
N THR A 359 -27.43 -12.47 29.66
CA THR A 359 -28.69 -11.74 29.56
C THR A 359 -28.59 -10.33 30.13
N GLU A 360 -27.93 -10.16 31.27
CA GLU A 360 -27.86 -8.83 31.88
C GLU A 360 -27.15 -7.82 31.00
N PRO A 361 -25.93 -8.06 30.52
CA PRO A 361 -25.34 -7.08 29.59
C PRO A 361 -26.23 -6.85 28.38
N LEU A 362 -26.76 -7.91 27.77
CA LEU A 362 -27.67 -7.73 26.65
C LEU A 362 -28.84 -6.85 27.05
N GLU A 363 -29.37 -7.04 28.25
CA GLU A 363 -30.54 -6.28 28.68
C GLU A 363 -30.20 -4.81 28.87
N LYS A 364 -29.05 -4.51 29.50
CA LYS A 364 -28.58 -3.13 29.53
C LYS A 364 -28.48 -2.57 28.11
N SER A 365 -27.96 -3.37 27.18
CA SER A 365 -27.69 -2.90 25.82
C SER A 365 -28.97 -2.46 25.12
N VAL A 366 -30.04 -3.25 25.24
CA VAL A 366 -31.26 -2.90 24.53
C VAL A 366 -32.01 -1.81 25.26
N GLN A 367 -31.88 -1.73 26.58
CA GLN A 367 -32.46 -0.58 27.27
C GLN A 367 -31.82 0.70 26.76
N VAL A 368 -30.50 0.70 26.52
CA VAL A 368 -29.89 1.88 25.90
C VAL A 368 -30.47 2.11 24.52
N LEU A 369 -30.46 1.07 23.67
CA LEU A 369 -31.04 1.17 22.33
C LEU A 369 -32.50 1.64 22.39
N ARG A 370 -33.23 1.26 23.43
CA ARG A 370 -34.61 1.74 23.57
C ARG A 370 -34.64 3.27 23.69
N THR A 371 -33.97 3.81 24.71
CA THR A 371 -34.01 5.26 24.90
C THR A 371 -33.55 5.99 23.64
N VAL A 372 -32.53 5.45 22.95
CA VAL A 372 -32.06 6.06 21.72
C VAL A 372 -33.21 6.25 20.74
N LEU A 373 -33.98 5.19 20.51
CA LEU A 373 -35.05 5.21 19.53
C LEU A 373 -36.34 5.90 20.03
N LEU B 23 14.64 20.70 17.57
CA LEU B 23 16.02 20.96 17.11
C LEU B 23 16.41 20.10 15.87
N ASN B 24 16.04 20.59 14.68
CA ASN B 24 16.28 19.87 13.43
C ASN B 24 17.57 20.36 12.78
N ILE B 25 18.54 19.47 12.63
CA ILE B 25 19.73 19.77 11.86
C ILE B 25 19.88 18.73 10.75
N ALA B 26 18.75 18.34 10.14
CA ALA B 26 18.74 17.33 9.08
C ALA B 26 18.55 17.94 7.70
N ASP B 27 17.36 18.46 7.43
CA ASP B 27 17.02 18.89 6.08
C ASP B 27 17.90 20.05 5.63
N GLY B 28 18.42 19.94 4.41
CA GLY B 28 19.41 20.90 3.93
C GLY B 28 18.89 22.31 3.69
N HIS B 29 17.57 22.51 3.53
CA HIS B 29 17.08 23.85 3.21
C HIS B 29 17.19 24.81 4.40
N ALA B 30 17.16 26.11 4.09
CA ALA B 30 17.52 27.15 5.07
C ALA B 30 16.38 27.45 6.02
N ARG B 31 16.70 27.54 7.31
CA ARG B 31 15.72 27.89 8.35
C ARG B 31 16.19 29.01 9.27
N GLN B 32 17.35 29.61 9.05
CA GLN B 32 17.72 30.76 9.87
C GLN B 32 16.74 31.89 9.62
N ALA B 33 16.79 32.91 10.49
CA ALA B 33 15.95 34.08 10.33
C ALA B 33 16.27 34.79 9.01
N LEU B 34 15.30 35.52 8.48
CA LEU B 34 15.56 36.42 7.37
C LEU B 34 16.48 37.55 7.81
N SER B 35 17.30 38.03 6.88
CA SER B 35 18.05 39.26 7.12
C SER B 35 17.07 40.43 7.02
N PRO B 36 17.46 41.60 7.50
CA PRO B 36 16.60 42.78 7.31
C PRO B 36 16.25 43.01 5.86
N GLY B 37 17.20 42.80 4.94
CA GLY B 37 16.94 43.07 3.54
C GLY B 37 15.95 42.11 2.95
N GLN B 38 16.02 40.87 3.40
CA GLN B 38 15.13 39.83 2.90
C GLN B 38 13.72 40.00 3.46
N GLN B 39 13.62 40.44 4.71
CA GLN B 39 12.33 40.72 5.32
C GLN B 39 11.63 41.84 4.56
N LYS B 40 12.40 42.80 4.07
CA LYS B 40 11.81 43.88 3.30
C LYS B 40 11.17 43.35 2.02
N ILE B 41 11.77 42.32 1.42
CA ILE B 41 11.18 41.68 0.25
C ILE B 41 9.87 40.98 0.63
N VAL B 42 9.87 40.27 1.75
CA VAL B 42 8.63 39.61 2.19
C VAL B 42 7.53 40.65 2.40
N ASN B 43 7.87 41.79 3.00
CA ASN B 43 6.83 42.80 3.25
C ASN B 43 6.28 43.38 1.96
N GLU B 44 7.00 43.23 0.86
CA GLU B 44 6.60 43.75 -0.44
C GLU B 44 5.89 42.72 -1.29
N LEU B 45 5.58 41.56 -0.75
CA LEU B 45 4.92 40.55 -1.57
C LEU B 45 3.63 41.04 -2.18
N PRO B 46 2.83 41.89 -1.53
CA PRO B 46 1.66 42.42 -2.22
C PRO B 46 2.02 43.20 -3.47
N VAL B 47 3.16 43.90 -3.46
CA VAL B 47 3.57 44.71 -4.61
C VAL B 47 4.12 43.82 -5.72
N LEU B 48 4.83 42.75 -5.36
CA LEU B 48 5.33 41.83 -6.36
C LEU B 48 4.17 41.06 -6.99
N TRP B 49 3.12 40.79 -6.20
CA TRP B 49 1.93 40.16 -6.76
C TRP B 49 1.32 41.06 -7.82
N ALA B 50 1.19 42.35 -7.51
CA ALA B 50 0.61 43.26 -8.47
C ALA B 50 1.43 43.32 -9.75
N GLU B 51 2.75 43.37 -9.62
CA GLU B 51 3.63 43.35 -10.78
C GLU B 51 3.47 42.05 -11.57
N SER B 52 3.34 40.92 -10.86
CA SER B 52 3.15 39.63 -11.53
C SER B 52 1.84 39.55 -12.29
N GLU B 53 0.79 40.23 -11.80
CA GLU B 53 -0.50 40.28 -12.48
C GLU B 53 -0.45 41.09 -13.76
N GLN B 54 0.40 42.12 -13.76
CA GLN B 54 0.44 43.14 -14.79
C GLN B 54 1.46 42.88 -15.90
N ARG B 55 2.64 42.21 -15.59
CA ARG B 55 3.65 42.09 -16.65
C ARG B 55 3.68 40.70 -17.26
N PRO B 56 4.13 40.56 -18.51
CA PRO B 56 4.28 39.21 -19.07
C PRO B 56 5.23 38.38 -18.24
N VAL B 57 4.82 37.14 -17.97
CA VAL B 57 5.64 36.28 -17.14
C VAL B 57 7.05 36.16 -17.73
N GLN B 58 7.15 36.11 -19.06
CA GLN B 58 8.46 35.98 -19.69
C GLN B 58 9.41 37.11 -19.28
N GLN B 59 8.89 38.33 -19.11
CA GLN B 59 9.74 39.46 -18.76
C GLN B 59 10.29 39.32 -17.34
N ILE B 60 9.45 38.94 -16.39
CA ILE B 60 9.89 38.72 -15.02
C ILE B 60 10.85 37.54 -14.97
N GLU B 61 10.51 36.47 -15.70
CA GLU B 61 11.37 35.31 -15.80
C GLU B 61 12.75 35.70 -16.32
N SER B 62 12.80 36.50 -17.39
CA SER B 62 14.09 36.91 -17.93
C SER B 62 14.91 37.62 -16.87
N GLU B 63 14.26 38.51 -16.10
CA GLU B 63 14.95 39.27 -15.06
C GLU B 63 15.39 38.37 -13.92
N ALA B 64 14.56 37.40 -13.53
CA ALA B 64 14.95 36.45 -12.49
C ALA B 64 16.18 35.68 -12.92
N HIS B 65 16.13 35.08 -14.11
CA HIS B 65 17.29 34.35 -14.62
C HIS B 65 18.52 35.24 -14.63
N GLN B 66 18.41 36.41 -15.27
CA GLN B 66 19.54 37.33 -15.30
C GLN B 66 20.10 37.60 -13.90
N ALA B 67 19.25 37.94 -12.94
CA ALA B 67 19.78 38.30 -11.62
C ALA B 67 20.46 37.12 -10.97
N TYR B 68 19.84 35.94 -11.05
CA TYR B 68 20.42 34.75 -10.45
C TYR B 68 21.73 34.35 -11.12
N PHE B 69 21.72 34.14 -12.44
CA PHE B 69 22.93 33.71 -13.12
C PHE B 69 24.06 34.70 -12.88
N THR B 70 23.79 35.99 -13.02
CA THR B 70 24.91 36.93 -12.92
C THR B 70 25.41 37.00 -11.49
N LEU B 71 24.49 36.93 -10.51
CA LEU B 71 24.85 36.90 -9.09
C LEU B 71 25.97 35.92 -8.84
N LEU B 72 25.92 34.77 -9.53
CA LEU B 72 26.85 33.68 -9.29
C LEU B 72 27.89 33.50 -10.41
N GLY B 73 28.11 34.54 -11.22
CA GLY B 73 29.15 34.53 -12.24
C GLY B 73 28.87 33.76 -13.51
N GLN B 74 27.64 33.31 -13.74
CA GLN B 74 27.34 32.51 -14.93
C GLN B 74 26.89 33.40 -16.10
N HIS B 75 27.81 34.29 -16.49
CA HIS B 75 27.45 35.35 -17.44
C HIS B 75 27.15 34.82 -18.85
N GLY B 76 27.84 33.78 -19.31
CA GLY B 76 27.54 33.20 -20.62
C GLY B 76 26.35 32.25 -20.69
N TYR B 77 25.48 32.27 -19.69
CA TYR B 77 24.26 31.47 -19.76
C TYR B 77 23.47 31.87 -21.01
N PRO B 78 22.78 30.93 -21.66
CA PRO B 78 22.03 31.31 -22.87
C PRO B 78 20.76 32.06 -22.49
N ALA B 79 20.69 33.32 -22.88
CA ALA B 79 19.61 34.21 -22.42
C ALA B 79 18.44 34.27 -23.38
N GLU B 80 18.51 33.59 -24.53
CA GLU B 80 17.39 33.58 -25.44
C GLU B 80 16.20 32.89 -24.75
N PRO B 81 15.01 33.47 -24.81
CA PRO B 81 13.84 32.81 -24.18
C PRO B 81 13.68 31.40 -24.70
N GLY B 82 13.46 30.47 -23.76
CA GLY B 82 13.28 29.08 -24.07
C GLY B 82 14.52 28.24 -23.86
N ARG B 83 15.68 28.85 -23.68
CA ARG B 83 16.86 28.05 -23.43
C ARG B 83 17.03 27.71 -21.96
N VAL B 84 16.51 28.53 -21.05
CA VAL B 84 16.45 28.24 -19.63
C VAL B 84 14.99 27.95 -19.32
N LEU B 85 14.71 26.71 -19.00
CA LEU B 85 13.38 26.23 -18.63
C LEU B 85 13.23 26.26 -17.12
N SER B 86 12.39 27.17 -16.61
CA SER B 86 12.16 27.24 -15.18
C SER B 86 11.24 26.10 -14.75
N CYS B 87 11.67 25.33 -13.75
CA CYS B 87 10.88 24.25 -13.18
C CYS B 87 10.54 24.55 -11.73
N TYR B 88 9.56 23.82 -11.22
CA TYR B 88 9.12 23.99 -9.85
C TYR B 88 10.22 23.67 -8.87
N SER B 89 11.12 22.78 -9.24
CA SER B 89 12.19 22.40 -8.33
C SER B 89 13.34 21.83 -9.14
N SER B 90 14.47 21.72 -8.48
CA SER B 90 15.60 21.01 -9.05
C SER B 90 15.22 19.56 -9.37
N SER B 91 14.40 18.93 -8.51
CA SER B 91 14.07 17.52 -8.73
C SER B 91 13.10 17.33 -9.90
N VAL B 92 12.23 18.30 -10.15
CA VAL B 92 11.40 18.22 -11.34
C VAL B 92 12.26 18.33 -12.60
N SER B 93 13.20 19.30 -12.64
CA SER B 93 14.16 19.34 -13.75
C SER B 93 14.85 18.00 -13.91
N MET B 94 15.18 17.39 -12.79
CA MET B 94 15.93 16.16 -12.81
C MET B 94 15.07 15.01 -13.32
N GLU B 95 13.77 15.00 -12.97
CA GLU B 95 12.85 14.02 -13.52
C GLU B 95 12.74 14.15 -15.04
N ILE B 96 12.62 15.39 -15.53
CA ILE B 96 12.62 15.65 -16.98
C ILE B 96 13.89 15.13 -17.62
N LEU B 97 15.03 15.43 -17.04
CA LEU B 97 16.27 15.00 -17.66
C LEU B 97 16.37 13.48 -17.66
N ALA B 98 16.01 12.86 -16.54
CA ALA B 98 16.10 11.41 -16.46
C ALA B 98 15.20 10.74 -17.50
N ARG B 99 13.95 11.17 -17.59
CA ARG B 99 13.08 10.54 -18.56
C ARG B 99 13.55 10.84 -19.99
N SER B 100 14.16 12.00 -20.22
CA SER B 100 14.67 12.34 -21.56
C SER B 100 15.86 11.46 -21.94
N LEU B 101 16.78 11.26 -20.98
CA LEU B 101 17.95 10.41 -21.20
C LEU B 101 17.50 9.01 -21.58
N SER B 102 16.42 8.54 -20.97
CA SER B 102 15.98 7.19 -21.25
C SER B 102 15.62 6.99 -22.73
N ALA B 103 15.39 8.06 -23.50
CA ALA B 103 15.08 7.83 -24.91
C ALA B 103 16.25 7.27 -25.68
N SER B 104 17.48 7.55 -25.27
CA SER B 104 18.61 7.17 -26.09
C SER B 104 19.83 6.72 -25.30
N VAL B 105 19.74 6.62 -23.98
CA VAL B 105 20.87 6.30 -23.14
C VAL B 105 20.49 5.12 -22.26
N ASP B 106 21.43 4.20 -22.09
CA ASP B 106 21.17 3.06 -21.22
C ASP B 106 21.86 3.21 -19.88
N ARG B 107 23.00 3.87 -19.84
CA ARG B 107 23.87 3.87 -18.67
C ARG B 107 24.39 5.27 -18.42
N VAL B 108 24.45 5.64 -17.14
CA VAL B 108 24.88 6.97 -16.72
C VAL B 108 25.98 6.83 -15.68
N ALA B 109 27.07 7.55 -15.87
CA ALA B 109 28.11 7.67 -14.86
C ALA B 109 27.72 8.79 -13.88
N LEU B 110 27.61 8.47 -12.60
CA LEU B 110 27.15 9.42 -11.59
C LEU B 110 28.14 9.52 -10.43
N VAL B 111 28.47 10.75 -10.01
CA VAL B 111 29.39 10.93 -8.87
C VAL B 111 28.84 10.26 -7.64
N HIS B 112 29.74 9.72 -6.84
CA HIS B 112 29.41 8.93 -5.68
C HIS B 112 30.37 9.37 -4.57
N PRO B 113 29.87 9.76 -3.41
CA PRO B 113 28.47 9.93 -3.01
C PRO B 113 27.84 11.18 -3.65
N THR B 114 26.52 11.27 -3.61
CA THR B 114 25.79 12.46 -4.01
C THR B 114 24.38 12.40 -3.43
N PHE B 115 23.62 13.45 -3.68
CA PHE B 115 22.23 13.45 -3.27
C PHE B 115 21.54 12.29 -3.98
N ASP B 116 21.02 11.34 -3.20
CA ASP B 116 20.66 10.05 -3.78
C ASP B 116 19.33 10.08 -4.54
N ASN B 117 18.52 11.13 -4.38
CA ASN B 117 17.37 11.23 -5.26
C ASN B 117 17.81 11.33 -6.72
N ILE B 118 18.98 11.90 -6.99
CA ILE B 118 19.45 11.93 -8.38
C ILE B 118 19.58 10.50 -8.91
N ALA B 119 20.19 9.62 -8.13
CA ALA B 119 20.28 8.22 -8.53
C ALA B 119 18.90 7.59 -8.59
N ASP B 120 18.03 7.89 -7.64
CA ASP B 120 16.73 7.24 -7.70
C ASP B 120 15.91 7.72 -8.89
N LEU B 121 16.01 9.01 -9.25
CA LEU B 121 15.33 9.48 -10.45
C LEU B 121 15.93 8.86 -11.72
N LEU B 122 17.25 8.77 -11.82
CA LEU B 122 17.82 8.12 -13.00
C LEU B 122 17.38 6.67 -13.07
N ARG B 123 17.50 5.96 -11.93
CA ARG B 123 17.21 4.53 -11.93
C ARG B 123 15.73 4.26 -12.24
N GLY B 124 14.85 5.08 -11.67
CA GLY B 124 13.44 4.85 -11.83
C GLY B 124 12.95 5.14 -13.23
N ASN B 125 13.68 5.94 -13.99
CA ASN B 125 13.40 6.10 -15.40
C ASN B 125 14.16 5.14 -16.30
N GLY B 126 14.73 4.06 -15.76
CA GLY B 126 15.27 3.02 -16.59
C GLY B 126 16.76 3.07 -16.86
N LEU B 127 17.49 4.03 -16.29
CA LEU B 127 18.92 4.11 -16.52
C LEU B 127 19.65 3.21 -15.55
N ASP B 128 20.64 2.49 -16.06
CA ASP B 128 21.62 1.85 -15.18
C ASP B 128 22.69 2.88 -14.79
N LEU B 129 23.29 2.69 -13.62
CA LEU B 129 24.14 3.70 -13.00
C LEU B 129 25.53 3.12 -12.79
N VAL B 130 26.55 3.91 -13.09
CA VAL B 130 27.93 3.54 -12.86
C VAL B 130 28.48 4.58 -11.90
N PRO B 131 28.87 4.21 -10.67
CA PRO B 131 29.45 5.19 -9.75
C PRO B 131 30.82 5.67 -10.20
N VAL B 132 31.10 6.95 -9.97
CA VAL B 132 32.42 7.54 -10.19
C VAL B 132 32.78 8.20 -8.88
N GLU B 133 33.79 7.67 -8.19
CA GLU B 133 34.24 8.25 -6.93
C GLU B 133 34.88 9.60 -7.18
N GLU B 134 34.84 10.42 -6.13
CA GLU B 134 35.27 11.82 -6.28
C GLU B 134 36.72 11.93 -6.70
N ASP B 135 37.60 11.07 -6.17
CA ASP B 135 39.01 11.17 -6.56
C ASP B 135 39.17 10.91 -8.07
N ALA B 136 38.52 9.86 -8.60
CA ALA B 136 38.56 9.62 -10.04
C ALA B 136 38.00 10.81 -10.81
N LEU B 137 36.92 11.40 -10.32
CA LEU B 137 36.25 12.45 -11.09
C LEU B 137 37.09 13.72 -11.16
N HIS B 138 37.61 14.17 -10.00
CA HIS B 138 38.33 15.43 -9.98
C HIS B 138 39.79 15.25 -10.40
N GLY B 139 40.37 14.07 -10.17
CA GLY B 139 41.80 13.86 -10.28
C GLY B 139 42.35 13.47 -11.65
N ALA B 140 41.52 12.89 -12.51
CA ALA B 140 42.01 12.35 -13.75
C ALA B 140 40.89 12.32 -14.79
N ASP B 141 41.33 12.31 -16.04
CA ASP B 141 40.46 12.09 -17.17
C ASP B 141 39.69 10.80 -16.91
N LEU B 142 38.44 10.78 -17.28
CA LEU B 142 37.69 9.54 -17.20
C LEU B 142 38.27 8.57 -18.22
N SER B 143 38.30 7.31 -17.88
CA SER B 143 38.87 6.36 -18.80
C SER B 143 37.99 6.20 -20.02
N ALA B 144 38.62 5.80 -21.11
CA ALA B 144 37.90 5.52 -22.34
C ALA B 144 36.91 4.38 -22.15
N GLU B 145 37.27 3.40 -21.32
CA GLU B 145 36.39 2.27 -21.11
C GLU B 145 35.11 2.72 -20.42
N LEU B 146 35.24 3.56 -19.38
CA LEU B 146 34.05 4.12 -18.73
C LEU B 146 33.18 4.90 -19.72
N LEU B 147 33.79 5.85 -20.43
CA LEU B 147 33.01 6.70 -21.32
C LEU B 147 32.40 5.92 -22.48
N SER B 148 33.08 4.87 -22.94
CA SER B 148 32.54 4.05 -24.01
C SER B 148 31.42 3.16 -23.55
N SER B 149 31.08 3.19 -22.26
CA SER B 149 30.02 2.36 -21.72
C SER B 149 28.86 3.16 -21.17
N VAL B 150 28.91 4.49 -21.21
CA VAL B 150 27.81 5.33 -20.74
C VAL B 150 27.45 6.35 -21.81
N GLY B 151 26.20 6.80 -21.78
CA GLY B 151 25.70 7.87 -22.65
C GLY B 151 25.68 9.22 -21.96
N CYS B 152 26.00 9.27 -20.67
CA CYS B 152 25.88 10.52 -19.93
C CYS B 152 26.80 10.45 -18.72
N VAL B 153 27.47 11.55 -18.43
CA VAL B 153 28.20 11.74 -17.18
C VAL B 153 27.47 12.83 -16.39
N PHE B 154 27.13 12.51 -15.13
CA PHE B 154 26.36 13.39 -14.26
C PHE B 154 27.20 13.79 -13.04
N VAL B 155 27.41 15.10 -12.85
CA VAL B 155 28.22 15.62 -11.77
C VAL B 155 27.45 16.64 -10.93
N THR B 156 27.40 16.41 -9.62
CA THR B 156 26.82 17.38 -8.70
C THR B 156 27.97 18.26 -8.17
N THR B 157 27.87 19.57 -8.39
CA THR B 157 28.94 20.46 -8.01
C THR B 157 28.46 21.86 -7.70
N PRO B 158 28.76 22.37 -6.49
CA PRO B 158 29.35 21.72 -5.31
C PRO B 158 28.58 20.49 -4.94
N ASN B 159 29.30 19.46 -4.51
CA ASN B 159 28.62 18.21 -4.27
C ASN B 159 27.98 18.23 -2.90
N ASN B 160 26.85 17.54 -2.80
CA ASN B 160 26.18 17.30 -1.55
C ASN B 160 26.30 15.80 -1.33
N PRO B 161 26.93 15.38 -0.22
CA PRO B 161 27.23 16.11 1.01
C PRO B 161 28.63 16.63 1.20
N THR B 162 29.51 16.53 0.21
CA THR B 162 30.93 16.75 0.47
C THR B 162 31.34 18.21 0.32
N GLY B 163 30.56 19.03 -0.38
CA GLY B 163 30.96 20.39 -0.71
C GLY B 163 31.97 20.49 -1.83
N ARG B 164 32.44 19.36 -2.35
CA ARG B 164 33.53 19.37 -3.31
C ARG B 164 33.11 20.03 -4.62
N VAL B 165 33.94 20.95 -5.11
CA VAL B 165 33.62 21.78 -6.28
C VAL B 165 34.44 21.32 -7.48
N LEU B 166 33.77 21.06 -8.60
CA LEU B 166 34.44 20.76 -9.85
C LEU B 166 35.14 22.01 -10.39
N ALA B 167 36.46 21.98 -10.41
CA ALA B 167 37.25 23.14 -10.82
C ALA B 167 37.18 23.34 -12.33
N GLU B 168 37.36 24.58 -12.74
CA GLU B 168 37.24 24.94 -14.15
C GLU B 168 38.10 24.05 -15.04
N GLU B 169 39.37 23.86 -14.67
CA GLU B 169 40.28 23.08 -15.49
C GLU B 169 39.75 21.65 -15.68
N ARG B 170 39.11 21.09 -14.66
CA ARG B 170 38.63 19.72 -14.77
C ARG B 170 37.32 19.71 -15.53
N LEU B 171 36.46 20.68 -15.28
CA LEU B 171 35.25 20.85 -16.06
C LEU B 171 35.59 20.93 -17.55
N ARG B 172 36.61 21.70 -17.89
CA ARG B 172 36.96 21.86 -19.29
C ARG B 172 37.38 20.52 -19.89
N ARG B 173 38.24 19.79 -19.18
CA ARG B 173 38.74 18.54 -19.70
C ARG B 173 37.61 17.52 -19.80
N LEU B 174 36.71 17.54 -18.83
CA LEU B 174 35.59 16.62 -18.86
C LEU B 174 34.64 16.95 -20.01
N ALA B 175 34.35 18.23 -20.22
CA ALA B 175 33.50 18.62 -21.34
C ALA B 175 34.15 18.26 -22.70
N GLU B 176 35.45 18.41 -22.82
CA GLU B 176 36.12 18.00 -24.06
C GLU B 176 36.05 16.49 -24.25
N GLN B 177 36.29 15.72 -23.17
CA GLN B 177 36.18 14.28 -23.29
C GLN B 177 34.79 13.88 -23.71
N CYS B 178 33.77 14.55 -23.16
CA CYS B 178 32.41 14.19 -23.50
C CYS B 178 32.13 14.47 -24.96
N ALA B 179 32.62 15.61 -25.47
CA ALA B 179 32.42 15.96 -26.86
C ALA B 179 33.10 14.95 -27.78
N GLU B 180 34.32 14.51 -27.45
CA GLU B 180 34.98 13.48 -28.28
C GLU B 180 34.21 12.17 -28.31
N HIS B 181 33.54 11.83 -27.22
CA HIS B 181 32.94 10.53 -27.05
C HIS B 181 31.47 10.52 -27.46
N GLY B 182 30.91 11.67 -27.82
CA GLY B 182 29.49 11.75 -28.06
C GLY B 182 28.63 11.61 -26.83
N THR B 183 29.19 11.92 -25.66
CA THR B 183 28.53 11.69 -24.36
C THR B 183 27.87 12.96 -23.86
N VAL B 184 26.72 12.81 -23.19
CA VAL B 184 26.09 13.97 -22.55
C VAL B 184 26.81 14.27 -21.23
N LEU B 185 27.13 15.56 -21.00
CA LEU B 185 27.59 16.04 -19.70
C LEU B 185 26.47 16.79 -18.96
N ALA B 186 26.12 16.29 -17.77
CA ALA B 186 25.02 16.82 -16.97
C ALA B 186 25.56 17.30 -15.62
N LEU B 187 25.21 18.52 -15.24
CA LEU B 187 25.66 19.13 -13.98
C LEU B 187 24.47 19.53 -13.14
N ASP B 188 24.50 19.19 -11.85
CA ASP B 188 23.62 19.73 -10.83
C ASP B 188 24.40 20.73 -9.98
N THR B 189 23.98 21.99 -10.03
CA THR B 189 24.72 23.07 -9.40
C THR B 189 23.90 23.76 -8.32
N SER B 190 23.04 23.02 -7.62
CA SER B 190 22.13 23.65 -6.66
C SER B 190 22.86 24.32 -5.49
N PHE B 191 24.08 23.89 -5.15
CA PHE B 191 24.79 24.50 -4.04
C PHE B 191 25.75 25.58 -4.48
N ARG B 192 25.69 25.97 -5.75
CA ARG B 192 26.64 26.92 -6.32
C ARG B 192 26.82 28.17 -5.46
N GLY B 193 25.70 28.75 -5.01
CA GLY B 193 25.75 30.05 -4.36
C GLY B 193 26.59 30.07 -3.09
N PHE B 194 26.70 28.94 -2.41
CA PHE B 194 27.47 28.90 -1.16
C PHE B 194 28.97 29.00 -1.36
N ASP B 195 29.50 28.63 -2.53
CA ASP B 195 30.95 28.48 -2.70
C ASP B 195 31.43 29.31 -3.89
N ALA B 196 32.20 30.37 -3.60
CA ALA B 196 32.72 31.22 -4.65
C ALA B 196 33.57 30.44 -5.65
N ALA B 197 34.19 29.34 -5.23
CA ALA B 197 34.95 28.52 -6.18
C ALA B 197 34.09 27.94 -7.28
N ALA B 198 32.78 28.01 -7.15
CA ALA B 198 31.85 27.53 -8.15
C ALA B 198 31.27 28.65 -8.99
N HIS B 199 31.82 29.86 -8.84
CA HIS B 199 31.28 31.04 -9.50
C HIS B 199 32.07 31.44 -10.73
N TYR B 200 33.03 30.64 -11.17
CA TYR B 200 33.57 30.83 -12.51
C TYR B 200 32.48 30.39 -13.49
N ASP B 201 32.55 30.89 -14.73
CA ASP B 201 31.43 30.73 -15.67
C ASP B 201 31.42 29.32 -16.26
N HIS B 202 30.50 28.48 -15.79
CA HIS B 202 30.41 27.14 -16.35
C HIS B 202 29.94 27.16 -17.79
N TYR B 203 29.02 28.08 -18.12
CA TYR B 203 28.45 28.08 -19.47
C TYR B 203 29.50 28.41 -20.52
N ALA B 204 30.44 29.27 -20.19
CA ALA B 204 31.49 29.57 -21.13
C ALA B 204 32.33 28.34 -21.41
N VAL B 205 32.65 27.57 -20.37
CA VAL B 205 33.46 26.36 -20.56
C VAL B 205 32.71 25.37 -21.44
N LEU B 206 31.44 25.15 -21.13
CA LEU B 206 30.68 24.13 -21.84
C LEU B 206 30.50 24.51 -23.30
N GLN B 207 30.23 25.80 -23.57
CA GLN B 207 30.00 26.19 -24.94
C GLN B 207 31.27 26.14 -25.76
N GLU B 208 32.43 26.41 -25.14
CA GLU B 208 33.68 26.33 -25.88
C GLU B 208 34.02 24.87 -26.20
N ALA B 209 33.77 23.95 -25.28
CA ALA B 209 34.09 22.55 -25.57
C ALA B 209 33.13 21.94 -26.60
N GLY B 210 31.89 22.40 -26.66
CA GLY B 210 30.97 21.92 -27.66
C GLY B 210 30.42 20.52 -27.41
N CYS B 211 30.41 20.06 -26.17
CA CYS B 211 29.76 18.80 -25.88
C CYS B 211 28.26 19.03 -25.80
N ARG B 212 27.52 17.94 -25.83
CA ARG B 212 26.13 17.95 -25.43
C ARG B 212 26.08 18.12 -23.92
N TRP B 213 25.48 19.22 -23.44
CA TRP B 213 25.48 19.48 -22.02
C TRP B 213 24.11 19.91 -21.53
N VAL B 214 23.90 19.66 -20.25
CA VAL B 214 22.73 20.14 -19.54
C VAL B 214 23.15 20.51 -18.13
N VAL B 215 22.63 21.64 -17.65
CA VAL B 215 22.87 22.09 -16.29
C VAL B 215 21.53 22.28 -15.58
N ILE B 216 21.44 21.81 -14.35
CA ILE B 216 20.29 22.10 -13.52
C ILE B 216 20.73 23.04 -12.40
N GLU B 217 20.26 24.30 -12.47
CA GLU B 217 20.45 25.25 -11.38
C GLU B 217 19.28 25.12 -10.42
N ASP B 218 19.44 25.68 -9.23
CA ASP B 218 18.44 25.61 -8.16
C ASP B 218 18.56 26.84 -7.29
N THR B 219 17.45 27.48 -6.96
CA THR B 219 17.50 28.58 -5.99
C THR B 219 17.12 28.17 -4.58
N GLY B 220 16.68 26.93 -4.38
CA GLY B 220 15.96 26.57 -3.17
C GLY B 220 16.78 26.30 -1.93
N LYS B 221 18.12 26.27 -2.02
CA LYS B 221 18.95 25.99 -0.85
C LYS B 221 19.65 27.22 -0.28
N LEU B 222 19.67 28.33 -1.01
CA LEU B 222 20.41 29.51 -0.55
C LEU B 222 19.72 30.20 0.60
N TRP B 223 18.40 30.39 0.48
CA TRP B 223 17.69 31.38 1.25
C TRP B 223 16.53 30.74 1.97
N PRO B 224 16.15 31.29 3.12
CA PRO B 224 14.98 30.75 3.86
C PRO B 224 13.67 31.28 3.27
N THR B 225 13.34 30.77 2.09
CA THR B 225 12.19 31.22 1.32
C THR B 225 11.00 30.26 1.42
N LEU B 226 10.96 29.43 2.47
CA LEU B 226 9.83 28.52 2.66
C LEU B 226 9.58 27.65 1.41
N ASP B 227 10.65 27.16 0.79
CA ASP B 227 10.53 26.27 -0.37
C ASP B 227 9.86 26.90 -1.58
N LEU B 228 9.80 28.23 -1.63
CA LEU B 228 9.45 28.96 -2.84
C LEU B 228 10.73 29.15 -3.63
N LYS B 229 10.78 28.54 -4.82
CA LYS B 229 12.06 28.28 -5.49
C LYS B 229 11.77 27.87 -6.93
N ALA B 230 12.85 27.73 -7.70
CA ALA B 230 12.77 27.19 -9.04
C ALA B 230 14.01 26.34 -9.31
N GLY B 231 13.81 25.21 -10.00
CA GLY B 231 14.88 24.54 -10.72
C GLY B 231 15.00 25.15 -12.11
N LEU B 232 16.23 25.34 -12.58
CA LEU B 232 16.44 25.93 -13.90
C LEU B 232 17.19 24.95 -14.77
N LEU B 233 16.54 24.49 -15.82
CA LEU B 233 17.05 23.44 -16.69
C LEU B 233 17.64 24.07 -17.94
N VAL B 234 18.97 24.05 -18.08
CA VAL B 234 19.67 24.68 -19.20
C VAL B 234 20.37 23.61 -20.04
N PHE B 235 20.33 23.74 -21.37
CA PHE B 235 20.87 22.66 -22.20
C PHE B 235 21.43 23.19 -23.52
N SER B 236 22.42 22.50 -24.05
CA SER B 236 22.99 22.88 -25.34
C SER B 236 21.98 22.70 -26.44
N GLU B 237 22.13 23.47 -27.50
CA GLU B 237 21.19 23.37 -28.61
C GLU B 237 21.26 22.00 -29.30
N ASP B 238 22.39 21.30 -29.16
CA ASP B 238 22.54 20.00 -29.79
C ASP B 238 22.41 18.87 -28.77
N ILE B 239 21.67 19.10 -27.68
CA ILE B 239 21.57 18.12 -26.61
C ILE B 239 21.11 16.79 -27.16
N GLY B 240 20.28 16.81 -28.19
CA GLY B 240 19.81 15.53 -28.74
C GLY B 240 18.99 14.69 -27.80
N LEU B 241 18.31 15.31 -26.85
CA LEU B 241 17.39 14.63 -25.98
C LEU B 241 16.09 15.41 -25.97
N PRO B 242 14.99 14.76 -25.78
CA PRO B 242 13.68 15.44 -25.76
C PRO B 242 13.35 16.20 -24.45
N VAL B 243 14.32 16.97 -23.94
CA VAL B 243 14.07 17.73 -22.70
C VAL B 243 12.94 18.74 -22.89
N GLU B 244 12.89 19.45 -24.02
CA GLU B 244 11.89 20.50 -24.18
C GLU B 244 10.51 19.89 -24.24
N LYS B 245 10.39 18.78 -24.96
CA LYS B 245 9.12 18.11 -25.12
C LYS B 245 8.63 17.55 -23.79
N ILE B 246 9.51 16.87 -23.06
CA ILE B 246 9.11 16.32 -21.78
C ILE B 246 8.83 17.44 -20.77
N TYR B 247 9.58 18.53 -20.82
CA TYR B 247 9.29 19.66 -19.93
C TYR B 247 7.85 20.10 -20.13
N SER B 248 7.49 20.34 -21.39
CA SER B 248 6.16 20.80 -21.75
C SER B 248 5.08 19.85 -21.30
N ASP B 249 5.38 18.57 -21.15
CA ASP B 249 4.38 17.64 -20.66
C ASP B 249 4.15 17.83 -19.18
N ILE B 250 5.11 18.35 -18.45
CA ILE B 250 4.99 18.47 -17.02
C ILE B 250 4.54 19.87 -16.60
N LEU B 251 5.01 20.93 -17.27
CA LEU B 251 4.55 22.26 -16.90
C LEU B 251 4.77 23.22 -18.06
N LEU B 252 4.01 24.32 -18.04
CA LEU B 252 4.24 25.47 -18.91
C LEU B 252 5.24 26.47 -18.33
N GLY B 253 5.35 26.57 -17.01
CA GLY B 253 6.27 27.50 -16.39
C GLY B 253 6.03 27.54 -14.90
N VAL B 254 6.76 28.42 -14.20
CA VAL B 254 6.57 28.58 -12.76
C VAL B 254 5.92 29.93 -12.48
N SER B 255 5.43 30.08 -11.26
CA SER B 255 4.67 31.27 -10.88
C SER B 255 5.49 32.54 -11.08
N PRO B 256 4.96 33.57 -11.73
CA PRO B 256 5.66 34.86 -11.77
C PRO B 256 5.99 35.40 -10.39
N LEU B 257 5.18 35.08 -9.37
CA LEU B 257 5.50 35.59 -8.04
C LEU B 257 6.80 34.97 -7.53
N ILE B 258 7.00 33.68 -7.76
CA ILE B 258 8.23 33.05 -7.32
C ILE B 258 9.41 33.58 -8.10
N LEU B 259 9.25 33.73 -9.43
CA LEU B 259 10.30 34.33 -10.24
C LEU B 259 10.62 35.74 -9.75
N ALA B 260 9.60 36.53 -9.43
CA ALA B 260 9.86 37.85 -8.90
C ALA B 260 10.61 37.76 -7.58
N LEU B 261 10.26 36.78 -6.75
CA LEU B 261 10.96 36.59 -5.49
C LEU B 261 12.42 36.26 -5.72
N ILE B 262 12.69 35.30 -6.61
CA ILE B 262 14.08 34.99 -6.98
C ILE B 262 14.81 36.25 -7.43
N ARG B 263 14.19 37.02 -8.33
CA ARG B 263 14.77 38.27 -8.77
C ARG B 263 15.21 39.11 -7.58
N GLU B 264 14.30 39.35 -6.63
CA GLU B 264 14.57 40.25 -5.50
C GLU B 264 15.59 39.68 -4.53
N PHE B 265 15.48 38.39 -4.19
CA PHE B 265 16.45 37.77 -3.29
C PHE B 265 17.84 37.75 -3.91
N SER B 266 17.93 37.54 -5.23
CA SER B 266 19.23 37.58 -5.91
C SER B 266 19.82 38.97 -5.86
N ARG B 267 18.97 40.00 -6.05
CA ARG B 267 19.48 41.36 -5.98
C ARG B 267 19.92 41.70 -4.57
N ASP B 268 19.15 41.31 -3.55
CA ASP B 268 19.60 41.55 -2.18
C ASP B 268 20.90 40.78 -1.91
N ALA B 269 21.03 39.57 -2.46
CA ALA B 269 22.27 38.82 -2.35
C ALA B 269 23.44 39.56 -2.98
N ALA B 270 23.21 40.12 -4.18
CA ALA B 270 24.26 40.82 -4.89
C ALA B 270 24.66 42.11 -4.18
N ASP B 271 23.78 42.64 -3.33
CA ASP B 271 24.06 43.89 -2.62
C ASP B 271 24.58 43.64 -1.22
N GLY B 272 25.24 42.50 -1.00
CA GLY B 272 25.90 42.20 0.25
C GLY B 272 25.35 40.98 0.97
N GLY B 273 24.14 40.51 0.65
CA GLY B 273 23.59 39.39 1.37
C GLY B 273 24.38 38.11 1.16
N LEU B 274 24.93 37.90 -0.05
CA LEU B 274 25.62 36.64 -0.31
C LEU B 274 26.91 36.55 0.50
N ALA B 275 27.68 37.64 0.53
CA ALA B 275 28.81 37.71 1.44
C ALA B 275 28.37 37.47 2.87
N ASP B 276 27.28 38.10 3.28
CA ASP B 276 26.80 37.92 4.65
C ASP B 276 26.44 36.45 4.89
N LEU B 277 25.83 35.82 3.88
CA LEU B 277 25.50 34.40 3.99
C LEU B 277 26.75 33.54 4.12
N HIS B 278 27.74 33.76 3.25
CA HIS B 278 29.00 33.04 3.39
C HIS B 278 29.62 33.22 4.78
N ALA B 279 29.55 34.44 5.32
CA ALA B 279 30.07 34.68 6.67
C ALA B 279 29.24 33.94 7.71
N PHE B 280 27.94 33.80 7.48
CA PHE B 280 27.09 33.12 8.44
C PHE B 280 27.38 31.63 8.41
N ILE B 281 27.43 31.07 7.21
CA ILE B 281 27.69 29.63 7.05
C ILE B 281 29.05 29.29 7.62
N LEU B 282 30.04 30.12 7.36
CA LEU B 282 31.35 29.89 7.97
C LEU B 282 31.25 29.94 9.49
N HIS B 283 30.51 30.92 10.02
CA HIS B 283 30.36 30.99 11.47
C HIS B 283 29.73 29.71 12.00
N ASN B 284 28.68 29.23 11.34
CA ASN B 284 28.01 28.05 11.85
C ASN B 284 28.89 26.81 11.73
N ARG B 285 29.62 26.68 10.64
CA ARG B 285 30.55 25.55 10.52
C ARG B 285 31.58 25.54 11.66
N SER B 286 32.06 26.72 12.09
CA SER B 286 33.04 26.79 13.17
C SER B 286 32.43 26.42 14.52
N VAL B 287 31.18 26.82 14.76
CA VAL B 287 30.46 26.40 15.97
C VAL B 287 30.43 24.88 16.07
N VAL B 288 30.08 24.23 14.97
CA VAL B 288 30.01 22.78 14.92
C VAL B 288 31.38 22.19 15.21
N ARG B 289 32.38 22.65 14.47
CA ARG B 289 33.72 22.11 14.69
C ARG B 289 34.23 22.44 16.09
N ARG B 290 33.96 23.63 16.61
CA ARG B 290 34.38 23.95 17.98
C ARG B 290 33.83 22.94 18.96
N ALA B 291 32.53 22.64 18.83
CA ALA B 291 31.83 21.84 19.83
C ALA B 291 32.28 20.39 19.82
N LEU B 292 32.70 19.89 18.67
CA LEU B 292 32.94 18.46 18.48
C LEU B 292 34.40 18.10 18.33
N ALA B 293 35.27 19.09 18.14
CA ALA B 293 36.66 18.79 17.85
C ALA B 293 37.34 18.11 19.03
N GLY B 294 36.85 18.34 20.24
CA GLY B 294 37.50 17.68 21.36
C GLY B 294 37.12 16.22 21.58
N VAL B 295 36.17 15.71 20.82
CA VAL B 295 35.55 14.41 21.06
C VAL B 295 36.36 13.33 20.36
N GLU B 296 36.63 12.23 21.07
CA GLU B 296 37.01 10.97 20.41
C GLU B 296 38.30 11.23 19.57
N GLY B 297 38.48 10.86 18.29
CA GLY B 297 37.71 9.96 17.45
C GLY B 297 36.81 10.59 16.39
N VAL B 298 36.49 11.87 16.59
CA VAL B 298 35.68 12.66 15.66
C VAL B 298 36.62 13.37 14.68
N SER B 299 36.20 13.45 13.42
CA SER B 299 36.97 14.19 12.43
C SER B 299 36.00 14.77 11.41
N PHE B 300 36.48 15.74 10.65
CA PHE B 300 35.67 16.39 9.64
C PHE B 300 36.15 16.06 8.22
N PRO B 301 35.39 15.29 7.45
CA PRO B 301 35.92 14.75 6.17
C PRO B 301 36.15 15.78 5.07
N ASP B 302 35.45 16.91 5.08
CA ASP B 302 35.55 17.89 4.03
C ASP B 302 36.06 19.18 4.65
N PRO B 303 37.35 19.26 4.95
CA PRO B 303 37.88 20.43 5.68
C PRO B 303 37.70 21.73 4.93
N GLU B 304 37.57 21.69 3.61
CA GLU B 304 37.50 22.89 2.80
C GLU B 304 36.09 23.21 2.34
N SER B 305 35.10 22.46 2.78
CA SER B 305 33.75 22.65 2.28
C SER B 305 33.17 23.97 2.75
N ARG B 306 32.39 24.56 1.86
CA ARG B 306 31.68 25.79 2.15
C ARG B 306 30.20 25.61 1.99
N SER B 307 29.74 24.37 1.77
CA SER B 307 28.31 24.10 1.68
C SER B 307 27.62 24.37 3.01
N SER B 308 26.32 24.55 2.89
CA SER B 308 25.44 24.70 4.01
C SER B 308 25.22 23.40 4.75
N VAL B 309 25.81 22.29 4.32
CA VAL B 309 25.73 21.01 5.02
C VAL B 309 27.14 20.58 5.38
N GLU B 310 27.23 19.86 6.48
CA GLU B 310 28.50 19.48 7.07
C GLU B 310 28.49 18.00 7.44
N ARG B 311 29.53 17.29 7.02
CA ARG B 311 29.78 15.91 7.44
C ARG B 311 30.65 15.84 8.68
N VAL B 312 30.33 14.90 9.56
CA VAL B 312 31.13 14.62 10.74
C VAL B 312 31.38 13.12 10.78
N ALA B 313 32.65 12.74 10.92
CA ALA B 313 33.02 11.34 11.04
C ALA B 313 33.32 10.99 12.50
N PHE B 314 33.07 9.74 12.85
CA PHE B 314 33.34 9.26 14.20
C PHE B 314 33.67 7.79 14.13
N ALA B 315 34.46 7.33 15.11
CA ALA B 315 34.90 5.94 15.14
C ALA B 315 34.01 5.13 16.07
N GLY B 316 34.12 3.82 15.93
CA GLY B 316 33.31 2.92 16.72
C GLY B 316 31.90 2.78 16.17
N ARG B 317 31.07 3.80 16.35
CA ARG B 317 29.64 3.65 16.11
C ARG B 317 29.20 4.11 14.73
N THR B 318 27.93 3.85 14.46
CA THR B 318 27.33 3.96 13.15
C THR B 318 26.49 5.25 13.06
N GLY B 319 26.49 5.85 11.87
CA GLY B 319 25.67 7.04 11.68
C GLY B 319 24.21 6.80 12.02
N THR B 320 23.72 5.62 11.67
CA THR B 320 22.36 5.22 12.02
C THR B 320 22.18 5.13 13.54
N GLU B 321 23.16 4.57 14.25
CA GLU B 321 23.11 4.49 15.71
C GLU B 321 23.14 5.88 16.35
N VAL B 322 23.98 6.78 15.81
CA VAL B 322 24.00 8.17 16.31
C VAL B 322 22.65 8.82 16.09
N TRP B 323 22.09 8.63 14.89
CA TRP B 323 20.79 9.19 14.55
C TRP B 323 19.72 8.74 15.56
N GLU B 324 19.67 7.44 15.88
CA GLU B 324 18.69 6.93 16.84
C GLU B 324 18.85 7.64 18.17
N GLU B 325 20.08 7.67 18.69
CA GLU B 325 20.36 8.27 19.99
C GLU B 325 19.98 9.75 20.01
N LEU B 326 20.33 10.50 18.95
CA LEU B 326 19.99 11.91 18.90
C LEU B 326 18.48 12.12 18.98
N GLN B 327 17.71 11.25 18.34
CA GLN B 327 16.24 11.37 18.35
C GLN B 327 15.69 11.32 19.77
N ARG B 328 16.23 10.44 20.61
CA ARG B 328 15.74 10.35 21.98
C ARG B 328 15.89 11.69 22.70
N HIS B 329 16.88 12.49 22.31
CA HIS B 329 17.03 13.84 22.83
C HIS B 329 16.41 14.88 21.91
N HIS B 330 15.56 14.47 20.97
CA HIS B 330 14.80 15.39 20.13
C HIS B 330 15.69 16.22 19.19
N VAL B 331 16.87 15.72 18.87
CA VAL B 331 17.75 16.32 17.86
C VAL B 331 17.73 15.45 16.62
N PHE B 332 17.53 16.05 15.45
CA PHE B 332 17.36 15.28 14.22
C PHE B 332 18.47 15.61 13.23
N ALA B 333 19.36 14.65 13.03
CA ALA B 333 20.40 14.77 12.02
C ALA B 333 20.21 13.68 10.98
N LEU B 334 21.12 13.61 10.02
CA LEU B 334 21.02 12.66 8.92
C LEU B 334 22.17 11.67 8.95
N PRO B 335 21.92 10.39 8.90
CA PRO B 335 23.01 9.46 8.61
C PRO B 335 23.48 9.63 7.18
N CYS B 336 24.74 9.26 6.95
CA CYS B 336 25.37 9.44 5.64
C CYS B 336 25.21 8.25 4.71
N ARG B 337 24.80 7.06 5.20
CA ARG B 337 24.61 5.91 4.32
C ARG B 337 23.95 6.30 3.01
N GLN B 338 22.82 7.01 3.09
CA GLN B 338 21.95 7.17 1.93
C GLN B 338 22.65 7.89 0.78
N PHE B 339 23.66 8.71 1.08
CA PHE B 339 24.40 9.46 0.06
C PHE B 339 25.35 8.56 -0.73
N HIS B 340 25.73 7.42 -0.16
CA HIS B 340 26.59 6.45 -0.82
C HIS B 340 25.68 5.44 -1.52
N TRP B 341 25.10 5.92 -2.63
CA TRP B 341 24.00 5.28 -3.34
C TRP B 341 24.42 4.02 -4.09
N ALA B 342 25.71 3.82 -4.30
CA ALA B 342 26.22 2.57 -4.86
C ALA B 342 26.84 1.66 -3.81
N GLU B 343 27.35 2.21 -2.71
CA GLU B 343 27.99 1.42 -1.65
C GLU B 343 27.63 2.01 -0.28
N PRO B 344 26.43 1.72 0.25
CA PRO B 344 25.97 2.41 1.48
C PRO B 344 26.96 2.34 2.63
N SER B 345 27.60 1.20 2.83
CA SER B 345 28.51 1.08 3.95
C SER B 345 29.64 2.12 3.90
N ASP B 346 29.95 2.71 2.74
CA ASP B 346 30.94 3.79 2.69
C ASP B 346 30.58 4.95 3.61
N GLY B 347 29.28 5.15 3.87
CA GLY B 347 28.82 6.24 4.72
C GLY B 347 28.42 5.83 6.13
N ASP B 348 28.75 4.62 6.56
CA ASP B 348 28.25 4.12 7.83
C ASP B 348 28.80 4.89 9.02
N HIS B 349 29.91 5.61 8.87
CA HIS B 349 30.53 6.19 10.05
C HIS B 349 30.52 7.72 10.00
N MET B 350 29.49 8.28 9.37
CA MET B 350 29.34 9.72 9.27
C MET B 350 27.88 10.13 9.46
N VAL B 351 27.68 11.35 9.94
CA VAL B 351 26.38 12.00 9.88
C VAL B 351 26.59 13.32 9.16
N ARG B 352 25.48 13.87 8.67
CA ARG B 352 25.45 15.19 8.03
C ARG B 352 24.62 16.15 8.87
N ILE B 353 25.10 17.37 8.99
CA ILE B 353 24.49 18.39 9.84
C ILE B 353 24.14 19.55 8.93
N ALA B 354 22.93 20.05 9.05
CA ALA B 354 22.51 21.22 8.29
C ALA B 354 22.99 22.47 9.00
N LEU B 355 23.61 23.37 8.24
CA LEU B 355 24.18 24.58 8.82
C LEU B 355 23.32 25.80 8.59
N SER B 356 22.35 25.72 7.67
CA SER B 356 21.45 26.82 7.40
C SER B 356 20.38 26.83 8.50
N ARG B 357 20.83 27.24 9.70
CA ARG B 357 20.04 27.24 10.91
C ARG B 357 20.47 28.41 11.77
N SER B 358 19.52 28.95 12.55
CA SER B 358 19.88 29.92 13.58
C SER B 358 20.96 29.32 14.47
N THR B 359 21.94 30.15 14.84
CA THR B 359 23.11 29.63 15.53
C THR B 359 22.75 29.08 16.92
N GLU B 360 21.80 29.69 17.64
CA GLU B 360 21.50 29.17 18.98
C GLU B 360 20.91 27.76 18.94
N PRO B 361 19.85 27.49 18.18
CA PRO B 361 19.44 26.07 18.04
C PRO B 361 20.55 25.17 17.50
N LEU B 362 21.32 25.65 16.52
CA LEU B 362 22.40 24.80 15.99
C LEU B 362 23.34 24.37 17.12
N GLU B 363 23.76 25.34 17.93
CA GLU B 363 24.73 25.06 18.98
C GLU B 363 24.15 24.09 20.00
N LYS B 364 22.89 24.30 20.41
CA LYS B 364 22.25 23.35 21.32
C LYS B 364 22.29 21.93 20.73
N SER B 365 22.02 21.81 19.43
CA SER B 365 21.99 20.48 18.79
C SER B 365 23.35 19.81 18.86
N VAL B 366 24.40 20.54 18.53
CA VAL B 366 25.72 19.93 18.52
C VAL B 366 26.25 19.72 19.94
N GLN B 367 25.80 20.50 20.92
CA GLN B 367 26.17 20.20 22.30
C GLN B 367 25.56 18.86 22.72
N VAL B 368 24.34 18.57 22.27
CA VAL B 368 23.78 17.24 22.47
C VAL B 368 24.61 16.19 21.72
N LEU B 369 24.85 16.41 20.42
CA LEU B 369 25.63 15.42 19.66
C LEU B 369 26.95 15.10 20.36
N ARG B 370 27.56 16.11 20.99
CA ARG B 370 28.84 15.89 21.67
C ARG B 370 28.69 14.88 22.81
N THR B 371 27.66 15.01 23.64
CA THR B 371 27.54 14.06 24.75
C THR B 371 27.26 12.65 24.23
N VAL B 372 26.50 12.52 23.14
CA VAL B 372 26.32 11.22 22.50
C VAL B 372 27.68 10.61 22.15
N LEU B 373 28.48 11.34 21.39
CA LEU B 373 29.71 10.81 20.80
C LEU B 373 30.83 10.59 21.82
N LEU C 23 7.61 -43.91 13.34
CA LEU C 23 8.86 -43.15 13.42
C LEU C 23 8.88 -42.04 12.36
N ASN C 24 8.02 -41.06 12.58
CA ASN C 24 7.86 -39.94 11.67
C ASN C 24 8.98 -38.94 11.89
N ILE C 25 9.80 -38.73 10.86
CA ILE C 25 10.79 -37.66 10.91
C ILE C 25 10.59 -36.73 9.73
N ALA C 26 9.33 -36.54 9.34
CA ALA C 26 9.06 -35.78 8.13
C ALA C 26 8.58 -34.37 8.48
N ASP C 27 7.45 -34.28 9.16
CA ASP C 27 6.82 -33.00 9.46
C ASP C 27 7.67 -32.19 10.44
N GLY C 28 7.91 -30.94 10.10
CA GLY C 28 8.78 -30.11 10.92
C GLY C 28 8.21 -29.67 12.26
N HIS C 29 6.92 -29.85 12.51
CA HIS C 29 6.37 -29.38 13.78
C HIS C 29 6.86 -30.24 14.96
N ALA C 30 6.77 -29.65 16.15
CA ALA C 30 7.37 -30.24 17.34
C ALA C 30 6.53 -31.39 17.89
N ARG C 31 7.19 -32.52 18.17
CA ARG C 31 6.51 -33.67 18.75
C ARG C 31 7.18 -34.20 20.00
N GLN C 32 8.23 -33.54 20.50
CA GLN C 32 8.81 -33.93 21.79
C GLN C 32 7.88 -33.54 22.95
N ALA C 33 8.09 -34.21 24.08
CA ALA C 33 7.36 -33.97 25.32
C ALA C 33 7.48 -32.51 25.77
N LEU C 34 6.50 -32.08 26.57
CA LEU C 34 6.55 -30.78 27.21
C LEU C 34 7.65 -30.75 28.28
N SER C 35 8.21 -29.58 28.50
CA SER C 35 9.08 -29.41 29.65
C SER C 35 8.25 -29.29 30.91
N PRO C 36 8.87 -29.39 32.08
CA PRO C 36 8.09 -29.18 33.31
C PRO C 36 7.41 -27.82 33.34
N GLY C 37 8.11 -26.75 32.95
CA GLY C 37 7.50 -25.44 32.96
C GLY C 37 6.33 -25.34 31.99
N GLN C 38 6.46 -26.00 30.84
CA GLN C 38 5.40 -26.01 29.84
C GLN C 38 4.22 -26.85 30.27
N GLN C 39 4.49 -27.99 30.92
CA GLN C 39 3.40 -28.78 31.47
C GLN C 39 2.67 -28.00 32.54
N LYS C 40 3.38 -27.19 33.32
CA LYS C 40 2.70 -26.37 34.31
C LYS C 40 1.75 -25.41 33.62
N ILE C 41 2.18 -24.84 32.50
CA ILE C 41 1.27 -23.98 31.75
C ILE C 41 0.04 -24.76 31.34
N VAL C 42 0.25 -25.98 30.85
CA VAL C 42 -0.88 -26.74 30.34
C VAL C 42 -1.82 -27.11 31.47
N ASN C 43 -1.26 -27.46 32.64
CA ASN C 43 -2.06 -27.71 33.83
C ASN C 43 -2.94 -26.54 34.23
N GLU C 44 -2.59 -25.31 33.83
CA GLU C 44 -3.37 -24.14 34.20
C GLU C 44 -4.17 -23.59 33.03
N LEU C 45 -4.44 -24.44 32.04
CA LEU C 45 -5.32 -24.05 30.94
C LEU C 45 -6.68 -23.57 31.42
N PRO C 46 -7.30 -24.13 32.46
CA PRO C 46 -8.57 -23.55 32.94
C PRO C 46 -8.42 -22.13 33.44
N VAL C 47 -7.27 -21.79 34.04
CA VAL C 47 -7.03 -20.42 34.47
C VAL C 47 -6.87 -19.49 33.26
N LEU C 48 -6.08 -19.92 32.26
CA LEU C 48 -6.00 -19.13 31.04
C LEU C 48 -7.37 -18.97 30.40
N TRP C 49 -8.21 -19.99 30.52
CA TRP C 49 -9.55 -19.87 29.95
C TRP C 49 -10.33 -18.79 30.66
N ALA C 50 -10.26 -18.80 32.00
CA ALA C 50 -10.90 -17.76 32.82
C ALA C 50 -10.42 -16.37 32.41
N GLU C 51 -9.11 -16.22 32.26
CA GLU C 51 -8.54 -14.95 31.86
C GLU C 51 -9.07 -14.52 30.49
N SER C 52 -9.10 -15.45 29.53
CA SER C 52 -9.61 -15.18 28.20
C SER C 52 -11.07 -14.79 28.21
N GLU C 53 -11.86 -15.33 29.15
CA GLU C 53 -13.25 -14.92 29.25
C GLU C 53 -13.40 -13.53 29.86
N GLN C 54 -12.47 -13.15 30.72
CA GLN C 54 -12.61 -11.95 31.55
C GLN C 54 -11.99 -10.70 30.92
N ARG C 55 -10.96 -10.86 30.13
CA ARG C 55 -10.23 -9.68 29.68
C ARG C 55 -10.49 -9.39 28.20
N PRO C 56 -10.38 -8.14 27.80
CA PRO C 56 -10.41 -7.83 26.37
C PRO C 56 -9.34 -8.60 25.62
N VAL C 57 -9.77 -9.24 24.53
CA VAL C 57 -8.86 -10.03 23.71
C VAL C 57 -7.64 -9.18 23.34
N GLN C 58 -7.86 -7.90 23.07
CA GLN C 58 -6.76 -7.04 22.61
C GLN C 58 -5.67 -6.91 23.67
N GLN C 59 -6.05 -6.90 24.94
CA GLN C 59 -5.05 -6.79 25.99
C GLN C 59 -4.19 -8.03 26.00
N ILE C 60 -4.81 -9.21 25.87
CA ILE C 60 -4.05 -10.45 25.87
C ILE C 60 -3.20 -10.56 24.62
N GLU C 61 -3.70 -10.06 23.49
CA GLU C 61 -2.97 -10.17 22.24
C GLU C 61 -1.72 -9.30 22.29
N SER C 62 -1.87 -8.06 22.76
CA SER C 62 -0.75 -7.18 23.02
C SER C 62 0.31 -7.86 23.88
N GLU C 63 -0.13 -8.52 24.96
CA GLU C 63 0.81 -9.18 25.87
C GLU C 63 1.45 -10.38 25.21
N ALA C 64 0.70 -11.11 24.38
CA ALA C 64 1.27 -12.25 23.65
C ALA C 64 2.29 -11.76 22.65
N HIS C 65 1.94 -10.74 21.88
CA HIS C 65 2.88 -10.22 20.90
C HIS C 65 4.14 -9.73 21.58
N GLN C 66 3.98 -8.92 22.62
CA GLN C 66 5.15 -8.37 23.30
C GLN C 66 6.02 -9.48 23.85
N ALA C 67 5.41 -10.51 24.44
CA ALA C 67 6.21 -11.60 24.98
C ALA C 67 6.97 -12.30 23.87
N TYR C 68 6.29 -12.59 22.76
CA TYR C 68 6.93 -13.36 21.71
C TYR C 68 8.00 -12.55 20.99
N PHE C 69 7.67 -11.33 20.54
CA PHE C 69 8.65 -10.47 19.86
C PHE C 69 9.83 -10.15 20.75
N THR C 70 9.58 -9.77 22.02
CA THR C 70 10.72 -9.45 22.88
C THR C 70 11.56 -10.68 23.18
N LEU C 71 10.92 -11.86 23.29
CA LEU C 71 11.66 -13.09 23.53
C LEU C 71 12.74 -13.25 22.49
N LEU C 72 12.44 -12.90 21.24
CA LEU C 72 13.31 -13.18 20.10
C LEU C 72 14.01 -11.95 19.58
N GLY C 73 14.08 -10.90 20.40
CA GLY C 73 14.92 -9.75 20.09
C GLY C 73 14.28 -8.73 19.17
N GLN C 74 13.00 -8.90 18.83
CA GLN C 74 12.33 -8.02 17.87
C GLN C 74 11.69 -6.80 18.56
N HIS C 75 12.53 -6.05 19.29
CA HIS C 75 12.05 -5.02 20.19
C HIS C 75 11.30 -3.91 19.44
N GLY C 76 11.72 -3.60 18.21
CA GLY C 76 11.10 -2.54 17.47
C GLY C 76 9.87 -2.91 16.66
N TYR C 77 9.31 -4.11 16.87
CA TYR C 77 8.05 -4.48 16.24
C TYR C 77 7.01 -3.38 16.50
N PRO C 78 6.09 -3.16 15.55
CA PRO C 78 5.07 -2.13 15.73
C PRO C 78 4.00 -2.61 16.68
N ALA C 79 3.95 -2.01 17.87
CA ALA C 79 3.09 -2.50 18.94
C ALA C 79 1.75 -1.77 19.00
N GLU C 80 1.58 -0.73 18.22
CA GLU C 80 0.26 -0.17 18.08
C GLU C 80 -0.73 -1.28 17.70
N PRO C 81 -1.85 -1.40 18.42
CA PRO C 81 -2.80 -2.46 18.05
C PRO C 81 -3.14 -2.37 16.58
N GLY C 82 -3.15 -3.54 15.91
CA GLY C 82 -3.57 -3.63 14.53
C GLY C 82 -2.44 -3.62 13.52
N ARG C 83 -1.22 -3.34 13.96
CA ARG C 83 -0.09 -3.48 13.06
C ARG C 83 0.39 -4.92 12.98
N VAL C 84 0.02 -5.72 13.96
CA VAL C 84 0.32 -7.14 13.93
C VAL C 84 -1.00 -7.89 13.85
N LEU C 85 -1.19 -8.62 12.77
CA LEU C 85 -2.43 -9.35 12.53
C LEU C 85 -2.18 -10.82 12.88
N SER C 86 -2.85 -11.28 13.94
CA SER C 86 -2.81 -12.67 14.36
C SER C 86 -3.67 -13.57 13.48
N CYS C 87 -3.05 -14.57 12.87
CA CYS C 87 -3.69 -15.49 11.93
C CYS C 87 -3.64 -16.88 12.51
N TYR C 88 -4.55 -17.76 12.07
CA TYR C 88 -4.50 -19.13 12.58
C TYR C 88 -3.15 -19.80 12.32
N SER C 89 -2.44 -19.42 11.27
CA SER C 89 -1.21 -20.09 10.91
C SER C 89 -0.42 -19.18 10.03
N SER C 90 0.87 -19.47 9.92
CA SER C 90 1.72 -18.86 8.92
C SER C 90 1.14 -19.06 7.51
N SER C 91 0.57 -20.23 7.25
CA SER C 91 0.12 -20.49 5.88
C SER C 91 -1.13 -19.68 5.57
N VAL C 92 -1.97 -19.45 6.58
CA VAL C 92 -3.08 -18.50 6.40
C VAL C 92 -2.55 -17.10 6.12
N SER C 93 -1.59 -16.63 6.93
CA SER C 93 -0.93 -15.37 6.62
C SER C 93 -0.41 -15.35 5.19
N MET C 94 0.18 -16.47 4.75
CA MET C 94 0.81 -16.51 3.45
C MET C 94 -0.22 -16.40 2.32
N GLU C 95 -1.38 -17.03 2.53
CA GLU C 95 -2.50 -16.94 1.58
C GLU C 95 -2.98 -15.51 1.49
N ILE C 96 -3.10 -14.84 2.64
CA ILE C 96 -3.49 -13.44 2.66
C ILE C 96 -2.49 -12.60 1.88
N LEU C 97 -1.19 -12.83 2.09
CA LEU C 97 -0.14 -12.09 1.37
C LEU C 97 -0.14 -12.38 -0.13
N ALA C 98 -0.22 -13.67 -0.54
CA ALA C 98 -0.19 -14.00 -1.96
C ALA C 98 -1.36 -13.36 -2.69
N ARG C 99 -2.55 -13.47 -2.12
CA ARG C 99 -3.70 -12.85 -2.76
C ARG C 99 -3.57 -11.34 -2.73
N SER C 100 -2.98 -10.77 -1.68
CA SER C 100 -2.80 -9.33 -1.62
C SER C 100 -1.79 -8.87 -2.65
N LEU C 101 -0.83 -9.72 -3.01
CA LEU C 101 0.15 -9.38 -4.03
C LEU C 101 -0.46 -9.45 -5.43
N SER C 102 -1.41 -10.36 -5.67
CA SER C 102 -1.71 -10.74 -7.04
C SER C 102 -2.36 -9.63 -7.88
N ALA C 103 -3.01 -8.63 -7.26
CA ALA C 103 -3.57 -7.52 -8.05
C ALA C 103 -2.49 -6.73 -8.77
N SER C 104 -1.39 -6.43 -8.08
CA SER C 104 -0.42 -5.45 -8.57
C SER C 104 0.91 -6.08 -8.95
N VAL C 105 1.09 -7.35 -8.69
CA VAL C 105 2.38 -8.00 -8.92
C VAL C 105 2.15 -9.18 -9.84
N ASP C 106 3.04 -9.32 -10.83
CA ASP C 106 3.10 -10.50 -11.69
C ASP C 106 4.15 -11.50 -11.27
N ARG C 107 5.32 -11.03 -10.81
CA ARG C 107 6.48 -11.88 -10.57
C ARG C 107 7.00 -11.64 -9.16
N VAL C 108 7.28 -12.73 -8.47
CA VAL C 108 7.94 -12.72 -7.17
C VAL C 108 9.30 -13.41 -7.33
N ALA C 109 10.35 -12.74 -6.88
CA ALA C 109 11.60 -13.42 -6.65
C ALA C 109 11.50 -14.19 -5.34
N LEU C 110 11.63 -15.50 -5.41
CA LEU C 110 11.49 -16.39 -4.27
C LEU C 110 12.78 -17.19 -4.08
N VAL C 111 13.28 -17.20 -2.85
CA VAL C 111 14.48 -17.98 -2.54
C VAL C 111 14.25 -19.45 -2.86
N HIS C 112 15.28 -20.07 -3.40
CA HIS C 112 15.22 -21.42 -3.86
C HIS C 112 16.47 -22.14 -3.31
N PRO C 113 16.30 -23.30 -2.65
CA PRO C 113 15.04 -23.96 -2.28
C PRO C 113 14.38 -23.23 -1.14
N THR C 114 13.09 -23.47 -0.99
CA THR C 114 12.38 -23.11 0.23
C THR C 114 11.20 -24.06 0.41
N PHE C 115 10.49 -23.86 1.51
CA PHE C 115 9.31 -24.66 1.78
C PHE C 115 8.34 -24.59 0.59
N ASP C 116 7.93 -25.75 0.06
CA ASP C 116 7.31 -25.74 -1.27
C ASP C 116 5.93 -25.11 -1.25
N ASN C 117 5.20 -25.18 -0.12
CA ASN C 117 3.87 -24.56 -0.08
C ASN C 117 3.94 -23.06 -0.28
N ILE C 118 5.06 -22.44 0.03
CA ILE C 118 5.16 -21.01 -0.28
C ILE C 118 5.05 -20.82 -1.77
N ALA C 119 5.72 -21.68 -2.53
CA ALA C 119 5.66 -21.56 -3.97
C ALA C 119 4.27 -21.88 -4.46
N ASP C 120 3.65 -22.95 -3.92
CA ASP C 120 2.31 -23.32 -4.37
C ASP C 120 1.28 -22.26 -4.02
N LEU C 121 1.45 -21.56 -2.88
CA LEU C 121 0.50 -20.54 -2.51
C LEU C 121 0.64 -19.30 -3.41
N LEU C 122 1.87 -18.91 -3.70
CA LEU C 122 2.10 -17.78 -4.62
C LEU C 122 1.61 -18.09 -6.03
N ARG C 123 1.99 -19.27 -6.55
CA ARG C 123 1.62 -19.68 -7.88
C ARG C 123 0.12 -19.97 -7.98
N GLY C 124 -0.46 -20.55 -6.94
CA GLY C 124 -1.89 -20.79 -6.95
C GLY C 124 -2.70 -19.52 -6.97
N ASN C 125 -2.14 -18.41 -6.52
CA ASN C 125 -2.82 -17.13 -6.58
C ASN C 125 -2.41 -16.29 -7.79
N GLY C 126 -1.80 -16.91 -8.80
CA GLY C 126 -1.53 -16.25 -10.05
C GLY C 126 -0.19 -15.55 -10.18
N LEU C 127 0.72 -15.67 -9.20
CA LEU C 127 2.05 -15.07 -9.30
C LEU C 127 3.03 -16.00 -10.02
N ASP C 128 3.87 -15.43 -10.89
CA ASP C 128 4.96 -16.15 -11.52
C ASP C 128 6.23 -16.04 -10.67
N LEU C 129 6.94 -17.15 -10.52
CA LEU C 129 8.07 -17.18 -9.59
C LEU C 129 9.40 -17.13 -10.34
N VAL C 130 10.35 -16.40 -9.77
CA VAL C 130 11.71 -16.31 -10.29
C VAL C 130 12.62 -16.82 -9.17
N PRO C 131 13.29 -17.95 -9.35
CA PRO C 131 14.12 -18.49 -8.27
C PRO C 131 15.36 -17.66 -8.08
N VAL C 132 15.71 -17.44 -6.82
CA VAL C 132 16.97 -16.81 -6.42
C VAL C 132 17.72 -17.84 -5.57
N GLU C 133 18.87 -18.31 -6.05
CA GLU C 133 19.60 -19.29 -5.29
C GLU C 133 20.18 -18.65 -4.04
N GLU C 134 20.42 -19.47 -3.03
CA GLU C 134 20.93 -18.95 -1.76
C GLU C 134 22.29 -18.31 -1.90
N ASP C 135 23.18 -18.88 -2.72
CA ASP C 135 24.49 -18.26 -2.80
C ASP C 135 24.35 -16.84 -3.34
N ALA C 136 23.42 -16.64 -4.28
CA ALA C 136 23.23 -15.31 -4.85
C ALA C 136 22.59 -14.37 -3.83
N LEU C 137 21.67 -14.90 -3.01
CA LEU C 137 20.89 -14.06 -2.11
C LEU C 137 21.74 -13.55 -0.96
N HIS C 138 22.58 -14.43 -0.41
CA HIS C 138 23.39 -14.13 0.76
C HIS C 138 24.75 -13.60 0.38
N GLY C 139 25.21 -13.89 -0.83
CA GLY C 139 26.57 -13.59 -1.16
C GLY C 139 26.78 -12.23 -1.79
N ALA C 140 25.74 -11.65 -2.40
CA ALA C 140 25.92 -10.40 -3.13
C ALA C 140 24.58 -9.68 -3.22
N ASP C 141 24.63 -8.40 -3.61
CA ASP C 141 23.40 -7.70 -3.92
C ASP C 141 22.69 -8.40 -5.09
N LEU C 142 21.37 -8.33 -5.09
CA LEU C 142 20.59 -8.85 -6.20
C LEU C 142 20.77 -7.92 -7.39
N SER C 143 20.70 -8.49 -8.58
CA SER C 143 20.88 -7.68 -9.78
C SER C 143 19.74 -6.69 -9.94
N ALA C 144 20.09 -5.48 -10.39
CA ALA C 144 19.07 -4.49 -10.74
C ALA C 144 18.07 -5.07 -11.72
N GLU C 145 18.57 -5.81 -12.73
CA GLU C 145 17.67 -6.37 -13.73
C GLU C 145 16.63 -7.27 -13.08
N LEU C 146 17.02 -8.08 -12.08
CA LEU C 146 16.04 -8.88 -11.37
C LEU C 146 15.06 -8.02 -10.57
N LEU C 147 15.59 -7.14 -9.72
CA LEU C 147 14.71 -6.35 -8.87
C LEU C 147 13.73 -5.53 -9.68
N SER C 148 14.17 -4.97 -10.81
CA SER C 148 13.24 -4.19 -11.62
C SER C 148 12.23 -5.08 -12.34
N SER C 149 12.43 -6.41 -12.32
CA SER C 149 11.55 -7.31 -13.08
C SER C 149 10.57 -8.04 -12.17
N VAL C 150 10.63 -7.79 -10.86
CA VAL C 150 9.73 -8.42 -9.90
C VAL C 150 9.09 -7.35 -9.02
N GLY C 151 7.91 -7.66 -8.52
CA GLY C 151 7.19 -6.75 -7.65
C GLY C 151 7.35 -7.09 -6.19
N CYS C 152 7.92 -8.27 -5.92
CA CYS C 152 8.17 -8.71 -4.57
C CYS C 152 9.41 -9.61 -4.55
N VAL C 153 10.19 -9.49 -3.48
CA VAL C 153 11.22 -10.44 -3.13
C VAL C 153 10.79 -11.12 -1.83
N PHE C 154 10.84 -12.45 -1.79
CA PHE C 154 10.33 -13.22 -0.66
C PHE C 154 11.43 -14.14 -0.17
N VAL C 155 11.77 -14.00 1.09
CA VAL C 155 12.92 -14.67 1.67
C VAL C 155 12.48 -15.37 2.94
N THR C 156 12.74 -16.68 3.00
CA THR C 156 12.58 -17.44 4.23
C THR C 156 13.88 -17.43 5.01
N THR C 157 13.84 -16.83 6.19
CA THR C 157 14.99 -16.77 7.07
C THR C 157 14.61 -16.91 8.55
N PRO C 158 15.17 -17.92 9.27
CA PRO C 158 16.03 -19.02 8.79
C PRO C 158 15.30 -19.81 7.72
N ASN C 159 16.02 -20.20 6.68
CA ASN C 159 15.37 -20.87 5.56
C ASN C 159 15.03 -22.30 5.95
N ASN C 160 13.93 -22.77 5.39
CA ASN C 160 13.60 -24.18 5.44
C ASN C 160 13.69 -24.68 4.00
N PRO C 161 14.56 -25.68 3.71
CA PRO C 161 15.21 -26.65 4.59
C PRO C 161 16.65 -26.39 5.06
N THR C 162 17.28 -25.32 4.65
CA THR C 162 18.73 -25.20 4.75
C THR C 162 19.20 -24.62 6.06
N GLY C 163 18.30 -24.00 6.82
CA GLY C 163 18.66 -23.30 8.04
C GLY C 163 19.32 -21.96 7.83
N ARG C 164 19.56 -21.54 6.59
CA ARG C 164 20.45 -20.40 6.38
C ARG C 164 19.77 -19.10 6.83
N VAL C 165 20.51 -18.29 7.58
CA VAL C 165 19.99 -17.06 8.17
C VAL C 165 20.44 -15.87 7.35
N LEU C 166 19.49 -15.04 6.94
CA LEU C 166 19.82 -13.78 6.32
C LEU C 166 20.47 -12.88 7.35
N ALA C 167 21.75 -12.55 7.14
CA ALA C 167 22.48 -11.73 8.08
C ALA C 167 21.97 -10.29 8.05
N GLU C 168 22.26 -9.57 9.13
CA GLU C 168 21.67 -8.25 9.32
C GLU C 168 22.10 -7.29 8.22
N GLU C 169 23.40 -7.29 7.89
CA GLU C 169 23.90 -6.43 6.82
C GLU C 169 23.22 -6.76 5.50
N ARG C 170 22.92 -8.05 5.28
CA ARG C 170 22.32 -8.44 4.00
C ARG C 170 20.85 -8.06 3.96
N LEU C 171 20.17 -8.24 5.09
CA LEU C 171 18.80 -7.78 5.20
C LEU C 171 18.73 -6.30 4.93
N ARG C 172 19.66 -5.54 5.53
CA ARG C 172 19.65 -4.08 5.36
C ARG C 172 19.86 -3.72 3.89
N ARG C 173 20.83 -4.36 3.25
CA ARG C 173 21.11 -4.05 1.83
C ARG C 173 19.96 -4.51 0.95
N LEU C 174 19.40 -5.68 1.24
CA LEU C 174 18.23 -6.14 0.49
C LEU C 174 17.06 -5.17 0.66
N ALA C 175 16.76 -4.79 1.90
CA ALA C 175 15.68 -3.84 2.16
C ALA C 175 15.91 -2.53 1.42
N GLU C 176 17.15 -2.01 1.47
CA GLU C 176 17.45 -0.78 0.77
C GLU C 176 17.22 -0.94 -0.73
N GLN C 177 17.62 -2.10 -1.28
CA GLN C 177 17.51 -2.31 -2.71
C GLN C 177 16.06 -2.42 -3.11
N CYS C 178 15.27 -3.10 -2.29
CA CYS C 178 13.84 -3.16 -2.57
C CYS C 178 13.24 -1.77 -2.55
N ALA C 179 13.62 -0.94 -1.57
CA ALA C 179 13.14 0.43 -1.52
C ALA C 179 13.54 1.22 -2.77
N GLU C 180 14.78 1.04 -3.22
CA GLU C 180 15.25 1.71 -4.43
C GLU C 180 14.43 1.31 -5.65
N HIS C 181 13.87 0.11 -5.64
CA HIS C 181 13.22 -0.42 -6.84
C HIS C 181 11.71 -0.43 -6.70
N GLY C 182 11.16 0.09 -5.60
CA GLY C 182 9.72 0.01 -5.35
C GLY C 182 9.19 -1.40 -5.18
N THR C 183 10.05 -2.32 -4.75
CA THR C 183 9.78 -3.74 -4.65
C THR C 183 9.45 -4.06 -3.21
N VAL C 184 8.41 -4.88 -3.02
CA VAL C 184 8.03 -5.32 -1.68
C VAL C 184 9.02 -6.37 -1.19
N LEU C 185 9.49 -6.21 0.05
CA LEU C 185 10.33 -7.20 0.70
C LEU C 185 9.48 -7.98 1.70
N ALA C 186 9.35 -9.27 1.48
CA ALA C 186 8.55 -10.15 2.31
C ALA C 186 9.46 -11.18 2.96
N LEU C 187 9.34 -11.31 4.26
CA LEU C 187 10.11 -12.30 5.00
C LEU C 187 9.19 -13.31 5.67
N ASP C 188 9.54 -14.58 5.59
CA ASP C 188 8.90 -15.61 6.40
C ASP C 188 9.93 -16.03 7.47
N THR C 189 9.66 -15.69 8.73
CA THR C 189 10.61 -15.84 9.83
C THR C 189 10.17 -16.91 10.83
N SER C 190 9.42 -17.88 10.32
CA SER C 190 8.87 -18.98 11.11
C SER C 190 9.92 -19.73 11.94
N PHE C 191 11.11 -19.97 11.41
CA PHE C 191 12.13 -20.66 12.20
C PHE C 191 12.98 -19.72 13.07
N ARG C 192 12.58 -18.48 13.22
CA ARG C 192 13.37 -17.49 13.96
C ARG C 192 13.78 -17.99 15.36
N GLY C 193 12.85 -18.60 16.11
CA GLY C 193 13.16 -18.88 17.49
C GLY C 193 14.34 -19.83 17.68
N PHE C 194 14.64 -20.64 16.68
CA PHE C 194 15.66 -21.65 16.83
C PHE C 194 17.09 -21.14 16.72
N ASP C 195 17.33 -19.95 16.17
CA ASP C 195 18.69 -19.53 15.82
C ASP C 195 18.90 -18.12 16.32
N ALA C 196 19.75 -17.96 17.34
CA ALA C 196 20.07 -16.65 17.87
C ALA C 196 20.64 -15.72 16.80
N ALA C 197 21.21 -16.27 15.72
CA ALA C 197 21.72 -15.44 14.65
C ALA C 197 20.60 -14.68 13.99
N ALA C 198 19.37 -15.14 14.17
CA ALA C 198 18.22 -14.45 13.61
C ALA C 198 17.51 -13.57 14.63
N HIS C 199 18.12 -13.30 15.78
CA HIS C 199 17.47 -12.54 16.84
C HIS C 199 17.92 -11.08 16.92
N TYR C 200 18.71 -10.59 15.97
CA TYR C 200 18.89 -9.15 15.86
C TYR C 200 17.54 -8.56 15.43
N ASP C 201 17.35 -7.27 15.68
CA ASP C 201 16.02 -6.67 15.51
C ASP C 201 15.75 -6.43 14.02
N HIS C 202 15.02 -7.35 13.38
CA HIS C 202 14.70 -7.20 11.97
C HIS C 202 13.84 -5.96 11.71
N TYR C 203 12.96 -5.62 12.65
CA TYR C 203 12.04 -4.51 12.45
C TYR C 203 12.79 -3.19 12.45
N ALA C 204 13.79 -3.03 13.32
CA ALA C 204 14.67 -1.87 13.24
C ALA C 204 15.23 -1.72 11.82
N VAL C 205 15.76 -2.82 11.26
CA VAL C 205 16.38 -2.76 9.93
C VAL C 205 15.37 -2.31 8.88
N LEU C 206 14.20 -2.97 8.87
CA LEU C 206 13.19 -2.70 7.86
C LEU C 206 12.66 -1.28 7.93
N GLN C 207 12.39 -0.80 9.16
CA GLN C 207 11.89 0.55 9.33
C GLN C 207 12.95 1.56 8.94
N GLU C 208 14.21 1.26 9.27
CA GLU C 208 15.33 2.10 8.87
C GLU C 208 15.44 2.19 7.35
N ALA C 209 15.38 1.03 6.67
CA ALA C 209 15.55 1.03 5.22
C ALA C 209 14.40 1.73 4.52
N GLY C 210 13.17 1.56 5.03
CA GLY C 210 12.02 2.23 4.48
C GLY C 210 11.48 1.61 3.22
N CYS C 211 11.81 0.35 2.93
CA CYS C 211 11.06 -0.33 1.87
C CYS C 211 9.64 -0.62 2.35
N ARG C 212 8.78 -0.91 1.39
CA ARG C 212 7.52 -1.57 1.71
C ARG C 212 7.86 -3.00 2.08
N TRP C 213 7.46 -3.42 3.29
CA TRP C 213 7.86 -4.73 3.78
C TRP C 213 6.70 -5.48 4.43
N VAL C 214 6.85 -6.79 4.49
CA VAL C 214 5.93 -7.61 5.25
C VAL C 214 6.74 -8.75 5.87
N VAL C 215 6.43 -9.07 7.11
CA VAL C 215 7.04 -10.20 7.82
C VAL C 215 5.92 -11.12 8.29
N ILE C 216 6.09 -12.41 8.05
CA ILE C 216 5.23 -13.42 8.60
C ILE C 216 6.04 -14.16 9.67
N GLU C 217 5.81 -13.80 10.92
CA GLU C 217 6.28 -14.58 12.05
C GLU C 217 5.35 -15.79 12.24
N ASP C 218 5.82 -16.76 13.02
CA ASP C 218 5.07 -17.98 13.28
C ASP C 218 5.49 -18.55 14.63
N THR C 219 4.52 -18.84 15.50
CA THR C 219 4.83 -19.50 16.77
C THR C 219 4.82 -21.02 16.64
N GLY C 220 4.39 -21.57 15.51
CA GLY C 220 3.95 -22.95 15.44
C GLY C 220 5.04 -24.02 15.33
N LYS C 221 6.29 -23.67 15.06
CA LYS C 221 7.32 -24.68 14.96
C LYS C 221 8.18 -24.80 16.21
N LEU C 222 8.05 -23.83 17.13
CA LEU C 222 8.93 -23.76 18.30
C LEU C 222 8.60 -24.82 19.32
N TRP C 223 7.32 -24.96 19.67
CA TRP C 223 6.94 -25.74 20.82
C TRP C 223 5.94 -26.82 20.46
N PRO C 224 5.83 -27.89 21.28
CA PRO C 224 4.80 -28.93 21.05
C PRO C 224 3.46 -28.52 21.66
N THR C 225 2.75 -27.62 20.96
CA THR C 225 1.49 -27.09 21.44
C THR C 225 0.31 -27.64 20.64
N LEU C 226 0.47 -28.84 20.10
CA LEU C 226 -0.60 -29.52 19.39
C LEU C 226 -1.21 -28.62 18.32
N ASP C 227 -0.36 -27.94 17.56
CA ASP C 227 -0.81 -27.07 16.47
C ASP C 227 -1.66 -25.89 16.96
N LEU C 228 -1.64 -25.62 18.26
CA LEU C 228 -2.11 -24.35 18.78
C LEU C 228 -1.03 -23.30 18.56
N LYS C 229 -1.33 -22.31 17.73
CA LYS C 229 -0.28 -21.44 17.22
C LYS C 229 -0.96 -20.21 16.64
N ALA C 230 -0.13 -19.29 16.14
CA ALA C 230 -0.58 -18.17 15.33
C ALA C 230 0.51 -17.81 14.33
N GLY C 231 0.09 -17.52 13.09
CA GLY C 231 0.93 -16.75 12.19
C GLY C 231 0.70 -15.29 12.53
N LEU C 232 1.77 -14.51 12.48
CA LEU C 232 1.68 -13.09 12.81
C LEU C 232 2.09 -12.32 11.56
N LEU C 233 1.14 -11.66 10.97
CA LEU C 233 1.33 -10.93 9.72
C LEU C 233 1.61 -9.49 10.10
N VAL C 234 2.84 -9.06 9.87
CA VAL C 234 3.30 -7.71 10.23
C VAL C 234 3.71 -6.98 8.97
N PHE C 235 3.35 -5.71 8.88
CA PHE C 235 3.53 -5.01 7.63
C PHE C 235 3.78 -3.53 7.89
N SER C 236 4.62 -2.95 7.02
CA SER C 236 4.91 -1.52 7.04
C SER C 236 3.65 -0.71 6.77
N GLU C 237 3.63 0.49 7.32
CA GLU C 237 2.48 1.40 7.18
C GLU C 237 2.17 1.75 5.73
N ASP C 238 3.18 1.75 4.87
CA ASP C 238 2.99 2.09 3.46
C ASP C 238 2.94 0.85 2.57
N ILE C 239 2.68 -0.33 3.15
CA ILE C 239 2.80 -1.56 2.36
C ILE C 239 2.06 -1.41 1.01
N GLY C 240 0.92 -0.70 1.00
CA GLY C 240 0.25 -0.47 -0.26
C GLY C 240 -0.35 -1.72 -0.88
N LEU C 241 -0.52 -2.78 -0.09
CA LEU C 241 -1.18 -4.02 -0.45
C LEU C 241 -2.39 -4.20 0.44
N PRO C 242 -3.41 -4.87 -0.01
CA PRO C 242 -4.64 -5.02 0.79
C PRO C 242 -4.58 -6.11 1.85
N VAL C 243 -3.50 -6.18 2.60
CA VAL C 243 -3.37 -7.24 3.60
C VAL C 243 -4.43 -7.09 4.68
N GLU C 244 -4.67 -5.88 5.16
CA GLU C 244 -5.63 -5.68 6.25
C GLU C 244 -7.01 -6.07 5.79
N LYS C 245 -7.35 -5.70 4.56
CA LYS C 245 -8.68 -5.98 4.09
C LYS C 245 -8.90 -7.47 3.89
N ILE C 246 -7.96 -8.14 3.23
CA ILE C 246 -8.14 -9.56 2.94
C ILE C 246 -8.05 -10.37 4.23
N TYR C 247 -7.17 -9.96 5.14
CA TYR C 247 -7.17 -10.52 6.50
C TYR C 247 -8.57 -10.46 7.11
N SER C 248 -9.16 -9.27 7.10
CA SER C 248 -10.52 -9.08 7.60
C SER C 248 -11.49 -10.02 6.90
N ASP C 249 -11.28 -10.26 5.61
CA ASP C 249 -12.15 -11.18 4.90
C ASP C 249 -12.03 -12.59 5.43
N ILE C 250 -10.92 -12.96 6.06
CA ILE C 250 -10.73 -14.34 6.43
C ILE C 250 -10.95 -14.56 7.93
N LEU C 251 -10.58 -13.60 8.78
CA LEU C 251 -10.84 -13.78 10.20
C LEU C 251 -10.88 -12.44 10.92
N LEU C 252 -11.59 -12.43 12.06
CA LEU C 252 -11.55 -11.33 13.02
C LEU C 252 -10.36 -11.38 13.97
N GLY C 253 -9.76 -12.55 14.16
CA GLY C 253 -8.70 -12.73 15.13
C GLY C 253 -8.53 -14.19 15.46
N VAL C 254 -7.60 -14.45 16.38
CA VAL C 254 -7.36 -15.81 16.85
C VAL C 254 -7.82 -15.92 18.30
N SER C 255 -8.05 -17.15 18.74
CA SER C 255 -8.53 -17.41 20.10
C SER C 255 -7.66 -16.68 21.14
N PRO C 256 -8.26 -15.95 22.09
CA PRO C 256 -7.47 -15.45 23.23
C PRO C 256 -6.79 -16.52 24.02
N LEU C 257 -7.36 -17.72 24.05
CA LEU C 257 -6.72 -18.78 24.78
C LEU C 257 -5.38 -19.12 24.13
N ILE C 258 -5.36 -19.17 22.79
CA ILE C 258 -4.11 -19.46 22.07
C ILE C 258 -3.11 -18.33 22.28
N LEU C 259 -3.59 -17.08 22.26
CA LEU C 259 -2.69 -15.97 22.52
C LEU C 259 -2.15 -16.03 23.95
N ALA C 260 -3.02 -16.34 24.91
CA ALA C 260 -2.57 -16.49 26.29
C ALA C 260 -1.53 -17.61 26.38
N LEU C 261 -1.81 -18.74 25.74
CA LEU C 261 -0.86 -19.83 25.63
C LEU C 261 0.49 -19.37 25.07
N ILE C 262 0.45 -18.65 23.94
CA ILE C 262 1.67 -18.13 23.34
C ILE C 262 2.40 -17.23 24.33
N ARG C 263 1.67 -16.34 24.99
CA ARG C 263 2.26 -15.46 25.99
C ARG C 263 3.00 -16.27 27.06
N GLU C 264 2.35 -17.30 27.60
CA GLU C 264 2.96 -18.09 28.68
C GLU C 264 4.13 -18.92 28.18
N PHE C 265 3.99 -19.57 27.04
CA PHE C 265 5.13 -20.30 26.47
C PHE C 265 6.28 -19.36 26.16
N SER C 266 6.00 -18.11 25.75
CA SER C 266 7.08 -17.16 25.54
C SER C 266 7.74 -16.78 26.85
N ARG C 267 6.94 -16.58 27.90
CA ARG C 267 7.50 -16.24 29.21
C ARG C 267 8.32 -17.40 29.76
N ASP C 268 7.86 -18.64 29.59
CA ASP C 268 8.66 -19.76 30.04
C ASP C 268 9.94 -19.84 29.23
N ALA C 269 9.83 -19.58 27.94
CA ALA C 269 11.00 -19.52 27.07
C ALA C 269 11.98 -18.44 27.52
N ALA C 270 11.46 -17.28 27.93
CA ALA C 270 12.31 -16.18 28.38
C ALA C 270 13.04 -16.54 29.66
N ASP C 271 12.43 -17.37 30.50
CA ASP C 271 13.02 -17.75 31.78
C ASP C 271 13.84 -19.04 31.67
N GLY C 272 14.53 -19.25 30.56
CA GLY C 272 15.43 -20.37 30.38
C GLY C 272 14.92 -21.45 29.44
N GLY C 273 13.63 -21.46 29.14
CA GLY C 273 13.12 -22.47 28.22
C GLY C 273 13.77 -22.36 26.85
N LEU C 274 14.00 -21.15 26.38
CA LEU C 274 14.54 -21.00 25.04
C LEU C 274 15.95 -21.56 24.96
N ALA C 275 16.75 -21.32 26.00
CA ALA C 275 18.08 -21.91 26.07
C ALA C 275 18.01 -23.42 26.05
N ASP C 276 17.09 -23.99 26.83
CA ASP C 276 16.94 -25.44 26.90
C ASP C 276 16.54 -26.00 25.54
N LEU C 277 15.67 -25.29 24.82
CA LEU C 277 15.25 -25.75 23.50
C LEU C 277 16.42 -25.74 22.52
N HIS C 278 17.25 -24.69 22.53
CA HIS C 278 18.44 -24.71 21.70
C HIS C 278 19.35 -25.87 22.05
N ALA C 279 19.50 -26.17 23.33
CA ALA C 279 20.41 -27.26 23.69
C ALA C 279 19.85 -28.60 23.24
N PHE C 280 18.53 -28.73 23.27
CA PHE C 280 17.86 -29.96 22.87
C PHE C 280 17.94 -30.18 21.35
N ILE C 281 17.68 -29.14 20.56
CA ILE C 281 17.84 -29.27 19.12
C ILE C 281 19.30 -29.57 18.78
N LEU C 282 20.24 -28.88 19.44
CA LEU C 282 21.66 -29.17 19.21
C LEU C 282 21.98 -30.63 19.50
N HIS C 283 21.46 -31.19 20.58
CA HIS C 283 21.70 -32.60 20.89
C HIS C 283 21.12 -33.50 19.80
N ASN C 284 19.88 -33.26 19.39
CA ASN C 284 19.28 -34.12 18.36
C ASN C 284 19.99 -33.97 17.02
N ARG C 285 20.34 -32.74 16.61
CA ARG C 285 21.20 -32.58 15.44
C ARG C 285 22.47 -33.40 15.57
N SER C 286 23.13 -33.31 16.73
CA SER C 286 24.30 -34.15 17.00
C SER C 286 23.97 -35.63 16.90
N VAL C 287 22.85 -36.07 17.48
CA VAL C 287 22.53 -37.49 17.42
C VAL C 287 22.52 -37.95 15.98
N VAL C 288 21.92 -37.15 15.11
CA VAL C 288 21.76 -37.47 13.69
C VAL C 288 23.11 -37.53 13.01
N ARG C 289 23.93 -36.52 13.23
CA ARG C 289 25.19 -36.43 12.50
C ARG C 289 26.17 -37.49 12.98
N ARG C 290 26.18 -37.78 14.28
CA ARG C 290 27.00 -38.88 14.76
C ARG C 290 26.57 -40.19 14.14
N ALA C 291 25.26 -40.41 14.03
CA ALA C 291 24.72 -41.68 13.57
C ALA C 291 25.03 -41.97 12.11
N LEU C 292 25.24 -40.93 11.28
CA LEU C 292 25.43 -41.14 9.84
C LEU C 292 26.82 -40.77 9.34
N ALA C 293 27.69 -40.25 10.20
CA ALA C 293 28.91 -39.60 9.69
C ALA C 293 29.83 -40.58 8.98
N GLY C 294 29.86 -41.83 9.40
CA GLY C 294 30.79 -42.74 8.76
C GLY C 294 30.33 -43.33 7.45
N VAL C 295 29.14 -42.98 7.01
CA VAL C 295 28.46 -43.75 5.98
C VAL C 295 28.83 -43.21 4.61
N GLU C 296 29.24 -44.12 3.71
CA GLU C 296 29.25 -43.80 2.29
C GLU C 296 30.31 -42.69 2.12
N GLY C 297 30.13 -41.53 1.46
CA GLY C 297 29.04 -41.09 0.61
C GLY C 297 27.98 -40.15 1.22
N VAL C 298 27.92 -40.03 2.54
CA VAL C 298 26.98 -39.13 3.19
C VAL C 298 27.68 -37.81 3.48
N SER C 299 26.90 -36.72 3.44
CA SER C 299 27.41 -35.42 3.84
C SER C 299 26.27 -34.58 4.37
N PHE C 300 26.62 -33.54 5.11
CA PHE C 300 25.61 -32.68 5.72
C PHE C 300 25.75 -31.30 5.12
N PRO C 301 24.96 -30.99 4.09
CA PRO C 301 25.12 -29.73 3.36
C PRO C 301 25.10 -28.46 4.20
N ASP C 302 24.46 -28.43 5.37
CA ASP C 302 24.27 -27.19 6.13
C ASP C 302 24.94 -27.26 7.50
N PRO C 303 26.28 -27.27 7.53
CA PRO C 303 26.97 -27.52 8.81
C PRO C 303 26.63 -26.56 9.93
N GLU C 304 26.26 -25.32 9.62
CA GLU C 304 26.05 -24.29 10.63
C GLU C 304 24.59 -24.08 10.99
N SER C 305 23.68 -24.87 10.43
CA SER C 305 22.25 -24.71 10.67
C SER C 305 21.91 -25.07 12.11
N ARG C 306 21.04 -24.26 12.70
CA ARG C 306 20.52 -24.54 14.03
C ARG C 306 19.01 -24.73 14.01
N SER C 307 18.45 -24.98 12.82
CA SER C 307 17.03 -25.19 12.66
C SER C 307 16.63 -26.56 13.15
N SER C 308 15.33 -26.74 13.31
CA SER C 308 14.75 -27.99 13.75
C SER C 308 14.57 -29.01 12.62
N VAL C 309 15.05 -28.73 11.42
CA VAL C 309 15.10 -29.72 10.34
C VAL C 309 16.53 -29.78 9.82
N GLU C 310 16.89 -30.95 9.28
CA GLU C 310 18.27 -31.29 8.92
C GLU C 310 18.28 -31.97 7.55
N ARG C 311 19.04 -31.41 6.65
CA ARG C 311 19.27 -32.01 5.35
C ARG C 311 20.41 -33.01 5.41
N VAL C 312 20.25 -34.10 4.68
CA VAL C 312 21.30 -35.11 4.53
C VAL C 312 21.45 -35.39 3.04
N ALA C 313 22.69 -35.34 2.56
CA ALA C 313 23.01 -35.58 1.15
C ALA C 313 23.83 -36.85 1.00
N PHE C 314 23.60 -37.54 -0.10
CA PHE C 314 24.39 -38.74 -0.38
C PHE C 314 24.58 -38.88 -1.89
N ALA C 315 25.76 -39.34 -2.28
CA ALA C 315 26.05 -39.62 -3.68
C ALA C 315 25.61 -41.03 -4.03
N GLY C 316 25.56 -41.31 -5.32
CA GLY C 316 25.11 -42.61 -5.76
C GLY C 316 23.60 -42.73 -5.82
N ARG C 317 22.93 -42.68 -4.67
CA ARG C 317 21.48 -42.90 -4.65
C ARG C 317 20.70 -41.59 -4.58
N THR C 318 19.40 -41.74 -4.78
CA THR C 318 18.45 -40.66 -4.95
C THR C 318 17.66 -40.48 -3.67
N GLY C 319 17.38 -39.22 -3.29
CA GLY C 319 16.56 -38.97 -2.11
C GLY C 319 15.23 -39.69 -2.17
N THR C 320 14.65 -39.79 -3.37
CA THR C 320 13.39 -40.49 -3.53
C THR C 320 13.57 -41.98 -3.27
N GLU C 321 14.63 -42.59 -3.81
CA GLU C 321 14.90 -44.00 -3.52
C GLU C 321 15.05 -44.21 -2.03
N VAL C 322 15.89 -43.38 -1.40
CA VAL C 322 16.16 -43.53 0.04
C VAL C 322 14.85 -43.43 0.78
N TRP C 323 14.02 -42.48 0.37
CA TRP C 323 12.72 -42.29 0.98
C TRP C 323 11.87 -43.56 0.82
N GLU C 324 11.80 -44.09 -0.41
CA GLU C 324 11.02 -45.29 -0.66
C GLU C 324 11.44 -46.41 0.28
N GLU C 325 12.75 -46.60 0.43
CA GLU C 325 13.25 -47.73 1.20
C GLU C 325 12.98 -47.52 2.69
N LEU C 326 13.22 -46.31 3.20
CA LEU C 326 12.87 -46.02 4.59
C LEU C 326 11.40 -46.32 4.87
N GLN C 327 10.51 -46.02 3.93
CA GLN C 327 9.09 -46.29 4.13
C GLN C 327 8.85 -47.75 4.41
N ARG C 328 9.54 -48.63 3.67
CA ARG C 328 9.40 -50.07 3.89
C ARG C 328 9.66 -50.43 5.35
N HIS C 329 10.54 -49.69 6.01
CA HIS C 329 10.84 -49.90 7.41
C HIS C 329 10.06 -48.98 8.34
N HIS C 330 8.96 -48.42 7.84
CA HIS C 330 8.06 -47.59 8.64
C HIS C 330 8.75 -46.35 9.20
N VAL C 331 9.76 -45.87 8.48
CA VAL C 331 10.43 -44.62 8.78
C VAL C 331 10.08 -43.65 7.66
N PHE C 332 9.65 -42.45 8.03
CA PHE C 332 9.08 -41.49 7.11
C PHE C 332 9.85 -40.17 7.19
N ALA C 333 10.74 -39.96 6.22
CA ALA C 333 11.45 -38.72 6.03
C ALA C 333 10.89 -38.03 4.78
N LEU C 334 11.54 -36.96 4.36
CA LEU C 334 11.09 -36.22 3.19
C LEU C 334 12.20 -36.21 2.15
N PRO C 335 11.92 -36.50 0.90
CA PRO C 335 12.90 -36.20 -0.13
C PRO C 335 12.94 -34.69 -0.34
N CYS C 336 14.05 -34.25 -0.88
CA CYS C 336 14.28 -32.82 -0.98
C CYS C 336 13.84 -32.23 -2.31
N ARG C 337 13.46 -33.06 -3.28
CA ARG C 337 12.99 -32.56 -4.57
C ARG C 337 11.95 -31.46 -4.41
N GLN C 338 10.97 -31.67 -3.53
CA GLN C 338 9.87 -30.72 -3.38
C GLN C 338 10.37 -29.31 -3.04
N PHE C 339 11.45 -29.19 -2.28
CA PHE C 339 11.93 -27.88 -1.85
C PHE C 339 12.61 -27.12 -2.98
N HIS C 340 13.11 -27.82 -3.99
CA HIS C 340 13.73 -27.15 -5.13
C HIS C 340 12.64 -26.93 -6.16
N TRP C 341 11.76 -26.00 -5.78
CA TRP C 341 10.48 -25.82 -6.41
C TRP C 341 10.58 -25.33 -7.84
N ALA C 342 11.75 -24.82 -8.27
CA ALA C 342 11.99 -24.41 -9.65
C ALA C 342 12.77 -25.45 -10.44
N GLU C 343 13.49 -26.33 -9.78
CA GLU C 343 14.36 -27.31 -10.45
C GLU C 343 14.46 -28.54 -9.55
N PRO C 344 13.44 -29.39 -9.55
CA PRO C 344 13.41 -30.46 -8.54
C PRO C 344 14.62 -31.38 -8.57
N SER C 345 15.20 -31.65 -9.74
CA SER C 345 16.38 -32.49 -9.80
C SER C 345 17.50 -31.96 -8.89
N ASP C 346 17.53 -30.66 -8.63
CA ASP C 346 18.51 -30.09 -7.71
C ASP C 346 18.49 -30.77 -6.33
N GLY C 347 17.34 -31.27 -5.90
CA GLY C 347 17.20 -31.98 -4.63
C GLY C 347 17.22 -33.50 -4.74
N ASP C 348 17.68 -34.07 -5.85
CA ASP C 348 17.59 -35.51 -6.04
C ASP C 348 18.45 -36.30 -5.06
N HIS C 349 19.47 -35.69 -4.47
CA HIS C 349 20.45 -36.46 -3.72
C HIS C 349 20.46 -36.09 -2.24
N MET C 350 19.32 -35.61 -1.73
CA MET C 350 19.19 -35.22 -0.34
C MET C 350 17.82 -35.62 0.23
N VAL C 351 17.79 -35.84 1.54
CA VAL C 351 16.55 -35.97 2.27
C VAL C 351 16.55 -34.92 3.39
N ARG C 352 15.36 -34.67 3.92
CA ARG C 352 15.20 -33.80 5.08
C ARG C 352 14.71 -34.62 6.26
N ILE C 353 15.25 -34.30 7.44
CA ILE C 353 14.97 -35.00 8.68
C ILE C 353 14.47 -33.97 9.71
N ALA C 354 13.32 -34.23 10.30
CA ALA C 354 12.79 -33.42 11.40
C ALA C 354 13.49 -33.70 12.74
N LEU C 355 13.90 -32.63 13.44
CA LEU C 355 14.60 -32.76 14.70
C LEU C 355 13.73 -32.48 15.94
N SER C 356 12.64 -31.72 15.81
CA SER C 356 11.77 -31.50 16.96
C SER C 356 11.04 -32.81 17.26
N ARG C 357 11.77 -33.72 17.88
CA ARG C 357 11.29 -35.05 18.19
C ARG C 357 11.92 -35.48 19.49
N SER C 358 11.20 -36.31 20.23
CA SER C 358 11.82 -37.00 21.35
C SER C 358 13.06 -37.71 20.85
N THR C 359 14.10 -37.73 21.69
CA THR C 359 15.40 -38.17 21.21
C THR C 359 15.41 -39.68 20.91
N GLU C 360 14.77 -40.50 21.75
CA GLU C 360 14.76 -41.93 21.48
C GLU C 360 14.13 -42.25 20.13
N PRO C 361 12.94 -41.76 19.79
CA PRO C 361 12.38 -42.06 18.46
C PRO C 361 13.21 -41.52 17.33
N LEU C 362 13.83 -40.35 17.51
CA LEU C 362 14.68 -39.84 16.46
C LEU C 362 15.84 -40.77 16.22
N GLU C 363 16.46 -41.24 17.30
CA GLU C 363 17.68 -42.04 17.17
C GLU C 363 17.38 -43.38 16.53
N LYS C 364 16.20 -43.96 16.81
CA LYS C 364 15.79 -45.16 16.10
C LYS C 364 15.65 -44.89 14.61
N SER C 365 15.08 -43.73 14.26
CA SER C 365 14.81 -43.42 12.87
C SER C 365 16.09 -43.40 12.04
N VAL C 366 17.09 -42.62 12.48
CA VAL C 366 18.33 -42.53 11.71
C VAL C 366 19.12 -43.82 11.85
N GLN C 367 18.86 -44.63 12.86
CA GLN C 367 19.56 -45.90 12.88
C GLN C 367 19.05 -46.79 11.75
N VAL C 368 17.74 -46.75 11.45
CA VAL C 368 17.26 -47.45 10.27
C VAL C 368 17.91 -46.85 9.02
N LEU C 369 17.93 -45.52 8.94
CA LEU C 369 18.55 -44.87 7.78
C LEU C 369 19.98 -45.33 7.58
N ARG C 370 20.74 -45.48 8.67
CA ARG C 370 22.12 -45.89 8.51
C ARG C 370 22.19 -47.29 7.90
N THR C 371 21.37 -48.24 8.37
CA THR C 371 21.50 -49.60 7.85
C THR C 371 21.09 -49.67 6.39
N VAL C 372 20.03 -48.94 6.00
CA VAL C 372 19.59 -48.90 4.60
C VAL C 372 20.72 -48.44 3.69
N LEU C 373 21.45 -47.42 4.10
CA LEU C 373 22.54 -46.87 3.32
C LEU C 373 23.77 -47.81 3.22
N LEU D 23 -5.46 39.18 -26.52
CA LEU D 23 -6.70 38.60 -26.04
C LEU D 23 -6.61 37.05 -26.00
N ASN D 24 -6.14 36.53 -24.89
CA ASN D 24 -5.93 35.10 -24.78
C ASN D 24 -7.17 34.47 -24.16
N ILE D 25 -7.82 33.60 -24.94
CA ILE D 25 -8.91 32.77 -24.42
C ILE D 25 -8.53 31.31 -24.65
N ALA D 26 -7.24 31.00 -24.49
CA ALA D 26 -6.73 29.65 -24.75
C ALA D 26 -6.49 28.92 -23.44
N ASP D 27 -5.47 29.32 -22.70
CA ASP D 27 -5.09 28.62 -21.49
C ASP D 27 -6.21 28.66 -20.46
N GLY D 28 -6.49 27.49 -19.86
CA GLY D 28 -7.61 27.32 -18.93
C GLY D 28 -7.47 27.97 -17.55
N HIS D 29 -6.26 28.37 -17.14
CA HIS D 29 -6.06 28.96 -15.81
C HIS D 29 -6.70 30.35 -15.69
N ALA D 30 -6.95 30.74 -14.45
CA ALA D 30 -7.75 31.91 -14.14
C ALA D 30 -6.93 33.18 -14.22
N ARG D 31 -7.49 34.20 -14.92
CA ARG D 31 -6.81 35.47 -15.16
C ARG D 31 -7.65 36.69 -14.81
N GLN D 32 -8.90 36.50 -14.38
CA GLN D 32 -9.71 37.62 -13.95
C GLN D 32 -9.11 38.26 -12.71
N ALA D 33 -9.62 39.44 -12.36
CA ALA D 33 -9.19 40.15 -11.17
C ALA D 33 -9.51 39.34 -9.91
N LEU D 34 -8.74 39.60 -8.86
CA LEU D 34 -9.07 39.11 -7.52
C LEU D 34 -10.36 39.75 -7.02
N SER D 35 -11.15 38.97 -6.27
CA SER D 35 -12.23 39.51 -5.51
C SER D 35 -11.69 40.34 -4.35
N PRO D 36 -12.53 41.17 -3.75
CA PRO D 36 -12.06 41.93 -2.56
C PRO D 36 -11.55 41.02 -1.45
N GLY D 37 -12.25 39.91 -1.20
CA GLY D 37 -11.81 38.98 -0.18
C GLY D 37 -10.54 38.24 -0.55
N GLN D 38 -10.29 38.03 -1.84
CA GLN D 38 -9.02 37.46 -2.26
C GLN D 38 -7.90 38.49 -2.19
N GLN D 39 -8.17 39.74 -2.60
CA GLN D 39 -7.15 40.77 -2.49
C GLN D 39 -6.72 40.92 -1.03
N LYS D 40 -7.67 40.91 -0.10
CA LYS D 40 -7.31 40.99 1.32
C LYS D 40 -6.36 39.86 1.72
N ILE D 41 -6.52 38.67 1.15
CA ILE D 41 -5.60 37.60 1.48
C ILE D 41 -4.22 37.93 0.94
N VAL D 42 -4.15 38.41 -0.30
CA VAL D 42 -2.86 38.76 -0.91
C VAL D 42 -2.20 39.84 -0.10
N ASN D 43 -2.96 40.86 0.32
CA ASN D 43 -2.39 41.95 1.12
C ASN D 43 -1.82 41.47 2.44
N GLU D 44 -2.17 40.26 2.89
CA GLU D 44 -1.62 39.68 4.12
C GLU D 44 -0.61 38.59 3.85
N LEU D 45 -0.09 38.50 2.63
CA LEU D 45 0.98 37.53 2.39
C LEU D 45 2.09 37.62 3.42
N PRO D 46 2.62 38.79 3.77
CA PRO D 46 3.65 38.81 4.82
C PRO D 46 3.21 38.12 6.10
N VAL D 47 1.91 38.20 6.43
CA VAL D 47 1.42 37.56 7.65
C VAL D 47 1.47 36.06 7.50
N LEU D 48 1.05 35.54 6.35
CA LEU D 48 1.10 34.11 6.09
C LEU D 48 2.53 33.64 6.05
N TRP D 49 3.43 34.47 5.57
CA TRP D 49 4.83 34.11 5.62
C TRP D 49 5.26 33.90 7.08
N ALA D 50 4.92 34.85 7.96
CA ALA D 50 5.30 34.75 9.37
C ALA D 50 4.69 33.51 10.03
N GLU D 51 3.40 33.26 9.80
CA GLU D 51 2.84 32.00 10.28
C GLU D 51 3.66 30.80 9.80
N SER D 52 4.08 30.81 8.52
CA SER D 52 4.83 29.70 7.93
C SER D 52 6.22 29.54 8.54
N GLU D 53 6.87 30.64 8.96
CA GLU D 53 8.13 30.53 9.66
C GLU D 53 7.95 29.92 11.04
N GLN D 54 6.75 30.06 11.60
CA GLN D 54 6.49 29.85 13.02
C GLN D 54 5.89 28.48 13.32
N ARG D 55 5.06 27.92 12.42
CA ARG D 55 4.28 26.72 12.70
C ARG D 55 4.75 25.54 11.88
N PRO D 56 4.57 24.31 12.38
CA PRO D 56 4.93 23.13 11.59
C PRO D 56 4.19 23.10 10.26
N VAL D 57 4.92 22.76 9.20
CA VAL D 57 4.31 22.77 7.86
C VAL D 57 3.17 21.78 7.83
N GLN D 58 3.31 20.68 8.58
CA GLN D 58 2.28 19.65 8.60
C GLN D 58 0.97 20.21 9.14
N GLN D 59 1.02 21.07 10.15
CA GLN D 59 -0.20 21.66 10.66
C GLN D 59 -0.82 22.59 9.63
N ILE D 60 0.00 23.45 9.00
CA ILE D 60 -0.56 24.26 7.93
C ILE D 60 -1.10 23.36 6.83
N GLU D 61 -0.37 22.31 6.49
CA GLU D 61 -0.85 21.45 5.41
C GLU D 61 -2.19 20.84 5.77
N SER D 62 -2.33 20.35 6.99
CA SER D 62 -3.61 19.77 7.42
C SER D 62 -4.75 20.76 7.24
N GLU D 63 -4.55 22.00 7.70
CA GLU D 63 -5.60 23.00 7.63
C GLU D 63 -5.95 23.31 6.18
N ALA D 64 -4.96 23.37 5.31
CA ALA D 64 -5.21 23.64 3.90
C ALA D 64 -6.00 22.52 3.26
N HIS D 65 -5.58 21.26 3.45
CA HIS D 65 -6.34 20.13 2.91
C HIS D 65 -7.75 20.14 3.47
N GLN D 66 -7.88 20.28 4.79
CA GLN D 66 -9.21 20.27 5.37
C GLN D 66 -10.07 21.36 4.77
N ALA D 67 -9.52 22.57 4.62
CA ALA D 67 -10.34 23.66 4.07
C ALA D 67 -10.71 23.38 2.62
N TYR D 68 -9.78 22.87 1.82
CA TYR D 68 -10.06 22.65 0.39
C TYR D 68 -11.03 21.49 0.17
N PHE D 69 -10.75 20.33 0.75
CA PHE D 69 -11.65 19.19 0.59
C PHE D 69 -13.05 19.48 1.11
N THR D 70 -13.19 20.12 2.28
CA THR D 70 -14.53 20.32 2.81
C THR D 70 -15.28 21.38 2.01
N LEU D 71 -14.56 22.41 1.54
CA LEU D 71 -15.15 23.38 0.64
C LEU D 71 -15.93 22.68 -0.46
N LEU D 72 -15.40 21.56 -0.96
CA LEU D 72 -15.95 20.90 -2.12
C LEU D 72 -16.66 19.60 -1.77
N GLY D 73 -17.04 19.43 -0.52
CA GLY D 73 -17.89 18.32 -0.15
C GLY D 73 -17.16 17.00 -0.01
N GLN D 74 -15.83 16.99 -0.07
CA GLN D 74 -15.07 15.76 0.03
C GLN D 74 -14.77 15.41 1.49
N HIS D 75 -15.82 15.36 2.32
CA HIS D 75 -15.64 15.22 3.76
C HIS D 75 -14.94 13.93 4.14
N GLY D 76 -15.04 12.89 3.33
CA GLY D 76 -14.38 11.65 3.66
C GLY D 76 -12.95 11.51 3.21
N TYR D 77 -12.31 12.58 2.74
CA TYR D 77 -10.93 12.50 2.30
C TYR D 77 -10.05 11.94 3.43
N PRO D 78 -9.04 11.15 3.11
CA PRO D 78 -8.22 10.58 4.18
C PRO D 78 -7.36 11.65 4.81
N ALA D 79 -7.65 11.99 6.06
CA ALA D 79 -7.06 13.12 6.76
C ALA D 79 -5.93 12.73 7.69
N GLU D 80 -5.63 11.45 7.81
CA GLU D 80 -4.41 11.08 8.52
C GLU D 80 -3.21 11.65 7.76
N PRO D 81 -2.28 12.31 8.45
CA PRO D 81 -1.12 12.87 7.77
C PRO D 81 -0.40 11.81 6.98
N GLY D 82 -0.09 12.12 5.71
CA GLY D 82 0.63 11.21 4.83
C GLY D 82 -0.22 10.56 3.76
N ARG D 83 -1.54 10.62 3.89
CA ARG D 83 -2.41 10.02 2.89
C ARG D 83 -2.71 10.96 1.73
N VAL D 84 -2.62 12.26 1.95
CA VAL D 84 -2.77 13.24 0.89
C VAL D 84 -1.39 13.84 0.62
N LEU D 85 -0.86 13.60 -0.57
CA LEU D 85 0.46 14.09 -0.93
C LEU D 85 0.30 15.38 -1.74
N SER D 86 0.80 16.49 -1.16
CA SER D 86 0.80 17.78 -1.84
C SER D 86 1.94 17.87 -2.84
N CYS D 87 1.61 18.25 -4.08
CA CYS D 87 2.55 18.32 -5.18
C CYS D 87 2.52 19.70 -5.78
N TYR D 88 3.61 20.05 -6.48
CA TYR D 88 3.71 21.39 -7.07
C TYR D 88 2.56 21.67 -8.01
N SER D 89 2.05 20.63 -8.67
CA SER D 89 0.95 20.80 -9.60
C SER D 89 0.28 19.46 -9.83
N SER D 90 -0.92 19.53 -10.41
CA SER D 90 -1.60 18.35 -10.93
C SER D 90 -0.73 17.57 -11.89
N SER D 91 -0.04 18.27 -12.78
CA SER D 91 0.77 17.54 -13.75
C SER D 91 1.93 16.79 -13.08
N VAL D 92 2.50 17.35 -12.00
CA VAL D 92 3.52 16.62 -11.26
C VAL D 92 2.89 15.40 -10.62
N SER D 93 1.72 15.56 -10.01
CA SER D 93 1.00 14.42 -9.51
C SER D 93 0.80 13.37 -10.61
N MET D 94 0.55 13.83 -11.84
CA MET D 94 0.25 12.92 -12.94
C MET D 94 1.48 12.16 -13.39
N GLU D 95 2.63 12.86 -13.42
CA GLU D 95 3.92 12.23 -13.70
C GLU D 95 4.24 11.14 -12.68
N ILE D 96 4.00 11.43 -11.40
CA ILE D 96 4.18 10.44 -10.35
C ILE D 96 3.27 9.24 -10.59
N LEU D 97 2.01 9.51 -10.95
CA LEU D 97 1.07 8.42 -11.20
C LEU D 97 1.49 7.61 -12.43
N ALA D 98 1.81 8.29 -13.53
CA ALA D 98 2.12 7.58 -14.76
C ALA D 98 3.33 6.69 -14.58
N ARG D 99 4.38 7.21 -13.95
CA ARG D 99 5.57 6.40 -13.77
C ARG D 99 5.32 5.27 -12.78
N SER D 100 4.55 5.54 -11.71
CA SER D 100 4.13 4.49 -10.79
C SER D 100 3.36 3.39 -11.51
N LEU D 101 2.41 3.78 -12.35
CA LEU D 101 1.65 2.79 -13.11
C LEU D 101 2.57 1.90 -13.90
N SER D 102 3.58 2.50 -14.56
CA SER D 102 4.41 1.76 -15.49
C SER D 102 5.17 0.64 -14.81
N ALA D 103 5.24 0.63 -13.48
CA ALA D 103 5.91 -0.46 -12.78
C ALA D 103 5.24 -1.79 -13.07
N SER D 104 3.92 -1.80 -13.20
CA SER D 104 3.19 -3.07 -13.27
C SER D 104 2.10 -3.09 -14.31
N VAL D 105 1.84 -1.98 -14.99
CA VAL D 105 0.73 -1.78 -15.90
C VAL D 105 1.33 -1.49 -17.26
N ASP D 106 0.72 -2.06 -18.32
CA ASP D 106 1.13 -1.82 -19.71
C ASP D 106 0.15 -0.95 -20.48
N ARG D 107 -1.12 -0.99 -20.09
CA ARG D 107 -2.18 -0.38 -20.87
C ARG D 107 -3.09 0.35 -19.89
N VAL D 108 -3.57 1.51 -20.33
CA VAL D 108 -4.49 2.35 -19.57
C VAL D 108 -5.65 2.69 -20.48
N ALA D 109 -6.86 2.54 -19.95
CA ALA D 109 -8.05 3.03 -20.60
C ALA D 109 -8.26 4.47 -20.15
N LEU D 110 -8.33 5.38 -21.10
CA LEU D 110 -8.32 6.81 -20.83
C LEU D 110 -9.51 7.45 -21.53
N VAL D 111 -10.25 8.28 -20.81
CA VAL D 111 -11.41 8.92 -21.41
C VAL D 111 -10.96 9.77 -22.59
N HIS D 112 -11.80 9.80 -23.63
CA HIS D 112 -11.52 10.44 -24.90
C HIS D 112 -12.77 11.24 -25.34
N PRO D 113 -12.64 12.57 -25.59
CA PRO D 113 -11.43 13.39 -25.45
C PRO D 113 -11.10 13.68 -24.00
N THR D 114 -9.90 14.22 -23.78
CA THR D 114 -9.59 14.74 -22.46
C THR D 114 -8.39 15.66 -22.61
N PHE D 115 -7.93 16.20 -21.48
CA PHE D 115 -6.74 17.04 -21.43
C PHE D 115 -5.55 16.20 -21.90
N ASP D 116 -4.98 16.55 -23.05
CA ASP D 116 -4.15 15.57 -23.76
C ASP D 116 -2.76 15.40 -23.20
N ASN D 117 -2.32 16.28 -22.29
CA ASN D 117 -1.05 16.03 -21.62
C ASN D 117 -1.12 14.79 -20.75
N ILE D 118 -2.31 14.44 -20.28
CA ILE D 118 -2.45 13.18 -19.58
C ILE D 118 -2.00 12.04 -20.49
N ALA D 119 -2.45 12.05 -21.74
CA ALA D 119 -1.99 11.01 -22.65
C ALA D 119 -0.50 11.10 -22.88
N ASP D 120 0.07 12.32 -22.97
CA ASP D 120 1.50 12.43 -23.21
C ASP D 120 2.28 11.86 -22.03
N LEU D 121 1.82 12.13 -20.80
CA LEU D 121 2.50 11.64 -19.60
C LEU D 121 2.39 10.12 -19.49
N LEU D 122 1.22 9.57 -19.75
CA LEU D 122 1.08 8.11 -19.76
C LEU D 122 1.93 7.50 -20.85
N ARG D 123 1.85 8.06 -22.05
CA ARG D 123 2.55 7.46 -23.18
C ARG D 123 4.06 7.60 -23.02
N GLY D 124 4.50 8.78 -22.57
CA GLY D 124 5.91 8.97 -22.37
C GLY D 124 6.47 8.10 -21.27
N ASN D 125 5.65 7.63 -20.33
CA ASN D 125 6.11 6.68 -19.34
C ASN D 125 5.87 5.22 -19.77
N GLY D 126 5.57 4.96 -21.03
CA GLY D 126 5.56 3.58 -21.55
C GLY D 126 4.20 2.88 -21.56
N LEU D 127 3.12 3.59 -21.26
CA LEU D 127 1.79 3.01 -21.24
C LEU D 127 1.19 3.11 -22.64
N ASP D 128 0.56 2.03 -23.09
CA ASP D 128 -0.34 2.06 -24.25
C ASP D 128 -1.74 2.49 -23.83
N LEU D 129 -2.39 3.24 -24.70
CA LEU D 129 -3.68 3.82 -24.36
C LEU D 129 -4.81 3.22 -25.18
N VAL D 130 -5.93 2.97 -24.49
CA VAL D 130 -7.17 2.51 -25.10
C VAL D 130 -8.21 3.60 -24.89
N PRO D 131 -8.65 4.27 -25.94
CA PRO D 131 -9.61 5.34 -25.74
C PRO D 131 -10.95 4.78 -25.31
N VAL D 132 -11.58 5.49 -24.37
CA VAL D 132 -12.95 5.23 -23.93
C VAL D 132 -13.72 6.50 -24.22
N GLU D 133 -14.63 6.45 -25.20
CA GLU D 133 -15.49 7.59 -25.48
C GLU D 133 -16.41 7.88 -24.29
N GLU D 134 -16.78 9.15 -24.16
CA GLU D 134 -17.57 9.61 -23.02
C GLU D 134 -18.90 8.87 -22.93
N ASP D 135 -19.63 8.78 -24.04
CA ASP D 135 -20.96 8.16 -23.93
C ASP D 135 -20.84 6.74 -23.43
N ALA D 136 -19.81 6.02 -23.87
CA ALA D 136 -19.60 4.67 -23.39
C ALA D 136 -19.22 4.69 -21.92
N LEU D 137 -18.44 5.66 -21.48
CA LEU D 137 -17.98 5.66 -20.10
C LEU D 137 -19.11 5.98 -19.13
N HIS D 138 -19.96 6.96 -19.45
CA HIS D 138 -21.01 7.38 -18.55
C HIS D 138 -22.27 6.55 -18.70
N GLY D 139 -22.50 5.99 -19.89
CA GLY D 139 -23.78 5.40 -20.18
C GLY D 139 -23.91 3.89 -20.05
N ALA D 140 -22.83 3.17 -19.84
CA ALA D 140 -22.98 1.74 -19.63
C ALA D 140 -21.73 1.26 -18.90
N ASP D 141 -21.83 0.08 -18.27
CA ASP D 141 -20.65 -0.56 -17.71
C ASP D 141 -19.60 -0.72 -18.80
N LEU D 142 -18.33 -0.75 -18.37
CA LEU D 142 -17.26 -1.16 -19.27
C LEU D 142 -17.29 -2.66 -19.46
N SER D 143 -16.78 -3.13 -20.61
CA SER D 143 -16.81 -4.56 -20.82
C SER D 143 -15.71 -5.26 -20.03
N ALA D 144 -15.98 -6.52 -19.67
CA ALA D 144 -14.96 -7.32 -19.03
C ALA D 144 -13.74 -7.41 -19.91
N GLU D 145 -13.97 -7.40 -21.23
CA GLU D 145 -12.90 -7.50 -22.21
C GLU D 145 -11.96 -6.31 -22.12
N LEU D 146 -12.51 -5.13 -21.82
CA LEU D 146 -11.68 -3.96 -21.66
C LEU D 146 -10.91 -4.07 -20.36
N LEU D 147 -11.58 -4.48 -19.30
CA LEU D 147 -10.98 -4.48 -17.98
C LEU D 147 -9.91 -5.55 -17.85
N SER D 148 -10.01 -6.66 -18.60
CA SER D 148 -8.89 -7.58 -18.60
C SER D 148 -7.74 -7.11 -19.50
N SER D 149 -7.94 -6.03 -20.25
CA SER D 149 -6.91 -5.55 -21.15
C SER D 149 -6.15 -4.34 -20.63
N VAL D 150 -6.56 -3.73 -19.51
CA VAL D 150 -5.90 -2.54 -18.99
C VAL D 150 -5.68 -2.71 -17.49
N GLY D 151 -4.69 -2.01 -16.96
CA GLY D 151 -4.45 -2.05 -15.54
C GLY D 151 -4.94 -0.84 -14.80
N CYS D 152 -5.56 0.11 -15.50
CA CYS D 152 -6.00 1.37 -14.94
C CYS D 152 -7.05 1.99 -15.83
N VAL D 153 -8.15 2.48 -15.26
CA VAL D 153 -9.13 3.29 -15.98
C VAL D 153 -8.99 4.72 -15.46
N PHE D 154 -8.76 5.67 -16.37
CA PHE D 154 -8.46 7.03 -15.98
C PHE D 154 -9.56 7.92 -16.52
N VAL D 155 -10.22 8.65 -15.63
CA VAL D 155 -11.35 9.49 -15.96
C VAL D 155 -11.08 10.91 -15.42
N THR D 156 -11.14 11.89 -16.29
CA THR D 156 -11.11 13.29 -15.89
C THR D 156 -12.54 13.74 -15.63
N THR D 157 -12.80 14.20 -14.41
CA THR D 157 -14.14 14.65 -14.07
C THR D 157 -14.11 15.79 -13.04
N PRO D 158 -14.76 16.95 -13.33
CA PRO D 158 -15.37 17.34 -14.61
C PRO D 158 -14.35 17.19 -15.70
N ASN D 159 -14.76 16.75 -16.89
CA ASN D 159 -13.81 16.49 -17.94
C ASN D 159 -13.44 17.80 -18.61
N ASN D 160 -12.22 17.85 -19.08
CA ASN D 160 -11.75 18.93 -19.91
C ASN D 160 -11.50 18.32 -21.26
N PRO D 161 -12.19 18.78 -22.31
CA PRO D 161 -12.86 20.07 -22.50
C PRO D 161 -14.39 20.09 -22.44
N THR D 162 -15.03 18.96 -22.15
CA THR D 162 -16.45 18.85 -22.35
C THR D 162 -17.23 19.30 -21.12
N GLY D 163 -16.59 19.34 -19.96
CA GLY D 163 -17.25 19.61 -18.70
C GLY D 163 -18.11 18.50 -18.18
N ARG D 164 -18.08 17.33 -18.79
CA ARG D 164 -18.96 16.26 -18.34
C ARG D 164 -18.54 15.78 -16.97
N VAL D 165 -19.51 15.62 -16.10
CA VAL D 165 -19.29 15.21 -14.71
C VAL D 165 -19.66 13.75 -14.56
N LEU D 166 -18.73 12.93 -14.07
CA LEU D 166 -19.07 11.55 -13.71
C LEU D 166 -20.04 11.56 -12.52
N ALA D 167 -21.27 11.13 -12.76
CA ALA D 167 -22.27 11.09 -11.70
C ALA D 167 -21.95 9.99 -10.68
N GLU D 168 -22.49 10.18 -9.46
CA GLU D 168 -22.14 9.32 -8.35
C GLU D 168 -22.47 7.84 -8.63
N GLU D 169 -23.65 7.58 -9.18
CA GLU D 169 -24.06 6.21 -9.48
C GLU D 169 -23.11 5.56 -10.47
N ARG D 170 -22.61 6.31 -11.46
CA ARG D 170 -21.66 5.73 -12.40
C ARG D 170 -20.29 5.61 -11.77
N LEU D 171 -19.84 6.61 -11.00
CA LEU D 171 -18.59 6.43 -10.25
C LEU D 171 -18.63 5.16 -9.40
N ARG D 172 -19.74 4.96 -8.66
CA ARG D 172 -19.83 3.77 -7.82
C ARG D 172 -19.72 2.50 -8.66
N ARG D 173 -20.45 2.44 -9.76
CA ARG D 173 -20.46 1.24 -10.58
C ARG D 173 -19.10 0.97 -11.19
N LEU D 174 -18.43 2.02 -11.67
CA LEU D 174 -17.10 1.88 -12.25
C LEU D 174 -16.08 1.45 -11.20
N ALA D 175 -16.17 2.04 -10.01
CA ALA D 175 -15.28 1.63 -8.92
C ALA D 175 -15.51 0.16 -8.55
N GLU D 176 -16.76 -0.29 -8.55
CA GLU D 176 -17.04 -1.70 -8.29
C GLU D 176 -16.46 -2.58 -9.40
N GLN D 177 -16.60 -2.16 -10.66
CA GLN D 177 -16.04 -2.94 -11.76
C GLN D 177 -14.53 -3.01 -11.64
N CYS D 178 -13.91 -1.90 -11.30
CA CYS D 178 -12.46 -1.90 -11.10
C CYS D 178 -12.07 -2.82 -9.94
N ALA D 179 -12.90 -2.87 -8.88
CA ALA D 179 -12.59 -3.74 -7.74
C ALA D 179 -12.67 -5.20 -8.16
N GLU D 180 -13.66 -5.53 -8.99
CA GLU D 180 -13.82 -6.91 -9.45
C GLU D 180 -12.60 -7.36 -10.26
N HIS D 181 -12.03 -6.47 -11.06
CA HIS D 181 -10.98 -6.85 -11.99
C HIS D 181 -9.57 -6.54 -11.51
N GLY D 182 -9.39 -6.05 -10.27
CA GLY D 182 -8.07 -5.66 -9.77
C GLY D 182 -7.49 -4.44 -10.45
N THR D 183 -8.35 -3.61 -11.05
CA THR D 183 -7.95 -2.46 -11.86
C THR D 183 -7.84 -1.19 -11.01
N VAL D 184 -6.86 -0.35 -11.33
CA VAL D 184 -6.76 0.96 -10.69
C VAL D 184 -7.73 1.91 -11.34
N LEU D 185 -8.51 2.61 -10.51
CA LEU D 185 -9.39 3.67 -10.97
C LEU D 185 -8.78 5.00 -10.54
N ALA D 186 -8.45 5.83 -11.53
CA ALA D 186 -7.75 7.09 -11.33
C ALA D 186 -8.67 8.21 -11.78
N LEU D 187 -8.78 9.26 -10.98
CA LEU D 187 -9.66 10.37 -11.30
C LEU D 187 -8.83 11.64 -11.29
N ASP D 188 -8.94 12.44 -12.35
CA ASP D 188 -8.42 13.82 -12.33
C ASP D 188 -9.61 14.77 -12.12
N THR D 189 -9.67 15.37 -10.91
CA THR D 189 -10.77 16.23 -10.45
C THR D 189 -10.36 17.71 -10.37
N SER D 190 -9.47 18.11 -11.25
CA SER D 190 -8.96 19.46 -11.32
C SER D 190 -10.08 20.51 -11.42
N PHE D 191 -11.13 20.22 -12.17
CA PHE D 191 -12.20 21.18 -12.36
C PHE D 191 -13.32 21.03 -11.36
N ARG D 192 -13.13 20.19 -10.33
CA ARG D 192 -14.19 19.94 -9.37
C ARG D 192 -14.83 21.22 -8.84
N GLY D 193 -14.03 22.24 -8.51
CA GLY D 193 -14.59 23.35 -7.77
C GLY D 193 -15.63 24.11 -8.55
N PHE D 194 -15.63 23.95 -9.88
CA PHE D 194 -16.50 24.73 -10.76
C PHE D 194 -17.91 24.18 -10.80
N ASP D 195 -18.09 22.88 -10.56
CA ASP D 195 -19.39 22.26 -10.80
C ASP D 195 -19.89 21.55 -9.54
N ALA D 196 -20.94 22.10 -8.95
CA ALA D 196 -21.50 21.49 -7.75
C ALA D 196 -21.89 20.02 -7.96
N ALA D 197 -22.18 19.61 -9.20
CA ALA D 197 -22.54 18.22 -9.44
C ALA D 197 -21.37 17.30 -9.11
N ALA D 198 -20.17 17.85 -9.03
CA ALA D 198 -18.99 17.07 -8.69
C ALA D 198 -18.65 17.20 -7.21
N HIS D 199 -19.51 17.82 -6.40
CA HIS D 199 -19.24 18.02 -4.98
C HIS D 199 -19.91 16.96 -4.10
N TYR D 200 -20.50 15.92 -4.66
CA TYR D 200 -20.79 14.74 -3.85
C TYR D 200 -19.47 14.07 -3.46
N ASP D 201 -19.45 13.46 -2.27
CA ASP D 201 -18.21 12.94 -1.68
C ASP D 201 -17.63 11.78 -2.49
N HIS D 202 -16.62 12.05 -3.33
CA HIS D 202 -16.02 10.97 -4.13
C HIS D 202 -15.30 9.93 -3.28
N TYR D 203 -14.67 10.38 -2.19
CA TYR D 203 -13.87 9.49 -1.36
C TYR D 203 -14.76 8.47 -0.69
N ALA D 204 -15.94 8.90 -0.24
CA ALA D 204 -16.88 7.99 0.36
C ALA D 204 -17.27 6.88 -0.62
N VAL D 205 -17.49 7.23 -1.89
CA VAL D 205 -17.86 6.23 -2.89
C VAL D 205 -16.68 5.28 -3.16
N LEU D 206 -15.49 5.84 -3.34
CA LEU D 206 -14.33 5.01 -3.66
C LEU D 206 -13.98 4.08 -2.50
N GLN D 207 -14.05 4.59 -1.26
CA GLN D 207 -13.71 3.78 -0.09
C GLN D 207 -14.76 2.71 0.15
N GLU D 208 -16.01 2.99 -0.17
CA GLU D 208 -17.01 1.94 -0.05
C GLU D 208 -16.85 0.90 -1.15
N ALA D 209 -16.53 1.30 -2.38
CA ALA D 209 -16.40 0.28 -3.41
C ALA D 209 -15.21 -0.61 -3.16
N GLY D 210 -14.14 -0.07 -2.57
CA GLY D 210 -12.98 -0.86 -2.24
C GLY D 210 -12.07 -1.18 -3.41
N CYS D 211 -12.15 -0.41 -4.48
CA CYS D 211 -11.20 -0.58 -5.57
C CYS D 211 -9.87 0.06 -5.22
N ARG D 212 -8.84 -0.32 -5.98
CA ARG D 212 -7.61 0.46 -5.93
C ARG D 212 -7.92 1.81 -6.56
N TRP D 213 -7.57 2.90 -5.89
CA TRP D 213 -7.94 4.20 -6.44
C TRP D 213 -6.87 5.26 -6.17
N VAL D 214 -6.92 6.27 -7.01
CA VAL D 214 -6.06 7.43 -6.91
C VAL D 214 -6.84 8.61 -7.48
N VAL D 215 -6.80 9.72 -6.74
CA VAL D 215 -7.43 10.97 -7.15
C VAL D 215 -6.35 12.03 -7.19
N ILE D 216 -6.33 12.80 -8.28
CA ILE D 216 -5.52 14.01 -8.35
C ILE D 216 -6.47 15.20 -8.31
N GLU D 217 -6.60 15.78 -7.12
CA GLU D 217 -7.18 17.11 -6.97
C GLU D 217 -6.16 18.16 -7.37
N ASP D 218 -6.67 19.37 -7.61
CA ASP D 218 -5.87 20.48 -8.10
C ASP D 218 -6.55 21.76 -7.67
N THR D 219 -5.80 22.67 -7.09
CA THR D 219 -6.32 23.98 -6.73
C THR D 219 -6.02 25.02 -7.80
N GLY D 220 -5.39 24.62 -8.91
CA GLY D 220 -4.77 25.60 -9.77
C GLY D 220 -5.67 26.31 -10.77
N LYS D 221 -6.85 25.78 -11.04
CA LYS D 221 -7.72 26.37 -12.06
C LYS D 221 -8.82 27.25 -11.48
N LEU D 222 -9.04 27.19 -10.17
CA LEU D 222 -10.15 27.90 -9.55
C LEU D 222 -9.87 29.38 -9.43
N TRP D 223 -8.69 29.75 -8.97
CA TRP D 223 -8.48 31.10 -8.52
C TRP D 223 -7.30 31.76 -9.24
N PRO D 224 -7.30 33.03 -9.38
CA PRO D 224 -6.18 33.67 -10.09
C PRO D 224 -4.98 33.83 -9.15
N THR D 225 -4.36 32.71 -8.82
CA THR D 225 -3.28 32.74 -7.84
C THR D 225 -1.91 32.75 -8.48
N LEU D 226 -1.79 33.18 -9.73
CA LEU D 226 -0.51 33.29 -10.39
C LEU D 226 0.24 31.95 -10.36
N ASP D 227 -0.48 30.87 -10.61
CA ASP D 227 0.08 29.52 -10.66
C ASP D 227 0.66 29.04 -9.33
N LEU D 228 0.34 29.74 -8.24
CA LEU D 228 0.60 29.22 -6.90
C LEU D 228 -0.55 28.29 -6.57
N LYS D 229 -0.23 27.02 -6.38
CA LYS D 229 -1.25 25.97 -6.49
C LYS D 229 -0.69 24.69 -5.89
N ALA D 230 -1.55 23.70 -5.78
CA ALA D 230 -1.06 22.37 -5.48
C ALA D 230 -1.88 21.33 -6.22
N GLY D 231 -1.21 20.30 -6.75
CA GLY D 231 -1.89 19.04 -7.00
C GLY D 231 -1.91 18.21 -5.73
N LEU D 232 -3.05 17.60 -5.42
CA LEU D 232 -3.18 16.79 -4.22
C LEU D 232 -3.39 15.37 -4.69
N LEU D 233 -2.39 14.55 -4.44
CA LEU D 233 -2.36 13.17 -4.88
C LEU D 233 -2.84 12.31 -3.71
N VAL D 234 -3.99 11.69 -3.88
CA VAL D 234 -4.65 10.87 -2.87
C VAL D 234 -4.86 9.45 -3.40
N PHE D 235 -4.57 8.46 -2.57
CA PHE D 235 -4.66 7.08 -3.04
C PHE D 235 -5.07 6.16 -1.91
N SER D 236 -5.65 5.04 -2.33
CA SER D 236 -6.07 3.98 -1.45
C SER D 236 -4.87 3.31 -0.80
N GLU D 237 -5.07 2.80 0.41
CA GLU D 237 -4.01 2.08 1.09
C GLU D 237 -3.64 0.77 0.40
N ASP D 238 -4.46 0.25 -0.51
CA ASP D 238 -4.09 -0.93 -1.27
C ASP D 238 -3.66 -0.58 -2.69
N ILE D 239 -3.10 0.61 -2.89
CA ILE D 239 -2.93 1.10 -4.25
C ILE D 239 -2.02 0.17 -5.07
N GLY D 240 -0.98 -0.41 -4.45
CA GLY D 240 -0.18 -1.42 -5.13
C GLY D 240 0.67 -0.88 -6.26
N LEU D 241 1.00 0.39 -6.18
CA LEU D 241 1.86 1.14 -7.05
C LEU D 241 2.81 1.91 -6.17
N PRO D 242 4.04 2.12 -6.63
CA PRO D 242 5.05 2.77 -5.80
C PRO D 242 4.93 4.29 -5.74
N VAL D 243 3.71 4.80 -5.58
CA VAL D 243 3.48 6.24 -5.63
C VAL D 243 4.18 6.98 -4.47
N GLU D 244 4.17 6.41 -3.27
CA GLU D 244 4.79 7.12 -2.16
C GLU D 244 6.28 7.23 -2.37
N LYS D 245 6.91 6.13 -2.79
CA LYS D 245 8.31 6.18 -3.14
C LYS D 245 8.55 7.25 -4.21
N ILE D 246 7.85 7.14 -5.33
CA ILE D 246 8.16 8.00 -6.46
C ILE D 246 7.85 9.47 -6.12
N TYR D 247 6.78 9.73 -5.36
CA TYR D 247 6.53 11.08 -4.85
C TYR D 247 7.76 11.59 -4.09
N SER D 248 8.25 10.79 -3.14
CA SER D 248 9.40 11.15 -2.33
C SER D 248 10.64 11.39 -3.17
N ASP D 249 10.78 10.67 -4.30
CA ASP D 249 11.95 10.91 -5.14
C ASP D 249 11.89 12.30 -5.76
N ILE D 250 10.71 12.85 -5.93
CA ILE D 250 10.54 14.09 -6.66
C ILE D 250 10.42 15.30 -5.71
N LEU D 251 9.88 15.12 -4.49
CA LEU D 251 9.79 16.28 -3.58
C LEU D 251 9.46 15.85 -2.16
N LEU D 252 9.76 16.74 -1.18
CA LEU D 252 9.34 16.51 0.21
C LEU D 252 7.95 17.04 0.49
N GLY D 253 7.51 18.06 -0.22
CA GLY D 253 6.23 18.69 -0.03
C GLY D 253 6.26 20.03 -0.74
N VAL D 254 5.23 20.83 -0.47
CA VAL D 254 5.13 22.15 -1.06
C VAL D 254 5.23 23.23 -0.01
N SER D 255 5.43 24.45 -0.48
CA SER D 255 5.74 25.54 0.42
C SER D 255 4.61 25.71 1.42
N PRO D 256 4.92 25.91 2.71
CA PRO D 256 3.86 26.27 3.65
C PRO D 256 3.13 27.51 3.25
N LEU D 257 3.81 28.44 2.55
CA LEU D 257 3.15 29.69 2.19
C LEU D 257 2.04 29.43 1.16
N ILE D 258 2.33 28.56 0.18
CA ILE D 258 1.33 28.19 -0.82
C ILE D 258 0.18 27.46 -0.16
N LEU D 259 0.49 26.60 0.82
CA LEU D 259 -0.55 25.90 1.56
C LEU D 259 -1.40 26.86 2.40
N ALA D 260 -0.79 27.84 3.05
CA ALA D 260 -1.58 28.82 3.78
C ALA D 260 -2.46 29.59 2.81
N LEU D 261 -1.92 29.93 1.66
CA LEU D 261 -2.70 30.59 0.62
C LEU D 261 -3.90 29.74 0.20
N ILE D 262 -3.68 28.45 -0.05
CA ILE D 262 -4.79 27.56 -0.35
C ILE D 262 -5.77 27.56 0.80
N ARG D 263 -5.29 27.48 2.04
CA ARG D 263 -6.19 27.52 3.18
C ARG D 263 -7.04 28.78 3.12
N GLU D 264 -6.41 29.94 3.01
CA GLU D 264 -7.17 31.20 3.06
C GLU D 264 -8.11 31.33 1.86
N PHE D 265 -7.63 31.01 0.65
CA PHE D 265 -8.52 31.07 -0.50
C PHE D 265 -9.71 30.13 -0.35
N SER D 266 -9.49 28.95 0.24
CA SER D 266 -10.60 28.01 0.44
C SER D 266 -11.61 28.57 1.42
N ARG D 267 -11.15 29.15 2.52
CA ARG D 267 -12.07 29.67 3.53
C ARG D 267 -12.87 30.83 2.96
N ASP D 268 -12.21 31.75 2.24
CA ASP D 268 -12.95 32.82 1.56
C ASP D 268 -13.97 32.25 0.60
N ALA D 269 -13.57 31.21 -0.15
CA ALA D 269 -14.51 30.56 -1.03
C ALA D 269 -15.70 30.02 -0.25
N ALA D 270 -15.44 29.47 0.94
CA ALA D 270 -16.49 28.94 1.80
C ALA D 270 -17.43 30.02 2.27
N ASP D 271 -16.92 31.23 2.40
CA ASP D 271 -17.59 32.37 2.96
C ASP D 271 -18.28 33.19 1.89
N GLY D 272 -18.72 32.52 0.83
CA GLY D 272 -19.42 33.13 -0.28
C GLY D 272 -18.61 33.17 -1.55
N GLY D 273 -17.28 33.07 -1.44
CA GLY D 273 -16.43 33.20 -2.62
C GLY D 273 -16.73 32.18 -3.70
N LEU D 274 -17.02 30.93 -3.29
CA LEU D 274 -17.30 29.89 -4.29
C LEU D 274 -18.60 30.16 -5.03
N ALA D 275 -19.63 30.65 -4.32
CA ALA D 275 -20.88 31.00 -4.98
C ALA D 275 -20.67 32.13 -5.99
N ASP D 276 -19.89 33.13 -5.62
CA ASP D 276 -19.57 34.21 -6.55
C ASP D 276 -18.86 33.68 -7.80
N LEU D 277 -17.87 32.81 -7.61
CA LEU D 277 -17.11 32.31 -8.75
C LEU D 277 -18.03 31.56 -9.72
N HIS D 278 -18.96 30.75 -9.19
CA HIS D 278 -19.90 30.07 -10.06
C HIS D 278 -20.74 31.06 -10.84
N ALA D 279 -21.21 32.11 -10.15
CA ALA D 279 -22.00 33.13 -10.83
C ALA D 279 -21.15 33.84 -11.90
N PHE D 280 -19.86 34.05 -11.60
CA PHE D 280 -18.98 34.72 -12.55
C PHE D 280 -18.77 33.87 -13.80
N ILE D 281 -18.48 32.58 -13.62
CA ILE D 281 -18.33 31.69 -14.76
C ILE D 281 -19.63 31.59 -15.55
N LEU D 282 -20.76 31.40 -14.84
CA LEU D 282 -22.04 31.34 -15.52
C LEU D 282 -22.26 32.59 -16.36
N HIS D 283 -21.94 33.76 -15.81
CA HIS D 283 -22.05 35.01 -16.57
C HIS D 283 -21.23 34.94 -17.86
N ASN D 284 -19.97 34.54 -17.75
CA ASN D 284 -19.07 34.56 -18.91
C ASN D 284 -19.45 33.50 -19.95
N ARG D 285 -19.92 32.34 -19.49
CA ARG D 285 -20.50 31.37 -20.41
C ARG D 285 -21.68 31.98 -21.16
N SER D 286 -22.48 32.79 -20.48
CA SER D 286 -23.64 33.39 -21.12
C SER D 286 -23.20 34.42 -22.14
N VAL D 287 -22.20 35.22 -21.79
CA VAL D 287 -21.64 36.16 -22.76
C VAL D 287 -21.27 35.42 -24.03
N VAL D 288 -20.58 34.28 -23.88
CA VAL D 288 -20.10 33.55 -25.06
C VAL D 288 -21.28 33.02 -25.84
N ARG D 289 -22.21 32.38 -25.15
CA ARG D 289 -23.31 31.75 -25.86
C ARG D 289 -24.23 32.77 -26.48
N ARG D 290 -24.47 33.90 -25.78
CA ARG D 290 -25.32 34.95 -26.33
C ARG D 290 -24.68 35.58 -27.57
N ALA D 291 -23.36 35.72 -27.56
CA ALA D 291 -22.71 36.42 -28.68
C ALA D 291 -22.71 35.56 -29.96
N LEU D 292 -22.69 34.24 -29.83
CA LEU D 292 -22.54 33.34 -30.96
C LEU D 292 -23.81 32.61 -31.37
N ALA D 293 -24.91 32.74 -30.61
CA ALA D 293 -26.03 31.82 -30.78
C ALA D 293 -26.76 32.06 -32.08
N GLY D 294 -26.77 33.28 -32.56
CA GLY D 294 -27.41 33.52 -33.84
C GLY D 294 -26.62 33.08 -35.07
N VAL D 295 -25.42 32.59 -34.95
CA VAL D 295 -24.55 32.51 -36.11
C VAL D 295 -24.72 31.15 -36.78
N GLU D 296 -24.82 31.15 -38.12
CA GLU D 296 -24.52 29.93 -38.91
C GLU D 296 -25.57 28.88 -38.57
N GLY D 297 -25.29 27.62 -38.17
CA GLY D 297 -24.06 26.86 -38.17
C GLY D 297 -23.25 26.69 -36.89
N VAL D 298 -23.49 27.53 -35.85
CA VAL D 298 -22.81 27.39 -34.57
C VAL D 298 -23.66 26.55 -33.64
N SER D 299 -23.01 25.78 -32.78
CA SER D 299 -23.72 25.01 -31.76
C SER D 299 -22.80 24.84 -30.57
N PHE D 300 -23.40 24.61 -29.41
CA PHE D 300 -22.59 24.37 -28.21
C PHE D 300 -22.78 22.94 -27.76
N PRO D 301 -21.78 22.08 -27.93
CA PRO D 301 -21.99 20.65 -27.68
C PRO D 301 -22.34 20.29 -26.24
N ASP D 302 -21.98 21.12 -25.26
CA ASP D 302 -22.04 20.78 -23.84
C ASP D 302 -22.93 21.78 -23.11
N PRO D 303 -24.22 21.78 -23.42
CA PRO D 303 -25.12 22.79 -22.82
C PRO D 303 -25.08 22.85 -21.30
N GLU D 304 -24.87 21.72 -20.60
CA GLU D 304 -24.86 21.69 -19.14
C GLU D 304 -23.49 21.90 -18.52
N SER D 305 -22.45 22.10 -19.31
CA SER D 305 -21.15 22.33 -18.71
C SER D 305 -21.18 23.53 -17.80
N ARG D 306 -20.54 23.40 -16.64
CA ARG D 306 -20.27 24.56 -15.80
C ARG D 306 -18.76 24.79 -15.65
N SER D 307 -17.95 24.12 -16.46
CA SER D 307 -16.51 24.33 -16.40
C SER D 307 -16.15 25.71 -16.91
N SER D 308 -14.94 26.13 -16.54
CA SER D 308 -14.28 27.35 -16.94
C SER D 308 -13.81 27.29 -18.34
N VAL D 309 -14.14 26.25 -19.10
CA VAL D 309 -13.80 26.22 -20.51
C VAL D 309 -15.01 25.70 -21.26
N GLU D 310 -15.15 26.20 -22.49
CA GLU D 310 -16.36 26.07 -23.29
C GLU D 310 -16.02 25.65 -24.72
N ARG D 311 -16.66 24.58 -25.19
CA ARG D 311 -16.58 24.13 -26.57
C ARG D 311 -17.62 24.83 -27.45
N VAL D 312 -17.20 25.19 -28.65
CA VAL D 312 -18.06 25.75 -29.68
C VAL D 312 -17.84 24.96 -30.96
N ALA D 313 -18.94 24.53 -31.59
CA ALA D 313 -18.92 23.70 -32.77
C ALA D 313 -19.40 24.48 -33.99
N PHE D 314 -18.86 24.17 -35.16
CA PHE D 314 -19.44 24.77 -36.36
C PHE D 314 -19.36 23.85 -37.56
N ALA D 315 -20.43 23.83 -38.34
CA ALA D 315 -20.46 23.01 -39.54
C ALA D 315 -19.79 23.75 -40.68
N GLY D 316 -19.32 22.99 -41.65
CA GLY D 316 -18.62 23.61 -42.76
C GLY D 316 -17.16 23.76 -42.44
N ARG D 317 -16.80 24.68 -41.55
CA ARG D 317 -15.40 25.00 -41.37
C ARG D 317 -14.77 24.31 -40.17
N THR D 318 -13.46 24.44 -40.14
CA THR D 318 -12.58 23.65 -39.32
C THR D 318 -12.14 24.47 -38.12
N GLY D 319 -12.05 23.81 -36.96
CA GLY D 319 -11.50 24.46 -35.78
C GLY D 319 -10.12 25.00 -36.05
N THR D 320 -9.33 24.23 -36.77
CA THR D 320 -8.04 24.73 -37.20
C THR D 320 -8.18 26.00 -38.03
N GLU D 321 -9.11 26.03 -38.99
CA GLU D 321 -9.23 27.20 -39.85
C GLU D 321 -9.70 28.42 -39.06
N VAL D 322 -10.63 28.21 -38.12
CA VAL D 322 -11.10 29.28 -37.25
C VAL D 322 -9.97 29.79 -36.37
N TRP D 323 -9.20 28.87 -35.80
CA TRP D 323 -8.08 29.27 -34.96
C TRP D 323 -7.09 30.11 -35.74
N GLU D 324 -6.75 29.69 -36.96
CA GLU D 324 -5.83 30.47 -37.79
C GLU D 324 -6.40 31.87 -38.07
N GLU D 325 -7.69 31.96 -38.36
CA GLU D 325 -8.26 33.26 -38.67
C GLU D 325 -8.34 34.14 -37.43
N LEU D 326 -8.71 33.55 -36.29
CA LEU D 326 -8.72 34.30 -35.03
C LEU D 326 -7.36 34.90 -34.72
N GLN D 327 -6.28 34.15 -34.98
CA GLN D 327 -4.93 34.62 -34.69
C GLN D 327 -4.59 35.86 -35.51
N ARG D 328 -5.03 35.91 -36.77
CA ARG D 328 -4.81 37.11 -37.57
C ARG D 328 -5.30 38.34 -36.85
N HIS D 329 -6.33 38.19 -36.02
CA HIS D 329 -6.89 39.29 -35.26
C HIS D 329 -6.38 39.31 -33.83
N HIS D 330 -5.39 38.47 -33.51
CA HIS D 330 -4.72 38.52 -32.20
C HIS D 330 -5.62 38.00 -31.10
N VAL D 331 -6.52 37.09 -31.46
CA VAL D 331 -7.33 36.33 -30.53
C VAL D 331 -6.82 34.89 -30.58
N PHE D 332 -6.53 34.32 -29.43
CA PHE D 332 -5.90 33.01 -29.36
C PHE D 332 -6.84 32.09 -28.60
N ALA D 333 -7.54 31.25 -29.33
CA ALA D 333 -8.29 30.18 -28.73
C ALA D 333 -7.57 28.88 -29.06
N LEU D 334 -8.23 27.74 -28.88
CA LEU D 334 -7.64 26.44 -29.14
C LEU D 334 -8.54 25.62 -30.05
N PRO D 335 -8.00 24.99 -31.09
CA PRO D 335 -8.80 23.97 -31.79
C PRO D 335 -8.91 22.71 -30.94
N CYS D 336 -9.93 21.92 -31.25
CA CYS D 336 -10.25 20.82 -30.37
C CYS D 336 -9.59 19.51 -30.80
N ARG D 337 -8.99 19.44 -32.00
CA ARG D 337 -8.37 18.19 -32.44
C ARG D 337 -7.42 17.61 -31.38
N GLN D 338 -6.61 18.47 -30.77
CA GLN D 338 -5.59 18.02 -29.82
C GLN D 338 -6.19 17.23 -28.66
N PHE D 339 -7.42 17.56 -28.24
CA PHE D 339 -8.00 16.87 -27.09
C PHE D 339 -8.51 15.49 -27.47
N HIS D 340 -8.73 15.26 -28.76
CA HIS D 340 -9.13 13.95 -29.27
C HIS D 340 -7.87 13.19 -29.65
N TRP D 341 -7.14 12.83 -28.58
CA TRP D 341 -5.79 12.29 -28.59
C TRP D 341 -5.67 10.95 -29.27
N ALA D 342 -6.77 10.29 -29.53
CA ALA D 342 -6.82 9.05 -30.26
C ALA D 342 -7.42 9.19 -31.65
N GLU D 343 -8.31 10.16 -31.85
CA GLU D 343 -9.08 10.26 -33.09
C GLU D 343 -9.31 11.73 -33.41
N PRO D 344 -8.26 12.42 -33.89
CA PRO D 344 -8.35 13.89 -33.97
C PRO D 344 -9.49 14.41 -34.81
N SER D 345 -9.91 13.69 -35.85
CA SER D 345 -10.97 14.19 -36.71
C SER D 345 -12.27 14.40 -35.94
N ASP D 346 -12.45 13.72 -34.79
CA ASP D 346 -13.60 13.97 -33.93
C ASP D 346 -13.66 15.42 -33.46
N GLY D 347 -12.51 16.06 -33.25
CA GLY D 347 -12.43 17.45 -32.87
C GLY D 347 -12.25 18.44 -34.00
N ASP D 348 -12.38 18.00 -35.26
CA ASP D 348 -12.10 18.87 -36.40
C ASP D 348 -13.01 20.10 -36.50
N HIS D 349 -14.20 20.10 -35.90
CA HIS D 349 -15.14 21.18 -36.14
C HIS D 349 -15.49 21.97 -34.87
N MET D 350 -14.56 22.01 -33.90
CA MET D 350 -14.75 22.70 -32.62
C MET D 350 -13.51 23.48 -32.25
N VAL D 351 -13.72 24.55 -31.47
CA VAL D 351 -12.65 25.26 -30.77
C VAL D 351 -13.05 25.30 -29.30
N ARG D 352 -12.06 25.51 -28.43
CA ARG D 352 -12.30 25.68 -27.00
C ARG D 352 -12.00 27.11 -26.57
N ILE D 353 -12.78 27.62 -25.63
CA ILE D 353 -12.69 29.01 -25.15
C ILE D 353 -12.56 28.99 -23.63
N ALA D 354 -11.55 29.66 -23.11
CA ALA D 354 -11.38 29.77 -21.66
C ALA D 354 -12.26 30.89 -21.10
N LEU D 355 -12.99 30.58 -20.06
CA LEU D 355 -13.88 31.55 -19.44
C LEU D 355 -13.35 32.16 -18.16
N SER D 356 -12.25 31.65 -17.59
CA SER D 356 -11.70 32.28 -16.39
C SER D 356 -10.91 33.51 -16.82
N ARG D 357 -11.66 34.58 -17.11
CA ARG D 357 -11.13 35.81 -17.69
C ARG D 357 -12.01 36.96 -17.22
N SER D 358 -11.43 38.14 -17.13
CA SER D 358 -12.22 39.35 -17.02
C SER D 358 -13.23 39.40 -18.15
N THR D 359 -14.46 39.80 -17.83
CA THR D 359 -15.57 39.68 -18.77
C THR D 359 -15.35 40.55 -20.02
N GLU D 360 -14.79 41.76 -19.86
CA GLU D 360 -14.60 42.63 -21.02
C GLU D 360 -13.63 42.03 -22.04
N PRO D 361 -12.41 41.64 -21.68
CA PRO D 361 -11.54 40.98 -22.66
C PRO D 361 -12.19 39.78 -23.31
N LEU D 362 -12.94 38.99 -22.55
CA LEU D 362 -13.58 37.81 -23.13
C LEU D 362 -14.60 38.23 -24.17
N GLU D 363 -15.42 39.21 -23.83
CA GLU D 363 -16.44 39.72 -24.74
C GLU D 363 -15.82 40.22 -26.03
N LYS D 364 -14.73 41.02 -25.93
CA LYS D 364 -14.01 41.42 -27.12
C LYS D 364 -13.53 40.21 -27.92
N SER D 365 -12.97 39.22 -27.24
CA SER D 365 -12.49 38.03 -27.94
C SER D 365 -13.59 37.39 -28.76
N VAL D 366 -14.77 37.22 -28.16
CA VAL D 366 -15.83 36.46 -28.82
C VAL D 366 -16.53 37.30 -29.86
N GLN D 367 -16.43 38.62 -29.77
CA GLN D 367 -16.94 39.45 -30.86
C GLN D 367 -16.09 39.30 -32.10
N VAL D 368 -14.77 39.22 -31.96
CA VAL D 368 -13.94 38.93 -33.13
C VAL D 368 -14.40 37.61 -33.73
N LEU D 369 -14.46 36.57 -32.90
CA LEU D 369 -14.90 35.27 -33.39
C LEU D 369 -16.21 35.40 -34.15
N ARG D 370 -17.20 36.09 -33.56
CA ARG D 370 -18.49 36.19 -34.22
C ARG D 370 -18.39 36.81 -35.61
N THR D 371 -17.53 37.83 -35.79
CA THR D 371 -17.46 38.47 -37.10
C THR D 371 -16.74 37.57 -38.11
N VAL D 372 -15.74 36.84 -37.65
CA VAL D 372 -15.05 35.83 -38.45
C VAL D 372 -16.04 34.81 -39.01
N LEU D 373 -16.86 34.23 -38.15
CA LEU D 373 -17.77 33.15 -38.58
C LEU D 373 -18.85 33.56 -39.62
C2 5DK E . -21.14 -17.77 8.14
C3 5DK E . -20.90 -16.79 9.08
C4 5DK E . -19.59 -16.50 9.48
C5 5DK E . -18.59 -17.25 8.86
C6 5DK E . -18.91 -18.22 7.93
CB 5DK E . -18.66 -14.04 12.78
O3 5DK E . -22.00 -16.11 9.60
O1P 5DK E . -15.34 -18.45 12.38
O2P 5DK E . -14.41 -17.86 10.14
O3P 5DK E . -15.21 -16.08 11.61
O4P 5DK E . -16.97 -17.58 10.50
N 5DK E . -20.18 -14.89 11.11
P 5DK E . -15.49 -17.51 11.19
C2A 5DK E . -22.61 -18.00 7.74
C4A 5DK E . -19.20 -15.43 10.53
C5A 5DK E . -17.13 -17.00 9.24
N1 5DK E . -20.16 -18.46 7.59
CA 5DK E . -19.73 -13.66 11.77
C 5DK E . -20.89 -12.97 12.49
O 5DK E . -22.08 -13.25 12.29
CG 5DK E . -17.49 -13.02 12.83
CD 5DK E . -16.18 -13.73 13.24
NE 5DK E . -16.07 -13.75 14.70
CZ 5DK E . -14.78 -14.03 15.35
NH1 5DK E . -13.71 -14.74 14.64
NH2 5DK E . -14.60 -13.66 16.54
OXT 5DK E . -20.72 -12.05 13.33
C2 5DK F . 20.73 18.52 -5.07
C3 5DK F . 20.16 18.43 -3.77
C4 5DK F . 18.77 18.44 -3.61
C5 5DK F . 18.01 18.55 -4.78
C6 5DK F . 18.64 18.63 -6.02
CB 5DK F . 17.06 18.57 0.34
O3 5DK F . 20.94 18.34 -2.61
O1P 5DK F . 13.74 19.18 -3.08
O2P 5DK F . 14.16 21.47 -3.96
O3P 5DK F . 13.72 19.46 -5.42
O4P 5DK F . 16.06 19.77 -4.20
N 5DK F . 18.89 18.39 -1.27
P 5DK F . 14.42 19.97 -4.17
C2A 5DK F . 22.24 18.50 -5.28
C4A 5DK F . 18.06 18.32 -2.22
C5A 5DK F . 16.49 18.54 -4.69
N1 5DK F . 19.96 18.62 -6.16
CA 5DK F . 18.35 17.82 -0.02
C 5DK F . 19.29 18.05 1.16
O 5DK F . 20.44 18.54 1.00
CG 5DK F . 15.81 17.65 0.40
CD 5DK F . 14.57 18.52 0.10
NE 5DK F . 14.60 19.68 0.99
CZ 5DK F . 13.40 20.51 1.11
NH1 5DK F . 12.47 20.63 -0.02
NH2 5DK F . 13.14 21.12 2.19
OXT 5DK F . 18.91 17.82 2.35
MG MG G . 17.94 5.88 -1.59
C2 5DK H . 7.68 -22.00 6.71
C3 5DK H . 7.43 -23.37 6.91
C4 5DK H . 6.12 -23.81 7.10
C5 5DK H . 5.07 -22.84 7.08
C6 5DK H . 5.40 -21.50 6.86
CB 5DK H . 5.31 -27.76 8.36
O3 5DK H . 8.48 -24.29 6.92
O1P 5DK H . 1.36 -25.25 8.64
O2P 5DK H . 1.62 -24.01 10.54
O3P 5DK H . 0.95 -23.14 8.44
O4P 5DK H . 3.35 -23.78 8.58
N 5DK H . 6.79 -26.07 7.39
P 5DK H . 1.86 -23.99 9.11
C2A 5DK H . 9.11 -21.49 6.49
C4A 5DK H . 5.77 -25.32 7.32
C5A 5DK H . 3.59 -23.26 7.27
N1 5DK H . 6.66 -21.13 6.69
CA 5DK H . 6.33 -27.46 7.26
C 5DK H . 7.53 -28.38 7.43
O 5DK H . 8.66 -27.89 7.46
CG 5DK H . 3.97 -28.28 7.76
CD 5DK H . 2.79 -27.87 8.67
NE 5DK H . 2.92 -28.55 9.96
CZ 5DK H . 1.73 -28.82 10.76
NH1 5DK H . 0.68 -27.81 10.91
NH2 5DK H . 1.60 -29.93 11.34
OXT 5DK H . 7.43 -29.63 7.55
C2 5DK I . -6.51 18.84 -16.16
C3 5DK I . -6.14 20.04 -16.76
C4 5DK I . -4.86 20.53 -16.54
C5 5DK I . -4.01 19.81 -15.69
C6 5DK I . -4.45 18.63 -15.12
CB 5DK I . -4.50 24.70 -18.10
O3 5DK I . -7.05 20.68 -17.59
O1P 5DK I . -1.34 23.15 -13.23
O2P 5DK I . -0.15 21.12 -13.98
O3P 5DK I . -0.43 22.88 -15.49
O4P 5DK I . -2.59 21.53 -14.86
N 5DK I . -5.42 22.46 -17.69
P 5DK I . -1.15 22.17 -14.40
C2A 5DK I . -7.91 18.29 -16.44
C4A 5DK I . -4.43 21.86 -17.20
C5A 5DK I . -2.58 20.25 -15.37
N1 5DK I . -5.67 18.17 -15.36
CA 5DK I . -4.95 23.36 -18.74
C 5DK I . -6.02 23.69 -19.76
O 5DK I . -7.17 23.21 -19.78
CG 5DK I . -3.18 24.56 -17.26
CD 5DK I . -1.92 24.90 -18.09
NE 5DK I . -1.70 26.34 -18.01
CZ 5DK I . -1.10 26.90 -16.80
NH1 5DK I . -1.28 28.33 -16.50
NH2 5DK I . -0.44 26.17 -16.03
OXT 5DK I . -5.79 24.48 -20.67
#